data_1CEW
# 
_entry.id   1CEW 
# 
_audit_conform.dict_name       mmcif_pdbx.dic 
_audit_conform.dict_version    5.397 
_audit_conform.dict_location   http://mmcif.pdb.org/dictionaries/ascii/mmcif_pdbx.dic 
# 
loop_
_database_2.database_id 
_database_2.database_code 
_database_2.pdbx_database_accession 
_database_2.pdbx_DOI 
PDB   1CEW         pdb_00001cew 10.2210/pdb1cew/pdb 
WWPDB D_1000172284 ?            ?                   
# 
loop_
_pdbx_audit_revision_history.ordinal 
_pdbx_audit_revision_history.data_content_type 
_pdbx_audit_revision_history.major_revision 
_pdbx_audit_revision_history.minor_revision 
_pdbx_audit_revision_history.revision_date 
1 'Structure model' 1 0 1994-01-31 
2 'Structure model' 1 1 2008-03-24 
3 'Structure model' 1 2 2011-07-13 
4 'Structure model' 1 3 2011-09-07 
5 'Structure model' 1 4 2024-06-05 
6 'Structure model' 1 5 2024-10-16 
# 
_pdbx_audit_revision_details.ordinal             1 
_pdbx_audit_revision_details.revision_ordinal    1 
_pdbx_audit_revision_details.data_content_type   'Structure model' 
_pdbx_audit_revision_details.provider            repository 
_pdbx_audit_revision_details.type                'Initial release' 
_pdbx_audit_revision_details.description         ? 
_pdbx_audit_revision_details.details             ? 
# 
loop_
_pdbx_audit_revision_group.ordinal 
_pdbx_audit_revision_group.revision_ordinal 
_pdbx_audit_revision_group.data_content_type 
_pdbx_audit_revision_group.group 
1 2 'Structure model' 'Version format compliance' 
2 3 'Structure model' 'Version format compliance' 
3 4 'Structure model' Other                       
4 5 'Structure model' 'Data collection'           
5 5 'Structure model' 'Database references'       
6 5 'Structure model' Other                       
7 6 'Structure model' 'Structure summary'         
# 
loop_
_pdbx_audit_revision_category.ordinal 
_pdbx_audit_revision_category.revision_ordinal 
_pdbx_audit_revision_category.data_content_type 
_pdbx_audit_revision_category.category 
1 5 'Structure model' chem_comp_atom            
2 5 'Structure model' chem_comp_bond            
3 5 'Structure model' database_2                
4 5 'Structure model' pdbx_database_status      
5 6 'Structure model' pdbx_entry_details        
6 6 'Structure model' pdbx_modification_feature 
# 
loop_
_pdbx_audit_revision_item.ordinal 
_pdbx_audit_revision_item.revision_ordinal 
_pdbx_audit_revision_item.data_content_type 
_pdbx_audit_revision_item.item 
1 5 'Structure model' '_database_2.pdbx_DOI'                
2 5 'Structure model' '_database_2.pdbx_database_accession' 
3 5 'Structure model' '_pdbx_database_status.process_site'  
# 
_pdbx_database_status.status_code                     REL 
_pdbx_database_status.entry_id                        1CEW 
_pdbx_database_status.recvd_initial_deposition_date   1993-04-21 
_pdbx_database_status.deposit_site                    ? 
_pdbx_database_status.process_site                    BNL 
_pdbx_database_status.SG_entry                        . 
_pdbx_database_status.status_code_sf                  ? 
_pdbx_database_status.status_code_mr                  ? 
_pdbx_database_status.status_code_cs                  ? 
_pdbx_database_status.pdb_format_compatible           Y 
_pdbx_database_status.status_code_nmr_data            ? 
_pdbx_database_status.methods_development_category    ? 
# 
loop_
_audit_author.name 
_audit_author.pdbx_ordinal 
'Bode, W.'  1 
'Musil, D.' 2 
'Huber, R.' 3 
# 
loop_
_citation.id 
_citation.title 
_citation.journal_abbrev 
_citation.journal_volume 
_citation.page_first 
_citation.page_last 
_citation.year 
_citation.journal_id_ASTM 
_citation.country 
_citation.journal_id_ISSN 
_citation.journal_id_CSD 
_citation.book_publisher 
_citation.pdbx_database_id_PubMed 
_citation.pdbx_database_id_DOI 
primary 
'The 2.0 A X-ray crystal structure of chicken egg white cystatin and its possible mode of interaction with cysteine proteinases.' 
'EMBO J.'              7   2593 2599 1988 EMJODG UK 0261-4189 0897 ? 3191914 ? 
1       
'Conformational Variability of Chicken Cystatin: Comparison of Structures Determined by X-Ray Diffraction and NMR-Spectroscopy' 
J.Mol.Biol.            234 1060 ?    1993 JMOBAK UK 0022-2836 0070 ? ?       ? 
2       'The Structures of Native Phosphorylated Chicken Cystatin and of a Recombinant Unphosphorylated Variant in Solution' 
J.Mol.Biol.            234 1048 ?    1993 JMOBAK UK 0022-2836 0070 ? ?       ? 
3       'The Cystatins: Protein Inhibitors of Cysteine Proteinases' 'FEBS Lett.'           285 213  ?    1991 FEBLAL NE 0014-5793 
0165 ? ?       ? 
4       
;Mechanism of Interaction of Cysteine Proteinases and Their Protein Inhibitors as Compared to the Serine Proteinase-Inhibitor Interaction
;
Biol.Chem.Hoppe-Seyler 371 111  ?    1990 BCHSEI GW 0177-3593 0858 ? ?       ? 
5       
;Mechanism of Inhibition of Papain by Chicken Egg White Cystatin: Inhibition Constants of N-Terminally Truncated Forms and Cyanogen Bromide Fragments of the Inhibitor
;
'FEBS Lett.'           243 234  ?    1989 FEBLAL NE 0014-5793 0165 ? ?       ? 
6       'The Cysteine Proteinase Inhibitor Chicken Cystatin is a Phophoprotein' 'FEBS Lett.'           248 162  ?    1989 FEBLAL 
NE 0014-5793 0165 ? ?       ? 
# 
loop_
_citation_author.citation_id 
_citation_author.name 
_citation_author.ordinal 
_citation_author.identifier_ORCID 
primary 'Bode, W.'              1  ? 
primary 'Engh, R.'              2  ? 
primary 'Musil, D.'             3  ? 
primary 'Thiele, U.'            4  ? 
primary 'Huber, R.'             5  ? 
primary 'Karshikov, A.'         6  ? 
primary 'Brzin, J.'             7  ? 
primary 'Kos, J.'               8  ? 
primary 'Turk, V.'              9  ? 
1       'Engh, R.A.'            10 ? 
1       'Dieckmann, T.'         11 ? 
1       'Bode, W.'              12 ? 
1       'Auerswald, E.A.'       13 ? 
1       'Turk, V.'              14 ? 
1       'Huber, R.'             15 ? 
1       'Oschkinat, H.'         16 ? 
2       'Dieckmann, T.'         17 ? 
2       'Mitschang, L.'         18 ? 
2       'Hofmann, M.'           19 ? 
2       'Kos, J.'               20 ? 
2       'Turk, V.'              21 ? 
2       'Auerswald, E.A.'       22 ? 
2       'Jaenicke, R.'          23 ? 
2       'Oschkinat, H.'         24 ? 
3       'Turk, V.'              25 ? 
3       'Bode, W.'              26 ? 
4       'Bode, W.'              27 ? 
4       'Engh, R.'              28 ? 
4       'Musil, D.'             29 ? 
4       'Laber, B.'             30 ? 
4       'Stubbs, M.'            31 ? 
4       'Huber, R.'             32 ? 
4       'Turk, V.'              33 ? 
5       'Machleidt, W.'         34 ? 
5       'Thiele, U.'            35 ? 
5       'Laber, B.'             36 ? 
5       'Assfalg-Machleidt, I.' 37 ? 
5       'Esterl, A.'            38 ? 
5       'Wiegand, G.'           39 ? 
5       'Kos, J.'               40 ? 
5       'Turk, V.'              41 ? 
5       'Bode, W.'              42 ? 
6       'Laber, B.'             43 ? 
6       'Krieglstein, K.'       44 ? 
6       'Henschen, A.'          45 ? 
6       'Kos, J.'               46 ? 
6       'Turk, V.'              47 ? 
6       'Huber, R.'             48 ? 
6       'Bode, W.'              49 ? 
# 
loop_
_entity.id 
_entity.type 
_entity.src_method 
_entity.pdbx_description 
_entity.formula_weight 
_entity.pdbx_number_of_molecules 
_entity.pdbx_ec 
_entity.pdbx_mutation 
_entity.pdbx_fragment 
_entity.details 
1 polymer man CYSTATIN 12204.868 1   ? ? ? ? 
2 water   nat water    18.015    123 ? ? ? ? 
# 
_entity_poly.entity_id                      1 
_entity_poly.type                           'polypeptide(L)' 
_entity_poly.nstd_linkage                   no 
_entity_poly.nstd_monomer                   no 
_entity_poly.pdbx_seq_one_letter_code       
;GAPVPVDENDEGLQRALQFAMAEYNRASNDKYSSRVVRVISAKRQLVSGIKYILQVEIGRTTCPKSSGDLQSCEFHDEPE
MAKYTTCTFVVYSIPWLNQIKLLESKCQ
;
_entity_poly.pdbx_seq_one_letter_code_can   
;GAPVPVDENDEGLQRALQFAMAEYNRASNDKYSSRVVRVISAKRQLVSGIKYILQVEIGRTTCPKSSGDLQSCEFHDEPE
MAKYTTCTFVVYSIPWLNQIKLLESKCQ
;
_entity_poly.pdbx_strand_id                 I 
_entity_poly.pdbx_target_identifier         ? 
# 
_pdbx_entity_nonpoly.entity_id   2 
_pdbx_entity_nonpoly.name        water 
_pdbx_entity_nonpoly.comp_id     HOH 
# 
loop_
_entity_poly_seq.entity_id 
_entity_poly_seq.num 
_entity_poly_seq.mon_id 
_entity_poly_seq.hetero 
1 1   GLY n 
1 2   ALA n 
1 3   PRO n 
1 4   VAL n 
1 5   PRO n 
1 6   VAL n 
1 7   ASP n 
1 8   GLU n 
1 9   ASN n 
1 10  ASP n 
1 11  GLU n 
1 12  GLY n 
1 13  LEU n 
1 14  GLN n 
1 15  ARG n 
1 16  ALA n 
1 17  LEU n 
1 18  GLN n 
1 19  PHE n 
1 20  ALA n 
1 21  MET n 
1 22  ALA n 
1 23  GLU n 
1 24  TYR n 
1 25  ASN n 
1 26  ARG n 
1 27  ALA n 
1 28  SER n 
1 29  ASN n 
1 30  ASP n 
1 31  LYS n 
1 32  TYR n 
1 33  SER n 
1 34  SER n 
1 35  ARG n 
1 36  VAL n 
1 37  VAL n 
1 38  ARG n 
1 39  VAL n 
1 40  ILE n 
1 41  SER n 
1 42  ALA n 
1 43  LYS n 
1 44  ARG n 
1 45  GLN n 
1 46  LEU n 
1 47  VAL n 
1 48  SER n 
1 49  GLY n 
1 50  ILE n 
1 51  LYS n 
1 52  TYR n 
1 53  ILE n 
1 54  LEU n 
1 55  GLN n 
1 56  VAL n 
1 57  GLU n 
1 58  ILE n 
1 59  GLY n 
1 60  ARG n 
1 61  THR n 
1 62  THR n 
1 63  CYS n 
1 64  PRO n 
1 65  LYS n 
1 66  SER n 
1 67  SER n 
1 68  GLY n 
1 69  ASP n 
1 70  LEU n 
1 71  GLN n 
1 72  SER n 
1 73  CYS n 
1 74  GLU n 
1 75  PHE n 
1 76  HIS n 
1 77  ASP n 
1 78  GLU n 
1 79  PRO n 
1 80  GLU n 
1 81  MET n 
1 82  ALA n 
1 83  LYS n 
1 84  TYR n 
1 85  THR n 
1 86  THR n 
1 87  CYS n 
1 88  THR n 
1 89  PHE n 
1 90  VAL n 
1 91  VAL n 
1 92  TYR n 
1 93  SER n 
1 94  ILE n 
1 95  PRO n 
1 96  TRP n 
1 97  LEU n 
1 98  ASN n 
1 99  GLN n 
1 100 ILE n 
1 101 LYS n 
1 102 LEU n 
1 103 LEU n 
1 104 GLU n 
1 105 SER n 
1 106 LYS n 
1 107 CYS n 
1 108 GLN n 
# 
_entity_src_gen.entity_id                          1 
_entity_src_gen.pdbx_src_id                        1 
_entity_src_gen.pdbx_alt_source_flag               sample 
_entity_src_gen.pdbx_seq_type                      ? 
_entity_src_gen.pdbx_beg_seq_num                   ? 
_entity_src_gen.pdbx_end_seq_num                   ? 
_entity_src_gen.gene_src_common_name               chicken 
_entity_src_gen.gene_src_genus                     Gallus 
_entity_src_gen.pdbx_gene_src_gene                 ? 
_entity_src_gen.gene_src_species                   ? 
_entity_src_gen.gene_src_strain                    ? 
_entity_src_gen.gene_src_tissue                    ? 
_entity_src_gen.gene_src_tissue_fraction           ? 
_entity_src_gen.gene_src_details                   ? 
_entity_src_gen.pdbx_gene_src_fragment             ? 
_entity_src_gen.pdbx_gene_src_scientific_name      'Gallus gallus' 
_entity_src_gen.pdbx_gene_src_ncbi_taxonomy_id     9031 
_entity_src_gen.pdbx_gene_src_variant              ? 
_entity_src_gen.pdbx_gene_src_cell_line            ? 
_entity_src_gen.pdbx_gene_src_atcc                 ? 
_entity_src_gen.pdbx_gene_src_organ                EGG 
_entity_src_gen.pdbx_gene_src_organelle            ? 
_entity_src_gen.pdbx_gene_src_cell                 ? 
_entity_src_gen.pdbx_gene_src_cellular_location    ? 
_entity_src_gen.host_org_common_name               ? 
_entity_src_gen.pdbx_host_org_scientific_name      ? 
_entity_src_gen.pdbx_host_org_ncbi_taxonomy_id     ? 
_entity_src_gen.host_org_genus                     ? 
_entity_src_gen.pdbx_host_org_gene                 ? 
_entity_src_gen.pdbx_host_org_organ                ? 
_entity_src_gen.host_org_species                   ? 
_entity_src_gen.pdbx_host_org_tissue               ? 
_entity_src_gen.pdbx_host_org_tissue_fraction      ? 
_entity_src_gen.pdbx_host_org_strain               ? 
_entity_src_gen.pdbx_host_org_variant              ? 
_entity_src_gen.pdbx_host_org_cell_line            ? 
_entity_src_gen.pdbx_host_org_atcc                 ? 
_entity_src_gen.pdbx_host_org_culture_collection   ? 
_entity_src_gen.pdbx_host_org_cell                 ? 
_entity_src_gen.pdbx_host_org_organelle            ? 
_entity_src_gen.pdbx_host_org_cellular_location    ? 
_entity_src_gen.pdbx_host_org_vector_type          ? 
_entity_src_gen.pdbx_host_org_vector               ? 
_entity_src_gen.host_org_details                   ? 
_entity_src_gen.expression_system_id               ? 
_entity_src_gen.plasmid_name                       ? 
_entity_src_gen.plasmid_details                    ? 
_entity_src_gen.pdbx_description                   ? 
# 
loop_
_chem_comp.id 
_chem_comp.type 
_chem_comp.mon_nstd_flag 
_chem_comp.name 
_chem_comp.pdbx_synonyms 
_chem_comp.formula 
_chem_comp.formula_weight 
ALA 'L-peptide linking' y ALANINE         ? 'C3 H7 N O2'     89.093  
ARG 'L-peptide linking' y ARGININE        ? 'C6 H15 N4 O2 1' 175.209 
ASN 'L-peptide linking' y ASPARAGINE      ? 'C4 H8 N2 O3'    132.118 
ASP 'L-peptide linking' y 'ASPARTIC ACID' ? 'C4 H7 N O4'     133.103 
CYS 'L-peptide linking' y CYSTEINE        ? 'C3 H7 N O2 S'   121.158 
GLN 'L-peptide linking' y GLUTAMINE       ? 'C5 H10 N2 O3'   146.144 
GLU 'L-peptide linking' y 'GLUTAMIC ACID' ? 'C5 H9 N O4'     147.129 
GLY 'peptide linking'   y GLYCINE         ? 'C2 H5 N O2'     75.067  
HIS 'L-peptide linking' y HISTIDINE       ? 'C6 H10 N3 O2 1' 156.162 
HOH non-polymer         . WATER           ? 'H2 O'           18.015  
ILE 'L-peptide linking' y ISOLEUCINE      ? 'C6 H13 N O2'    131.173 
LEU 'L-peptide linking' y LEUCINE         ? 'C6 H13 N O2'    131.173 
LYS 'L-peptide linking' y LYSINE          ? 'C6 H15 N2 O2 1' 147.195 
MET 'L-peptide linking' y METHIONINE      ? 'C5 H11 N O2 S'  149.211 
PHE 'L-peptide linking' y PHENYLALANINE   ? 'C9 H11 N O2'    165.189 
PRO 'L-peptide linking' y PROLINE         ? 'C5 H9 N O2'     115.130 
SER 'L-peptide linking' y SERINE          ? 'C3 H7 N O3'     105.093 
THR 'L-peptide linking' y THREONINE       ? 'C4 H9 N O3'     119.119 
TRP 'L-peptide linking' y TRYPTOPHAN      ? 'C11 H12 N2 O2'  204.225 
TYR 'L-peptide linking' y TYROSINE        ? 'C9 H11 N O3'    181.189 
VAL 'L-peptide linking' y VALINE          ? 'C5 H11 N O2'    117.146 
# 
loop_
_pdbx_poly_seq_scheme.asym_id 
_pdbx_poly_seq_scheme.entity_id 
_pdbx_poly_seq_scheme.seq_id 
_pdbx_poly_seq_scheme.mon_id 
_pdbx_poly_seq_scheme.ndb_seq_num 
_pdbx_poly_seq_scheme.pdb_seq_num 
_pdbx_poly_seq_scheme.auth_seq_num 
_pdbx_poly_seq_scheme.pdb_mon_id 
_pdbx_poly_seq_scheme.auth_mon_id 
_pdbx_poly_seq_scheme.pdb_strand_id 
_pdbx_poly_seq_scheme.pdb_ins_code 
_pdbx_poly_seq_scheme.hetero 
A 1 1   GLY 1   9   9   GLY GLY I . n 
A 1 2   ALA 2   10  10  ALA ALA I . n 
A 1 3   PRO 3   11  11  PRO PRO I . n 
A 1 4   VAL 4   12  12  VAL VAL I . n 
A 1 5   PRO 5   13  13  PRO PRO I . n 
A 1 6   VAL 6   14  14  VAL VAL I . n 
A 1 7   ASP 7   15  15  ASP ASP I . n 
A 1 8   GLU 8   16  16  GLU GLU I . n 
A 1 9   ASN 9   17  17  ASN ASN I . n 
A 1 10  ASP 10  18  18  ASP ASP I . n 
A 1 11  GLU 11  19  19  GLU GLU I . n 
A 1 12  GLY 12  20  20  GLY GLY I . n 
A 1 13  LEU 13  21  21  LEU LEU I . n 
A 1 14  GLN 14  22  22  GLN GLN I . n 
A 1 15  ARG 15  23  23  ARG ARG I . n 
A 1 16  ALA 16  24  24  ALA ALA I . n 
A 1 17  LEU 17  25  25  LEU LEU I . n 
A 1 18  GLN 18  26  26  GLN GLN I . n 
A 1 19  PHE 19  27  27  PHE PHE I . n 
A 1 20  ALA 20  28  28  ALA ALA I . n 
A 1 21  MET 21  29  29  MET MET I . n 
A 1 22  ALA 22  30  30  ALA ALA I . n 
A 1 23  GLU 23  31  31  GLU GLU I . n 
A 1 24  TYR 24  32  32  TYR TYR I . n 
A 1 25  ASN 25  33  33  ASN ASN I . n 
A 1 26  ARG 26  34  34  ARG ARG I . n 
A 1 27  ALA 27  35  35  ALA ALA I . n 
A 1 28  SER 28  36  36  SER SER I . n 
A 1 29  ASN 29  37  37  ASN ASN I . n 
A 1 30  ASP 30  38  38  ASP ASP I . n 
A 1 31  LYS 31  39  39  LYS LYS I . n 
A 1 32  TYR 32  40  40  TYR TYR I . n 
A 1 33  SER 33  41  41  SER SER I . n 
A 1 34  SER 34  42  42  SER SER I . n 
A 1 35  ARG 35  43  43  ARG ARG I . n 
A 1 36  VAL 36  44  44  VAL VAL I . n 
A 1 37  VAL 37  45  45  VAL VAL I . n 
A 1 38  ARG 38  46  46  ARG ARG I . n 
A 1 39  VAL 39  47  47  VAL VAL I . n 
A 1 40  ILE 40  48  48  ILE ILE I . n 
A 1 41  SER 41  49  49  SER SER I . n 
A 1 42  ALA 42  50  50  ALA ALA I . n 
A 1 43  LYS 43  51  51  LYS LYS I . n 
A 1 44  ARG 44  52  52  ARG ARG I . n 
A 1 45  GLN 45  53  53  GLN GLN I . n 
A 1 46  LEU 46  54  54  LEU LEU I . n 
A 1 47  VAL 47  55  55  VAL VAL I . n 
A 1 48  SER 48  56  56  SER SER I . n 
A 1 49  GLY 49  57  57  GLY GLY I . n 
A 1 50  ILE 50  58  58  ILE ILE I . n 
A 1 51  LYS 51  59  59  LYS LYS I . n 
A 1 52  TYR 52  60  60  TYR TYR I . n 
A 1 53  ILE 53  61  61  ILE ILE I . n 
A 1 54  LEU 54  62  62  LEU LEU I . n 
A 1 55  GLN 55  63  63  GLN GLN I . n 
A 1 56  VAL 56  64  64  VAL VAL I . n 
A 1 57  GLU 57  65  65  GLU GLU I . n 
A 1 58  ILE 58  66  66  ILE ILE I . n 
A 1 59  GLY 59  67  67  GLY GLY I . n 
A 1 60  ARG 60  68  68  ARG ARG I . n 
A 1 61  THR 61  69  69  THR THR I . n 
A 1 62  THR 62  70  70  THR THR I . n 
A 1 63  CYS 63  71  71  CYS CYS I . n 
A 1 64  PRO 64  72  72  PRO PRO I . n 
A 1 65  LYS 65  73  73  LYS LYS I . n 
A 1 66  SER 66  74  74  SER SER I . n 
A 1 67  SER 67  75  75  SER SER I . n 
A 1 68  GLY 68  76  76  GLY GLY I . n 
A 1 69  ASP 69  77  77  ASP ASP I . n 
A 1 70  LEU 70  78  78  LEU LEU I . n 
A 1 71  GLN 71  79  79  GLN GLN I . n 
A 1 72  SER 72  80  80  SER SER I . n 
A 1 73  CYS 73  81  81  CYS CYS I . n 
A 1 74  GLU 74  82  82  GLU GLU I . n 
A 1 75  PHE 75  83  83  PHE PHE I . n 
A 1 76  HIS 76  84  84  HIS HIS I . n 
A 1 77  ASP 77  85  85  ASP ASP I . n 
A 1 78  GLU 78  86  86  GLU GLU I . n 
A 1 79  PRO 79  87  87  PRO PRO I . n 
A 1 80  GLU 80  88  88  GLU GLU I . n 
A 1 81  MET 81  89  89  MET MET I . n 
A 1 82  ALA 82  90  90  ALA ALA I . n 
A 1 83  LYS 83  91  91  LYS LYS I . n 
A 1 84  TYR 84  92  92  TYR TYR I . n 
A 1 85  THR 85  93  93  THR THR I . n 
A 1 86  THR 86  94  94  THR THR I . n 
A 1 87  CYS 87  95  95  CYS CYS I . n 
A 1 88  THR 88  96  96  THR THR I . n 
A 1 89  PHE 89  97  97  PHE PHE I . n 
A 1 90  VAL 90  98  98  VAL VAL I . n 
A 1 91  VAL 91  99  99  VAL VAL I . n 
A 1 92  TYR 92  100 100 TYR TYR I . n 
A 1 93  SER 93  101 101 SER SER I . n 
A 1 94  ILE 94  102 102 ILE ILE I . n 
A 1 95  PRO 95  103 103 PRO PRO I . n 
A 1 96  TRP 96  104 104 TRP TRP I . n 
A 1 97  LEU 97  105 105 LEU LEU I . n 
A 1 98  ASN 98  106 106 ASN ASN I . n 
A 1 99  GLN 99  107 107 GLN GLN I . n 
A 1 100 ILE 100 108 108 ILE ILE I . n 
A 1 101 LYS 101 109 109 LYS LYS I . n 
A 1 102 LEU 102 110 110 LEU LEU I . n 
A 1 103 LEU 103 111 111 LEU LEU I . n 
A 1 104 GLU 104 112 112 GLU GLU I . n 
A 1 105 SER 105 113 113 SER SER I . n 
A 1 106 LYS 106 114 114 LYS LYS I . n 
A 1 107 CYS 107 115 115 CYS CYS I . n 
A 1 108 GLN 108 116 116 GLN GLN I . n 
# 
loop_
_pdbx_nonpoly_scheme.asym_id 
_pdbx_nonpoly_scheme.entity_id 
_pdbx_nonpoly_scheme.mon_id 
_pdbx_nonpoly_scheme.ndb_seq_num 
_pdbx_nonpoly_scheme.pdb_seq_num 
_pdbx_nonpoly_scheme.auth_seq_num 
_pdbx_nonpoly_scheme.pdb_mon_id 
_pdbx_nonpoly_scheme.auth_mon_id 
_pdbx_nonpoly_scheme.pdb_strand_id 
_pdbx_nonpoly_scheme.pdb_ins_code 
B 2 HOH 1   1000 1000 HOH HOH I . 
B 2 HOH 2   1001 1001 HOH HOH I . 
B 2 HOH 3   1002 1002 HOH HOH I . 
B 2 HOH 4   1003 1003 HOH HOH I . 
B 2 HOH 5   1004 1004 HOH HOH I . 
B 2 HOH 6   1005 1005 HOH HOH I . 
B 2 HOH 7   1006 1006 HOH HOH I . 
B 2 HOH 8   1007 1007 HOH HOH I . 
B 2 HOH 9   1008 1008 HOH HOH I . 
B 2 HOH 10  1009 1009 HOH HOH I . 
B 2 HOH 11  1010 1010 HOH HOH I . 
B 2 HOH 12  1011 1011 HOH HOH I . 
B 2 HOH 13  1012 1012 HOH HOH I . 
B 2 HOH 14  1013 1013 HOH HOH I . 
B 2 HOH 15  1014 1014 HOH HOH I . 
B 2 HOH 16  1015 1015 HOH HOH I . 
B 2 HOH 17  1016 1016 HOH HOH I . 
B 2 HOH 18  1017 1017 HOH HOH I . 
B 2 HOH 19  1018 1018 HOH HOH I . 
B 2 HOH 20  1019 1019 HOH HOH I . 
B 2 HOH 21  1020 1020 HOH HOH I . 
B 2 HOH 22  1021 1021 HOH HOH I . 
B 2 HOH 23  1022 1022 HOH HOH I . 
B 2 HOH 24  1023 1023 HOH HOH I . 
B 2 HOH 25  1024 1024 HOH HOH I . 
B 2 HOH 26  1025 1025 HOH HOH I . 
B 2 HOH 27  1026 1026 HOH HOH I . 
B 2 HOH 28  1027 1027 HOH HOH I . 
B 2 HOH 29  1028 1028 HOH HOH I . 
B 2 HOH 30  1029 1029 HOH HOH I . 
B 2 HOH 31  1030 1030 HOH HOH I . 
B 2 HOH 32  1031 1031 HOH HOH I . 
B 2 HOH 33  1032 1032 HOH HOH I . 
B 2 HOH 34  1033 1033 HOH HOH I . 
B 2 HOH 35  1034 1034 HOH HOH I . 
B 2 HOH 36  1035 1035 HOH HOH I . 
B 2 HOH 37  1036 1036 HOH HOH I . 
B 2 HOH 38  1037 1037 HOH HOH I . 
B 2 HOH 39  1038 1038 HOH HOH I . 
B 2 HOH 40  1039 1039 HOH HOH I . 
B 2 HOH 41  1040 1040 HOH HOH I . 
B 2 HOH 42  1041 1041 HOH HOH I . 
B 2 HOH 43  1042 1042 HOH HOH I . 
B 2 HOH 44  1043 1043 HOH HOH I . 
B 2 HOH 45  1044 1044 HOH HOH I . 
B 2 HOH 46  1045 1045 HOH HOH I . 
B 2 HOH 47  1046 1046 HOH HOH I . 
B 2 HOH 48  1047 1047 HOH HOH I . 
B 2 HOH 49  1048 1048 HOH HOH I . 
B 2 HOH 50  1049 1049 HOH HOH I . 
B 2 HOH 51  1050 1050 HOH HOH I . 
B 2 HOH 52  1051 1051 HOH HOH I . 
B 2 HOH 53  1052 1052 HOH HOH I . 
B 2 HOH 54  1053 1053 HOH HOH I . 
B 2 HOH 55  1054 1054 HOH HOH I . 
B 2 HOH 56  1055 1055 HOH HOH I . 
B 2 HOH 57  1056 1056 HOH HOH I . 
B 2 HOH 58  1057 1057 HOH HOH I . 
B 2 HOH 59  1058 1058 HOH HOH I . 
B 2 HOH 60  1059 1059 HOH HOH I . 
B 2 HOH 61  1060 1060 HOH HOH I . 
B 2 HOH 62  1061 1061 HOH HOH I . 
B 2 HOH 63  1062 1062 HOH HOH I . 
B 2 HOH 64  1063 1063 HOH HOH I . 
B 2 HOH 65  1064 1064 HOH HOH I . 
B 2 HOH 66  1065 1065 HOH HOH I . 
B 2 HOH 67  1066 1066 HOH HOH I . 
B 2 HOH 68  1067 1067 HOH HOH I . 
B 2 HOH 69  1068 1068 HOH HOH I . 
B 2 HOH 70  1069 1069 HOH HOH I . 
B 2 HOH 71  1070 1070 HOH HOH I . 
B 2 HOH 72  1071 1071 HOH HOH I . 
B 2 HOH 73  1072 1072 HOH HOH I . 
B 2 HOH 74  1073 1073 HOH HOH I . 
B 2 HOH 75  1074 1074 HOH HOH I . 
B 2 HOH 76  1075 1075 HOH HOH I . 
B 2 HOH 77  1076 1076 HOH HOH I . 
B 2 HOH 78  1077 1077 HOH HOH I . 
B 2 HOH 79  1078 1078 HOH HOH I . 
B 2 HOH 80  1079 1079 HOH HOH I . 
B 2 HOH 81  1080 1080 HOH HOH I . 
B 2 HOH 82  1081 1081 HOH HOH I . 
B 2 HOH 83  1082 1082 HOH HOH I . 
B 2 HOH 84  1083 1083 HOH HOH I . 
B 2 HOH 85  1084 1084 HOH HOH I . 
B 2 HOH 86  1085 1085 HOH HOH I . 
B 2 HOH 87  1086 1086 HOH HOH I . 
B 2 HOH 88  1087 1087 HOH HOH I . 
B 2 HOH 89  1088 1088 HOH HOH I . 
B 2 HOH 90  1089 1089 HOH HOH I . 
B 2 HOH 91  1090 1090 HOH HOH I . 
B 2 HOH 92  1091 1091 HOH HOH I . 
B 2 HOH 93  1092 1092 HOH HOH I . 
B 2 HOH 94  1093 1093 HOH HOH I . 
B 2 HOH 95  1094 1094 HOH HOH I . 
B 2 HOH 96  1095 1095 HOH HOH I . 
B 2 HOH 97  1096 1096 HOH HOH I . 
B 2 HOH 98  1097 1097 HOH HOH I . 
B 2 HOH 99  1098 1098 HOH HOH I . 
B 2 HOH 100 1099 1099 HOH HOH I . 
B 2 HOH 101 1100 1100 HOH HOH I . 
B 2 HOH 102 1101 1101 HOH HOH I . 
B 2 HOH 103 1102 1102 HOH HOH I . 
B 2 HOH 104 1103 1103 HOH HOH I . 
B 2 HOH 105 1104 1104 HOH HOH I . 
B 2 HOH 106 1105 1105 HOH HOH I . 
B 2 HOH 107 1106 1106 HOH HOH I . 
B 2 HOH 108 1107 1107 HOH HOH I . 
B 2 HOH 109 1108 1108 HOH HOH I . 
B 2 HOH 110 1109 1109 HOH HOH I . 
B 2 HOH 111 1110 1110 HOH HOH I . 
B 2 HOH 112 1111 1111 HOH HOH I . 
B 2 HOH 113 1112 1112 HOH HOH I . 
B 2 HOH 114 1113 1113 HOH HOH I . 
B 2 HOH 115 1114 1114 HOH HOH I . 
B 2 HOH 116 1115 1115 HOH HOH I . 
B 2 HOH 117 1116 1116 HOH HOH I . 
B 2 HOH 118 1117 1117 HOH HOH I . 
B 2 HOH 119 1118 1118 HOH HOH I . 
B 2 HOH 120 1119 1119 HOH HOH I . 
B 2 HOH 121 1120 1120 HOH HOH I . 
B 2 HOH 122 1121 1121 HOH HOH I . 
B 2 HOH 123 1122 1122 HOH HOH I . 
# 
loop_
_pdbx_unobs_or_zero_occ_atoms.id 
_pdbx_unobs_or_zero_occ_atoms.PDB_model_num 
_pdbx_unobs_or_zero_occ_atoms.polymer_flag 
_pdbx_unobs_or_zero_occ_atoms.occupancy_flag 
_pdbx_unobs_or_zero_occ_atoms.auth_asym_id 
_pdbx_unobs_or_zero_occ_atoms.auth_comp_id 
_pdbx_unobs_or_zero_occ_atoms.auth_seq_id 
_pdbx_unobs_or_zero_occ_atoms.PDB_ins_code 
_pdbx_unobs_or_zero_occ_atoms.auth_atom_id 
_pdbx_unobs_or_zero_occ_atoms.label_alt_id 
_pdbx_unobs_or_zero_occ_atoms.label_asym_id 
_pdbx_unobs_or_zero_occ_atoms.label_comp_id 
_pdbx_unobs_or_zero_occ_atoms.label_seq_id 
_pdbx_unobs_or_zero_occ_atoms.label_atom_id 
1  1 Y 0 I GLY 9   ? N  ? A GLY 1   N  
2  1 Y 0 I LYS 39  ? NZ ? A LYS 31  NZ 
3  1 Y 0 I SER 74  ? OG ? A SER 66  OG 
4  1 Y 0 I ALA 90  ? N  ? A ALA 82  N  
5  1 Y 0 I ALA 90  ? O  ? A ALA 82  O  
6  1 Y 0 I ALA 90  ? CB ? A ALA 82  CB 
7  1 Y 0 I LYS 91  ? CB ? A LYS 83  CB 
8  1 Y 0 I LYS 91  ? CG ? A LYS 83  CG 
9  1 Y 0 I LYS 91  ? CD ? A LYS 83  CD 
10 1 Y 0 I LYS 91  ? CE ? A LYS 83  CE 
11 1 Y 0 I LYS 91  ? NZ ? A LYS 83  NZ 
12 1 Y 0 I LYS 114 ? NZ ? A LYS 106 NZ 
# 
_software.name             EREF 
_software.classification   refinement 
_software.version          . 
_software.citation_id      ? 
_software.pdbx_ordinal     1 
# 
_cell.entry_id           1CEW 
_cell.length_a           47.900 
_cell.length_b           47.900 
_cell.length_c           87.500 
_cell.angle_alpha        90.00 
_cell.angle_beta         90.00 
_cell.angle_gamma        120.00 
_cell.Z_PDB              6 
_cell.pdbx_unique_axis   ? 
# 
_symmetry.entry_id                         1CEW 
_symmetry.space_group_name_H-M             'P 31 2 1' 
_symmetry.pdbx_full_space_group_name_H-M   ? 
_symmetry.cell_setting                     ? 
_symmetry.Int_Tables_number                152 
# 
_exptl.entry_id          1CEW 
_exptl.method            'X-RAY DIFFRACTION' 
_exptl.crystals_number   ? 
# 
_exptl_crystal.id                    1 
_exptl_crystal.density_meas          ? 
_exptl_crystal.density_Matthews      2.37 
_exptl_crystal.density_percent_sol   48.17 
_exptl_crystal.description           ? 
# 
_diffrn.id                     1 
_diffrn.ambient_temp           ? 
_diffrn.ambient_temp_details   ? 
_diffrn.crystal_id             1 
# 
_diffrn_radiation.diffrn_id                        1 
_diffrn_radiation.wavelength_id                    1 
_diffrn_radiation.pdbx_monochromatic_or_laue_m_l   ? 
_diffrn_radiation.monochromator                    ? 
_diffrn_radiation.pdbx_diffrn_protocol             ? 
_diffrn_radiation.pdbx_scattering_type             x-ray 
# 
_diffrn_radiation_wavelength.id           1 
_diffrn_radiation_wavelength.wavelength   . 
_diffrn_radiation_wavelength.wt           1.0 
# 
_refine.entry_id                                 1CEW 
_refine.ls_number_reflns_obs                     ? 
_refine.ls_number_reflns_all                     ? 
_refine.pdbx_ls_sigma_I                          ? 
_refine.pdbx_ls_sigma_F                          ? 
_refine.pdbx_data_cutoff_high_absF               ? 
_refine.pdbx_data_cutoff_low_absF                ? 
_refine.pdbx_data_cutoff_high_rms_absF           ? 
_refine.ls_d_res_low                             ? 
_refine.ls_d_res_high                            2.0 
_refine.ls_percent_reflns_obs                    ? 
_refine.ls_R_factor_obs                          ? 
_refine.ls_R_factor_all                          ? 
_refine.ls_R_factor_R_work                       0.198 
_refine.ls_R_factor_R_free                       ? 
_refine.ls_R_factor_R_free_error                 ? 
_refine.ls_R_factor_R_free_error_details         ? 
_refine.ls_percent_reflns_R_free                 ? 
_refine.ls_number_reflns_R_free                  ? 
_refine.ls_number_parameters                     ? 
_refine.ls_number_restraints                     ? 
_refine.occupancy_min                            ? 
_refine.occupancy_max                            ? 
_refine.B_iso_mean                               ? 
_refine.aniso_B[1][1]                            ? 
_refine.aniso_B[2][2]                            ? 
_refine.aniso_B[3][3]                            ? 
_refine.aniso_B[1][2]                            ? 
_refine.aniso_B[1][3]                            ? 
_refine.aniso_B[2][3]                            ? 
_refine.solvent_model_details                    ? 
_refine.solvent_model_param_ksol                 ? 
_refine.solvent_model_param_bsol                 ? 
_refine.pdbx_ls_cross_valid_method               ? 
_refine.details                                  ? 
_refine.pdbx_starting_model                      ? 
_refine.pdbx_method_to_determine_struct          ? 
_refine.pdbx_isotropic_thermal_model             ? 
_refine.pdbx_stereochemistry_target_values       ? 
_refine.pdbx_stereochem_target_val_spec_case     ? 
_refine.pdbx_R_Free_selection_details            ? 
_refine.pdbx_overall_ESU_R                       ? 
_refine.pdbx_overall_ESU_R_Free                  ? 
_refine.overall_SU_ML                            ? 
_refine.overall_SU_B                             ? 
_refine.pdbx_refine_id                           'X-RAY DIFFRACTION' 
_refine.pdbx_diffrn_id                           1 
_refine.pdbx_TLS_residual_ADP_flag               ? 
_refine.correlation_coeff_Fo_to_Fc               ? 
_refine.correlation_coeff_Fo_to_Fc_free          ? 
_refine.pdbx_solvent_vdw_probe_radii             ? 
_refine.pdbx_solvent_ion_probe_radii             ? 
_refine.pdbx_solvent_shrinkage_radii             ? 
_refine.pdbx_overall_phase_error                 ? 
_refine.overall_SU_R_Cruickshank_DPI             ? 
_refine.pdbx_overall_SU_R_free_Cruickshank_DPI   ? 
_refine.pdbx_overall_SU_R_Blow_DPI               ? 
_refine.pdbx_overall_SU_R_free_Blow_DPI          ? 
# 
_refine_hist.pdbx_refine_id                   'X-RAY DIFFRACTION' 
_refine_hist.cycle_id                         LAST 
_refine_hist.pdbx_number_atoms_protein        854 
_refine_hist.pdbx_number_atoms_nucleic_acid   0 
_refine_hist.pdbx_number_atoms_ligand         0 
_refine_hist.number_atoms_solvent             123 
_refine_hist.number_atoms_total               977 
_refine_hist.d_res_high                       2.0 
_refine_hist.d_res_low                        . 
# 
_struct.entry_id                  1CEW 
_struct.title                     
;THE 2.0 ANGSTROMS X-RAY CRYSTAL STRUCTURE OF CHICKEN EGG WHITE CYSTATIN AND ITS POSSIBLE MODE OF INTERACTION WITH CYSTEINE PROTEINASES
;
_struct.pdbx_model_details        ? 
_struct.pdbx_CASP_flag            ? 
_struct.pdbx_model_type_details   ? 
# 
_struct_keywords.entry_id        1CEW 
_struct_keywords.pdbx_keywords   'PROTEINASE INHIBITOR(CYSTEINE)' 
_struct_keywords.text            'PROTEINASE INHIBITOR(CYSTEINE)' 
# 
loop_
_struct_asym.id 
_struct_asym.pdbx_blank_PDB_chainid_flag 
_struct_asym.pdbx_modified 
_struct_asym.entity_id 
_struct_asym.details 
A N N 1 ? 
B N N 2 ? 
# 
_struct_ref.id                         1 
_struct_ref.db_name                    UNP 
_struct_ref.db_code                    CYT_CHICK 
_struct_ref.entity_id                  1 
_struct_ref.pdbx_db_accession          P01038 
_struct_ref.pdbx_align_begin           1 
_struct_ref.pdbx_seq_one_letter_code   
;MAGARGCVVLLAAALMLVGAVLGSEDRSRLLGAPVPVDENDEGLQRALQFAMAEYNRASNDKYSSRVVRVISAKRQLVSG
IKYILQVEIGRTTCPKSSGDLQSCEFHDEPEMAKYTTCTFVVYSIPWLNQIKLLESKCQ
;
_struct_ref.pdbx_db_isoform            ? 
# 
_struct_ref_seq.align_id                      1 
_struct_ref_seq.ref_id                        1 
_struct_ref_seq.pdbx_PDB_id_code              1CEW 
_struct_ref_seq.pdbx_strand_id                I 
_struct_ref_seq.seq_align_beg                 1 
_struct_ref_seq.pdbx_seq_align_beg_ins_code   ? 
_struct_ref_seq.seq_align_end                 108 
_struct_ref_seq.pdbx_seq_align_end_ins_code   ? 
_struct_ref_seq.pdbx_db_accession             P01038 
_struct_ref_seq.db_align_beg                  32 
_struct_ref_seq.pdbx_db_align_beg_ins_code    ? 
_struct_ref_seq.db_align_end                  139 
_struct_ref_seq.pdbx_db_align_end_ins_code    ? 
_struct_ref_seq.pdbx_auth_seq_align_beg       9 
_struct_ref_seq.pdbx_auth_seq_align_end       116 
# 
_pdbx_struct_assembly.id                   1 
_pdbx_struct_assembly.details              author_defined_assembly 
_pdbx_struct_assembly.method_details       ? 
_pdbx_struct_assembly.oligomeric_details   monomeric 
_pdbx_struct_assembly.oligomeric_count     1 
# 
_pdbx_struct_assembly_gen.assembly_id       1 
_pdbx_struct_assembly_gen.oper_expression   1 
_pdbx_struct_assembly_gen.asym_id_list      A,B 
# 
_pdbx_struct_oper_list.id                   1 
_pdbx_struct_oper_list.type                 'identity operation' 
_pdbx_struct_oper_list.name                 1_555 
_pdbx_struct_oper_list.symmetry_operation   x,y,z 
_pdbx_struct_oper_list.matrix[1][1]         1.0000000000 
_pdbx_struct_oper_list.matrix[1][2]         0.0000000000 
_pdbx_struct_oper_list.matrix[1][3]         0.0000000000 
_pdbx_struct_oper_list.vector[1]            0.0000000000 
_pdbx_struct_oper_list.matrix[2][1]         0.0000000000 
_pdbx_struct_oper_list.matrix[2][2]         1.0000000000 
_pdbx_struct_oper_list.matrix[2][3]         0.0000000000 
_pdbx_struct_oper_list.vector[2]            0.0000000000 
_pdbx_struct_oper_list.matrix[3][1]         0.0000000000 
_pdbx_struct_oper_list.matrix[3][2]         0.0000000000 
_pdbx_struct_oper_list.matrix[3][3]         1.0000000000 
_pdbx_struct_oper_list.vector[3]            0.0000000000 
# 
_struct_biol.id   1 
# 
loop_
_struct_conf.conf_type_id 
_struct_conf.id 
_struct_conf.pdbx_PDB_helix_id 
_struct_conf.beg_label_comp_id 
_struct_conf.beg_label_asym_id 
_struct_conf.beg_label_seq_id 
_struct_conf.pdbx_beg_PDB_ins_code 
_struct_conf.end_label_comp_id 
_struct_conf.end_label_asym_id 
_struct_conf.end_label_seq_id 
_struct_conf.pdbx_end_PDB_ins_code 
_struct_conf.beg_auth_comp_id 
_struct_conf.beg_auth_asym_id 
_struct_conf.beg_auth_seq_id 
_struct_conf.end_auth_comp_id 
_struct_conf.end_auth_asym_id 
_struct_conf.end_auth_seq_id 
_struct_conf.pdbx_PDB_helix_class 
_struct_conf.details 
_struct_conf.pdbx_PDB_helix_length 
HELX_P HELX_P1 1 ASP A 10 ? MET A 21 ? ASP I 18 MET I 29 1 ? 12 
HELX_P HELX_P2 2 MET A 21 ? ARG A 26 ? MET I 29 ARG I 34 1 ? 6  
HELX_P HELX_P3 3 ASP A 69 ? GLU A 78 ? ASP I 77 GLU I 86 1 ? 10 
# 
_struct_conf_type.id          HELX_P 
_struct_conf_type.criteria    ? 
_struct_conf_type.reference   ? 
# 
loop_
_struct_conn.id 
_struct_conn.conn_type_id 
_struct_conn.pdbx_leaving_atom_flag 
_struct_conn.pdbx_PDB_id 
_struct_conn.ptnr1_label_asym_id 
_struct_conn.ptnr1_label_comp_id 
_struct_conn.ptnr1_label_seq_id 
_struct_conn.ptnr1_label_atom_id 
_struct_conn.pdbx_ptnr1_label_alt_id 
_struct_conn.pdbx_ptnr1_PDB_ins_code 
_struct_conn.pdbx_ptnr1_standard_comp_id 
_struct_conn.ptnr1_symmetry 
_struct_conn.ptnr2_label_asym_id 
_struct_conn.ptnr2_label_comp_id 
_struct_conn.ptnr2_label_seq_id 
_struct_conn.ptnr2_label_atom_id 
_struct_conn.pdbx_ptnr2_label_alt_id 
_struct_conn.pdbx_ptnr2_PDB_ins_code 
_struct_conn.ptnr1_auth_asym_id 
_struct_conn.ptnr1_auth_comp_id 
_struct_conn.ptnr1_auth_seq_id 
_struct_conn.ptnr2_auth_asym_id 
_struct_conn.ptnr2_auth_comp_id 
_struct_conn.ptnr2_auth_seq_id 
_struct_conn.ptnr2_symmetry 
_struct_conn.pdbx_ptnr3_label_atom_id 
_struct_conn.pdbx_ptnr3_label_seq_id 
_struct_conn.pdbx_ptnr3_label_comp_id 
_struct_conn.pdbx_ptnr3_label_asym_id 
_struct_conn.pdbx_ptnr3_label_alt_id 
_struct_conn.pdbx_ptnr3_PDB_ins_code 
_struct_conn.details 
_struct_conn.pdbx_dist_value 
_struct_conn.pdbx_value_order 
_struct_conn.pdbx_role 
disulf1 disulf ? ? A CYS 63 SG ? ? ? 1_555 A CYS 73  SG ? ? I CYS 71 I CYS 81  1_555 ? ? ? ? ? ? ? 2.018 ? ? 
disulf2 disulf ? ? A CYS 87 SG ? ? ? 1_555 A CYS 107 SG ? ? I CYS 95 I CYS 115 1_555 ? ? ? ? ? ? ? 2.025 ? ? 
# 
_struct_conn_type.id          disulf 
_struct_conn_type.criteria    ? 
_struct_conn_type.reference   ? 
# 
loop_
_pdbx_modification_feature.ordinal 
_pdbx_modification_feature.label_comp_id 
_pdbx_modification_feature.label_asym_id 
_pdbx_modification_feature.label_seq_id 
_pdbx_modification_feature.label_alt_id 
_pdbx_modification_feature.modified_residue_label_comp_id 
_pdbx_modification_feature.modified_residue_label_asym_id 
_pdbx_modification_feature.modified_residue_label_seq_id 
_pdbx_modification_feature.modified_residue_label_alt_id 
_pdbx_modification_feature.auth_comp_id 
_pdbx_modification_feature.auth_asym_id 
_pdbx_modification_feature.auth_seq_id 
_pdbx_modification_feature.PDB_ins_code 
_pdbx_modification_feature.symmetry 
_pdbx_modification_feature.modified_residue_auth_comp_id 
_pdbx_modification_feature.modified_residue_auth_asym_id 
_pdbx_modification_feature.modified_residue_auth_seq_id 
_pdbx_modification_feature.modified_residue_PDB_ins_code 
_pdbx_modification_feature.modified_residue_symmetry 
_pdbx_modification_feature.comp_id_linking_atom 
_pdbx_modification_feature.modified_residue_id_linking_atom 
_pdbx_modification_feature.modified_residue_id 
_pdbx_modification_feature.ref_pcm_id 
_pdbx_modification_feature.ref_comp_id 
_pdbx_modification_feature.type 
_pdbx_modification_feature.category 
1 CYS A 63 ? CYS A 73  ? CYS I 71 ? 1_555 CYS I 81  ? 1_555 SG SG . . . None 'Disulfide bridge' 
2 CYS A 87 ? CYS A 107 ? CYS I 95 ? 1_555 CYS I 115 ? 1_555 SG SG . . . None 'Disulfide bridge' 
# 
_struct_sheet.id               A 
_struct_sheet.type             ? 
_struct_sheet.number_strands   5 
_struct_sheet.details          ? 
# 
loop_
_struct_sheet_order.sheet_id 
_struct_sheet_order.range_id_1 
_struct_sheet_order.range_id_2 
_struct_sheet_order.offset 
_struct_sheet_order.sense 
A 1 2 ? anti-parallel 
A 2 3 ? anti-parallel 
A 3 4 ? anti-parallel 
A 4 5 ? anti-parallel 
# 
loop_
_struct_sheet_range.sheet_id 
_struct_sheet_range.id 
_struct_sheet_range.beg_label_comp_id 
_struct_sheet_range.beg_label_asym_id 
_struct_sheet_range.beg_label_seq_id 
_struct_sheet_range.pdbx_beg_PDB_ins_code 
_struct_sheet_range.end_label_comp_id 
_struct_sheet_range.end_label_asym_id 
_struct_sheet_range.end_label_seq_id 
_struct_sheet_range.pdbx_end_PDB_ins_code 
_struct_sheet_range.beg_auth_comp_id 
_struct_sheet_range.beg_auth_asym_id 
_struct_sheet_range.beg_auth_seq_id 
_struct_sheet_range.end_auth_comp_id 
_struct_sheet_range.end_auth_asym_id 
_struct_sheet_range.end_auth_seq_id 
A 1 VAL A 4  ? PRO A 5   ? VAL I 12  PRO I 13  
A 2 TYR A 32 ? LEU A 46  ? TYR I 40  LEU I 54  
A 3 ILE A 50 ? PRO A 64  ? ILE I 58  PRO I 72  
A 4 TYR A 84 ? ILE A 94  ? TYR I 92  ILE I 102 
A 5 GLN A 99 ? CYS A 107 ? GLN I 107 CYS I 115 
# 
loop_
_pdbx_struct_sheet_hbond.sheet_id 
_pdbx_struct_sheet_hbond.range_id_1 
_pdbx_struct_sheet_hbond.range_id_2 
_pdbx_struct_sheet_hbond.range_1_label_atom_id 
_pdbx_struct_sheet_hbond.range_1_label_comp_id 
_pdbx_struct_sheet_hbond.range_1_label_asym_id 
_pdbx_struct_sheet_hbond.range_1_label_seq_id 
_pdbx_struct_sheet_hbond.range_1_PDB_ins_code 
_pdbx_struct_sheet_hbond.range_1_auth_atom_id 
_pdbx_struct_sheet_hbond.range_1_auth_comp_id 
_pdbx_struct_sheet_hbond.range_1_auth_asym_id 
_pdbx_struct_sheet_hbond.range_1_auth_seq_id 
_pdbx_struct_sheet_hbond.range_2_label_atom_id 
_pdbx_struct_sheet_hbond.range_2_label_comp_id 
_pdbx_struct_sheet_hbond.range_2_label_asym_id 
_pdbx_struct_sheet_hbond.range_2_label_seq_id 
_pdbx_struct_sheet_hbond.range_2_PDB_ins_code 
_pdbx_struct_sheet_hbond.range_2_auth_atom_id 
_pdbx_struct_sheet_hbond.range_2_auth_comp_id 
_pdbx_struct_sheet_hbond.range_2_auth_asym_id 
_pdbx_struct_sheet_hbond.range_2_auth_seq_id 
A 1 2 O VAL A 4  ? O VAL I 12  N ARG A 44 ? N ARG I 52  
A 2 3 O GLN A 45 ? O GLN I 53  N LYS A 51 ? N LYS I 59  
A 3 4 N ILE A 58 ? N ILE I 66  O THR A 85 ? O THR I 93  
A 4 5 N ILE A 94 ? N ILE I 102 O GLN A 99 ? O GLN I 107 
# 
_pdbx_entry_details.entry_id                   1CEW 
_pdbx_entry_details.compound_details           ? 
_pdbx_entry_details.source_details             ? 
_pdbx_entry_details.nonpolymer_details         ? 
_pdbx_entry_details.sequence_details           ? 
_pdbx_entry_details.has_ligand_of_interest     ? 
_pdbx_entry_details.has_protein_modification   Y 
# 
loop_
_pdbx_validate_symm_contact.id 
_pdbx_validate_symm_contact.PDB_model_num 
_pdbx_validate_symm_contact.auth_atom_id_1 
_pdbx_validate_symm_contact.auth_asym_id_1 
_pdbx_validate_symm_contact.auth_comp_id_1 
_pdbx_validate_symm_contact.auth_seq_id_1 
_pdbx_validate_symm_contact.PDB_ins_code_1 
_pdbx_validate_symm_contact.label_alt_id_1 
_pdbx_validate_symm_contact.site_symmetry_1 
_pdbx_validate_symm_contact.auth_atom_id_2 
_pdbx_validate_symm_contact.auth_asym_id_2 
_pdbx_validate_symm_contact.auth_comp_id_2 
_pdbx_validate_symm_contact.auth_seq_id_2 
_pdbx_validate_symm_contact.PDB_ins_code_2 
_pdbx_validate_symm_contact.label_alt_id_2 
_pdbx_validate_symm_contact.site_symmetry_2 
_pdbx_validate_symm_contact.dist 
1 1 O   I HOH 1103 ? ? 1_555 O  I HOH 1104 ? ? 5_674 0.63 
2 1 OD2 I ASP 15   ? ? 1_555 NZ I LYS 91   ? ? 2_665 1.37 
3 1 OG  I SER 74   ? ? 1_555 O  I HOH 1020 ? ? 3_674 1.52 
4 1 O   I HOH 1102 ? ? 1_555 O  I HOH 1102 ? ? 5_674 1.54 
5 1 CE  I LYS 91   ? ? 1_555 O  I HOH 1090 ? ? 3_564 1.56 
6 1 NZ  I LYS 91   ? ? 1_555 O  I HOH 1090 ? ? 3_564 2.05 
# 
loop_
_pdbx_validate_rmsd_bond.id 
_pdbx_validate_rmsd_bond.PDB_model_num 
_pdbx_validate_rmsd_bond.auth_atom_id_1 
_pdbx_validate_rmsd_bond.auth_asym_id_1 
_pdbx_validate_rmsd_bond.auth_comp_id_1 
_pdbx_validate_rmsd_bond.auth_seq_id_1 
_pdbx_validate_rmsd_bond.PDB_ins_code_1 
_pdbx_validate_rmsd_bond.label_alt_id_1 
_pdbx_validate_rmsd_bond.auth_atom_id_2 
_pdbx_validate_rmsd_bond.auth_asym_id_2 
_pdbx_validate_rmsd_bond.auth_comp_id_2 
_pdbx_validate_rmsd_bond.auth_seq_id_2 
_pdbx_validate_rmsd_bond.PDB_ins_code_2 
_pdbx_validate_rmsd_bond.label_alt_id_2 
_pdbx_validate_rmsd_bond.bond_value 
_pdbx_validate_rmsd_bond.bond_target_value 
_pdbx_validate_rmsd_bond.bond_deviation 
_pdbx_validate_rmsd_bond.bond_standard_deviation 
_pdbx_validate_rmsd_bond.linker_flag 
1 1 N   I MET 89  ? ? CA  I MET 89  ? ? 1.604 1.459 0.145  0.020 N 
2 1 NE1 I TRP 104 ? ? CE2 I TRP 104 ? ? 1.270 1.371 -0.101 0.013 N 
# 
loop_
_pdbx_validate_rmsd_angle.id 
_pdbx_validate_rmsd_angle.PDB_model_num 
_pdbx_validate_rmsd_angle.auth_atom_id_1 
_pdbx_validate_rmsd_angle.auth_asym_id_1 
_pdbx_validate_rmsd_angle.auth_comp_id_1 
_pdbx_validate_rmsd_angle.auth_seq_id_1 
_pdbx_validate_rmsd_angle.PDB_ins_code_1 
_pdbx_validate_rmsd_angle.label_alt_id_1 
_pdbx_validate_rmsd_angle.auth_atom_id_2 
_pdbx_validate_rmsd_angle.auth_asym_id_2 
_pdbx_validate_rmsd_angle.auth_comp_id_2 
_pdbx_validate_rmsd_angle.auth_seq_id_2 
_pdbx_validate_rmsd_angle.PDB_ins_code_2 
_pdbx_validate_rmsd_angle.label_alt_id_2 
_pdbx_validate_rmsd_angle.auth_atom_id_3 
_pdbx_validate_rmsd_angle.auth_asym_id_3 
_pdbx_validate_rmsd_angle.auth_comp_id_3 
_pdbx_validate_rmsd_angle.auth_seq_id_3 
_pdbx_validate_rmsd_angle.PDB_ins_code_3 
_pdbx_validate_rmsd_angle.label_alt_id_3 
_pdbx_validate_rmsd_angle.angle_value 
_pdbx_validate_rmsd_angle.angle_target_value 
_pdbx_validate_rmsd_angle.angle_deviation 
_pdbx_validate_rmsd_angle.angle_standard_deviation 
_pdbx_validate_rmsd_angle.linker_flag 
1  1 NE  I ARG 23  ? ? CZ I ARG 23  ? ? NH2 I ARG 23  ? ? 115.07 120.30 -5.23  0.50 N 
2  1 CB  I ARG 34  ? ? CA I ARG 34  ? ? C   I ARG 34  ? ? 94.32  110.40 -16.08 2.00 N 
3  1 CB  I ASP 38  ? ? CG I ASP 38  ? ? OD1 I ASP 38  ? ? 125.81 118.30 7.51   0.90 N 
4  1 NE  I ARG 43  ? ? CZ I ARG 43  ? ? NH2 I ARG 43  ? ? 113.15 120.30 -7.15  0.50 N 
5  1 CG1 I VAL 47  ? ? CB I VAL 47  ? ? CG2 I VAL 47  ? ? 101.06 110.90 -9.84  1.60 N 
6  1 NE  I ARG 52  ? ? CZ I ARG 52  ? ? NH2 I ARG 52  ? ? 117.12 120.30 -3.18  0.50 N 
7  1 CB  I GLU 65  ? ? CA I GLU 65  ? ? C   I GLU 65  ? ? 96.80  110.40 -13.60 2.00 N 
8  1 CA  I THR 69  ? ? CB I THR 69  ? ? CG2 I THR 69  ? ? 122.13 112.40 9.73   1.40 N 
9  1 N   I ASP 77  ? ? CA I ASP 77  ? ? CB  I ASP 77  ? ? 99.29  110.60 -11.31 1.80 N 
10 1 CB  I ASP 77  ? ? CG I ASP 77  ? ? OD1 I ASP 77  ? ? 125.31 118.30 7.01   0.90 N 
11 1 CA  I HIS 84  ? ? CB I HIS 84  ? ? CG  I HIS 84  ? ? 99.97  113.60 -13.63 1.70 N 
12 1 N   I GLU 88  ? ? CA I GLU 88  ? ? CB  I GLU 88  ? ? 95.68  110.60 -14.92 1.80 N 
13 1 O   I GLU 88  ? ? C  I GLU 88  ? ? N   I MET 89  ? ? 112.65 122.70 -10.05 1.60 Y 
14 1 N   I MET 89  ? ? CA I MET 89  ? ? CB  I MET 89  ? ? 124.63 110.60 14.03  1.80 N 
15 1 CA  I MET 89  ? ? CB I MET 89  ? ? CG  I MET 89  ? ? 123.65 113.30 10.35  1.70 N 
16 1 CB  I GLN 107 ? ? CG I GLN 107 ? ? CD  I GLN 107 ? ? 94.83  111.60 -16.77 2.60 N 
# 
loop_
_pdbx_validate_torsion.id 
_pdbx_validate_torsion.PDB_model_num 
_pdbx_validate_torsion.auth_comp_id 
_pdbx_validate_torsion.auth_asym_id 
_pdbx_validate_torsion.auth_seq_id 
_pdbx_validate_torsion.PDB_ins_code 
_pdbx_validate_torsion.label_alt_id 
_pdbx_validate_torsion.phi 
_pdbx_validate_torsion.psi 
1  1 ALA I 10  ? ? 179.32  152.81  
2  1 ASN I 37  ? ? -104.09 48.64   
3  1 ARG I 46  ? ? -179.92 136.72  
4  1 SER I 56  ? ? -176.69 -56.07  
5  1 LYS I 73  ? ? -54.32  -1.88   
6  1 GLU I 86  ? ? 29.75   -82.54  
7  1 GLU I 88  ? ? -175.61 -177.03 
8  1 MET I 89  ? ? 116.29  -172.59 
9  1 ALA I 90  ? ? -36.98  -116.25 
10 1 ILE I 102 ? ? -114.08 74.93   
# 
_pdbx_validate_peptide_omega.id               1 
_pdbx_validate_peptide_omega.PDB_model_num    1 
_pdbx_validate_peptide_omega.auth_comp_id_1   GLU 
_pdbx_validate_peptide_omega.auth_asym_id_1   I 
_pdbx_validate_peptide_omega.auth_seq_id_1    88 
_pdbx_validate_peptide_omega.PDB_ins_code_1   ? 
_pdbx_validate_peptide_omega.label_alt_id_1   ? 
_pdbx_validate_peptide_omega.auth_comp_id_2   MET 
_pdbx_validate_peptide_omega.auth_asym_id_2   I 
_pdbx_validate_peptide_omega.auth_seq_id_2    89 
_pdbx_validate_peptide_omega.PDB_ins_code_2   ? 
_pdbx_validate_peptide_omega.label_alt_id_2   ? 
_pdbx_validate_peptide_omega.omega            121.89 
# 
loop_
_pdbx_validate_planes.id 
_pdbx_validate_planes.PDB_model_num 
_pdbx_validate_planes.auth_comp_id 
_pdbx_validate_planes.auth_asym_id 
_pdbx_validate_planes.auth_seq_id 
_pdbx_validate_planes.PDB_ins_code 
_pdbx_validate_planes.label_alt_id 
_pdbx_validate_planes.rmsd 
_pdbx_validate_planes.type 
1 1 TYR I 32  ? ? 0.063 'SIDE CHAIN' 
2 1 ARG I 43  ? ? 0.106 'SIDE CHAIN' 
3 1 TYR I 100 ? ? 0.095 'SIDE CHAIN' 
# 
loop_
_pdbx_validate_main_chain_plane.id 
_pdbx_validate_main_chain_plane.PDB_model_num 
_pdbx_validate_main_chain_plane.auth_comp_id 
_pdbx_validate_main_chain_plane.auth_asym_id 
_pdbx_validate_main_chain_plane.auth_seq_id 
_pdbx_validate_main_chain_plane.PDB_ins_code 
_pdbx_validate_main_chain_plane.label_alt_id 
_pdbx_validate_main_chain_plane.improper_torsion_angle 
1  1 GLY I 9   ? ? 12.61  
2  1 VAL I 12  ? ? 12.46  
3  1 GLU I 16  ? ? 12.75  
4  1 GLN I 26  ? ? 10.94  
5  1 ASN I 33  ? ? -12.14 
6  1 ARG I 34  ? ? 19.87  
7  1 ASN I 37  ? ? -10.86 
8  1 TYR I 40  ? ? -15.78 
9  1 VAL I 47  ? ? 11.12  
10 1 ALA I 50  ? ? 11.60  
11 1 LYS I 51  ? ? -10.69 
12 1 SER I 56  ? ? -13.87 
13 1 ILE I 58  ? ? 10.80  
14 1 GLN I 63  ? ? 10.24  
15 1 THR I 70  ? ? 10.59  
16 1 SER I 74  ? ? 10.15  
17 1 ASP I 85  ? ? -14.98 
18 1 GLU I 88  ? ? 22.92  
19 1 ALA I 90  ? ? 12.86  
20 1 SER I 101 ? ? 12.41  
21 1 PRO I 103 ? ? -10.36 
22 1 GLN I 107 ? ? 12.86  
23 1 ILE I 108 ? ? 17.96  
24 1 LYS I 109 ? ? 11.06  
25 1 LEU I 110 ? ? 16.43  
# 
loop_
_pdbx_unobs_or_zero_occ_residues.id 
_pdbx_unobs_or_zero_occ_residues.PDB_model_num 
_pdbx_unobs_or_zero_occ_residues.polymer_flag 
_pdbx_unobs_or_zero_occ_residues.occupancy_flag 
_pdbx_unobs_or_zero_occ_residues.auth_asym_id 
_pdbx_unobs_or_zero_occ_residues.auth_comp_id 
_pdbx_unobs_or_zero_occ_residues.auth_seq_id 
_pdbx_unobs_or_zero_occ_residues.PDB_ins_code 
_pdbx_unobs_or_zero_occ_residues.label_asym_id 
_pdbx_unobs_or_zero_occ_residues.label_comp_id 
_pdbx_unobs_or_zero_occ_residues.label_seq_id 
1 1 Y 0 I GLU 86 ? A GLU 78 
2 1 Y 0 I PRO 87 ? A PRO 79 
3 1 Y 0 I GLU 88 ? A GLU 80 
4 1 Y 0 I MET 89 ? A MET 81 
# 
loop_
_chem_comp_atom.comp_id 
_chem_comp_atom.atom_id 
_chem_comp_atom.type_symbol 
_chem_comp_atom.pdbx_aromatic_flag 
_chem_comp_atom.pdbx_stereo_config 
_chem_comp_atom.pdbx_ordinal 
ALA N    N N N 1   
ALA CA   C N S 2   
ALA C    C N N 3   
ALA O    O N N 4   
ALA CB   C N N 5   
ALA OXT  O N N 6   
ALA H    H N N 7   
ALA H2   H N N 8   
ALA HA   H N N 9   
ALA HB1  H N N 10  
ALA HB2  H N N 11  
ALA HB3  H N N 12  
ALA HXT  H N N 13  
ARG N    N N N 14  
ARG CA   C N S 15  
ARG C    C N N 16  
ARG O    O N N 17  
ARG CB   C N N 18  
ARG CG   C N N 19  
ARG CD   C N N 20  
ARG NE   N N N 21  
ARG CZ   C N N 22  
ARG NH1  N N N 23  
ARG NH2  N N N 24  
ARG OXT  O N N 25  
ARG H    H N N 26  
ARG H2   H N N 27  
ARG HA   H N N 28  
ARG HB2  H N N 29  
ARG HB3  H N N 30  
ARG HG2  H N N 31  
ARG HG3  H N N 32  
ARG HD2  H N N 33  
ARG HD3  H N N 34  
ARG HE   H N N 35  
ARG HH11 H N N 36  
ARG HH12 H N N 37  
ARG HH21 H N N 38  
ARG HH22 H N N 39  
ARG HXT  H N N 40  
ASN N    N N N 41  
ASN CA   C N S 42  
ASN C    C N N 43  
ASN O    O N N 44  
ASN CB   C N N 45  
ASN CG   C N N 46  
ASN OD1  O N N 47  
ASN ND2  N N N 48  
ASN OXT  O N N 49  
ASN H    H N N 50  
ASN H2   H N N 51  
ASN HA   H N N 52  
ASN HB2  H N N 53  
ASN HB3  H N N 54  
ASN HD21 H N N 55  
ASN HD22 H N N 56  
ASN HXT  H N N 57  
ASP N    N N N 58  
ASP CA   C N S 59  
ASP C    C N N 60  
ASP O    O N N 61  
ASP CB   C N N 62  
ASP CG   C N N 63  
ASP OD1  O N N 64  
ASP OD2  O N N 65  
ASP OXT  O N N 66  
ASP H    H N N 67  
ASP H2   H N N 68  
ASP HA   H N N 69  
ASP HB2  H N N 70  
ASP HB3  H N N 71  
ASP HD2  H N N 72  
ASP HXT  H N N 73  
CYS N    N N N 74  
CYS CA   C N R 75  
CYS C    C N N 76  
CYS O    O N N 77  
CYS CB   C N N 78  
CYS SG   S N N 79  
CYS OXT  O N N 80  
CYS H    H N N 81  
CYS H2   H N N 82  
CYS HA   H N N 83  
CYS HB2  H N N 84  
CYS HB3  H N N 85  
CYS HG   H N N 86  
CYS HXT  H N N 87  
GLN N    N N N 88  
GLN CA   C N S 89  
GLN C    C N N 90  
GLN O    O N N 91  
GLN CB   C N N 92  
GLN CG   C N N 93  
GLN CD   C N N 94  
GLN OE1  O N N 95  
GLN NE2  N N N 96  
GLN OXT  O N N 97  
GLN H    H N N 98  
GLN H2   H N N 99  
GLN HA   H N N 100 
GLN HB2  H N N 101 
GLN HB3  H N N 102 
GLN HG2  H N N 103 
GLN HG3  H N N 104 
GLN HE21 H N N 105 
GLN HE22 H N N 106 
GLN HXT  H N N 107 
GLU N    N N N 108 
GLU CA   C N S 109 
GLU C    C N N 110 
GLU O    O N N 111 
GLU CB   C N N 112 
GLU CG   C N N 113 
GLU CD   C N N 114 
GLU OE1  O N N 115 
GLU OE2  O N N 116 
GLU OXT  O N N 117 
GLU H    H N N 118 
GLU H2   H N N 119 
GLU HA   H N N 120 
GLU HB2  H N N 121 
GLU HB3  H N N 122 
GLU HG2  H N N 123 
GLU HG3  H N N 124 
GLU HE2  H N N 125 
GLU HXT  H N N 126 
GLY N    N N N 127 
GLY CA   C N N 128 
GLY C    C N N 129 
GLY O    O N N 130 
GLY OXT  O N N 131 
GLY H    H N N 132 
GLY H2   H N N 133 
GLY HA2  H N N 134 
GLY HA3  H N N 135 
GLY HXT  H N N 136 
HIS N    N N N 137 
HIS CA   C N S 138 
HIS C    C N N 139 
HIS O    O N N 140 
HIS CB   C N N 141 
HIS CG   C Y N 142 
HIS ND1  N Y N 143 
HIS CD2  C Y N 144 
HIS CE1  C Y N 145 
HIS NE2  N Y N 146 
HIS OXT  O N N 147 
HIS H    H N N 148 
HIS H2   H N N 149 
HIS HA   H N N 150 
HIS HB2  H N N 151 
HIS HB3  H N N 152 
HIS HD1  H N N 153 
HIS HD2  H N N 154 
HIS HE1  H N N 155 
HIS HE2  H N N 156 
HIS HXT  H N N 157 
HOH O    O N N 158 
HOH H1   H N N 159 
HOH H2   H N N 160 
ILE N    N N N 161 
ILE CA   C N S 162 
ILE C    C N N 163 
ILE O    O N N 164 
ILE CB   C N S 165 
ILE CG1  C N N 166 
ILE CG2  C N N 167 
ILE CD1  C N N 168 
ILE OXT  O N N 169 
ILE H    H N N 170 
ILE H2   H N N 171 
ILE HA   H N N 172 
ILE HB   H N N 173 
ILE HG12 H N N 174 
ILE HG13 H N N 175 
ILE HG21 H N N 176 
ILE HG22 H N N 177 
ILE HG23 H N N 178 
ILE HD11 H N N 179 
ILE HD12 H N N 180 
ILE HD13 H N N 181 
ILE HXT  H N N 182 
LEU N    N N N 183 
LEU CA   C N S 184 
LEU C    C N N 185 
LEU O    O N N 186 
LEU CB   C N N 187 
LEU CG   C N N 188 
LEU CD1  C N N 189 
LEU CD2  C N N 190 
LEU OXT  O N N 191 
LEU H    H N N 192 
LEU H2   H N N 193 
LEU HA   H N N 194 
LEU HB2  H N N 195 
LEU HB3  H N N 196 
LEU HG   H N N 197 
LEU HD11 H N N 198 
LEU HD12 H N N 199 
LEU HD13 H N N 200 
LEU HD21 H N N 201 
LEU HD22 H N N 202 
LEU HD23 H N N 203 
LEU HXT  H N N 204 
LYS N    N N N 205 
LYS CA   C N S 206 
LYS C    C N N 207 
LYS O    O N N 208 
LYS CB   C N N 209 
LYS CG   C N N 210 
LYS CD   C N N 211 
LYS CE   C N N 212 
LYS NZ   N N N 213 
LYS OXT  O N N 214 
LYS H    H N N 215 
LYS H2   H N N 216 
LYS HA   H N N 217 
LYS HB2  H N N 218 
LYS HB3  H N N 219 
LYS HG2  H N N 220 
LYS HG3  H N N 221 
LYS HD2  H N N 222 
LYS HD3  H N N 223 
LYS HE2  H N N 224 
LYS HE3  H N N 225 
LYS HZ1  H N N 226 
LYS HZ2  H N N 227 
LYS HZ3  H N N 228 
LYS HXT  H N N 229 
MET N    N N N 230 
MET CA   C N S 231 
MET C    C N N 232 
MET O    O N N 233 
MET CB   C N N 234 
MET CG   C N N 235 
MET SD   S N N 236 
MET CE   C N N 237 
MET OXT  O N N 238 
MET H    H N N 239 
MET H2   H N N 240 
MET HA   H N N 241 
MET HB2  H N N 242 
MET HB3  H N N 243 
MET HG2  H N N 244 
MET HG3  H N N 245 
MET HE1  H N N 246 
MET HE2  H N N 247 
MET HE3  H N N 248 
MET HXT  H N N 249 
PHE N    N N N 250 
PHE CA   C N S 251 
PHE C    C N N 252 
PHE O    O N N 253 
PHE CB   C N N 254 
PHE CG   C Y N 255 
PHE CD1  C Y N 256 
PHE CD2  C Y N 257 
PHE CE1  C Y N 258 
PHE CE2  C Y N 259 
PHE CZ   C Y N 260 
PHE OXT  O N N 261 
PHE H    H N N 262 
PHE H2   H N N 263 
PHE HA   H N N 264 
PHE HB2  H N N 265 
PHE HB3  H N N 266 
PHE HD1  H N N 267 
PHE HD2  H N N 268 
PHE HE1  H N N 269 
PHE HE2  H N N 270 
PHE HZ   H N N 271 
PHE HXT  H N N 272 
PRO N    N N N 273 
PRO CA   C N S 274 
PRO C    C N N 275 
PRO O    O N N 276 
PRO CB   C N N 277 
PRO CG   C N N 278 
PRO CD   C N N 279 
PRO OXT  O N N 280 
PRO H    H N N 281 
PRO HA   H N N 282 
PRO HB2  H N N 283 
PRO HB3  H N N 284 
PRO HG2  H N N 285 
PRO HG3  H N N 286 
PRO HD2  H N N 287 
PRO HD3  H N N 288 
PRO HXT  H N N 289 
SER N    N N N 290 
SER CA   C N S 291 
SER C    C N N 292 
SER O    O N N 293 
SER CB   C N N 294 
SER OG   O N N 295 
SER OXT  O N N 296 
SER H    H N N 297 
SER H2   H N N 298 
SER HA   H N N 299 
SER HB2  H N N 300 
SER HB3  H N N 301 
SER HG   H N N 302 
SER HXT  H N N 303 
THR N    N N N 304 
THR CA   C N S 305 
THR C    C N N 306 
THR O    O N N 307 
THR CB   C N R 308 
THR OG1  O N N 309 
THR CG2  C N N 310 
THR OXT  O N N 311 
THR H    H N N 312 
THR H2   H N N 313 
THR HA   H N N 314 
THR HB   H N N 315 
THR HG1  H N N 316 
THR HG21 H N N 317 
THR HG22 H N N 318 
THR HG23 H N N 319 
THR HXT  H N N 320 
TRP N    N N N 321 
TRP CA   C N S 322 
TRP C    C N N 323 
TRP O    O N N 324 
TRP CB   C N N 325 
TRP CG   C Y N 326 
TRP CD1  C Y N 327 
TRP CD2  C Y N 328 
TRP NE1  N Y N 329 
TRP CE2  C Y N 330 
TRP CE3  C Y N 331 
TRP CZ2  C Y N 332 
TRP CZ3  C Y N 333 
TRP CH2  C Y N 334 
TRP OXT  O N N 335 
TRP H    H N N 336 
TRP H2   H N N 337 
TRP HA   H N N 338 
TRP HB2  H N N 339 
TRP HB3  H N N 340 
TRP HD1  H N N 341 
TRP HE1  H N N 342 
TRP HE3  H N N 343 
TRP HZ2  H N N 344 
TRP HZ3  H N N 345 
TRP HH2  H N N 346 
TRP HXT  H N N 347 
TYR N    N N N 348 
TYR CA   C N S 349 
TYR C    C N N 350 
TYR O    O N N 351 
TYR CB   C N N 352 
TYR CG   C Y N 353 
TYR CD1  C Y N 354 
TYR CD2  C Y N 355 
TYR CE1  C Y N 356 
TYR CE2  C Y N 357 
TYR CZ   C Y N 358 
TYR OH   O N N 359 
TYR OXT  O N N 360 
TYR H    H N N 361 
TYR H2   H N N 362 
TYR HA   H N N 363 
TYR HB2  H N N 364 
TYR HB3  H N N 365 
TYR HD1  H N N 366 
TYR HD2  H N N 367 
TYR HE1  H N N 368 
TYR HE2  H N N 369 
TYR HH   H N N 370 
TYR HXT  H N N 371 
VAL N    N N N 372 
VAL CA   C N S 373 
VAL C    C N N 374 
VAL O    O N N 375 
VAL CB   C N N 376 
VAL CG1  C N N 377 
VAL CG2  C N N 378 
VAL OXT  O N N 379 
VAL H    H N N 380 
VAL H2   H N N 381 
VAL HA   H N N 382 
VAL HB   H N N 383 
VAL HG11 H N N 384 
VAL HG12 H N N 385 
VAL HG13 H N N 386 
VAL HG21 H N N 387 
VAL HG22 H N N 388 
VAL HG23 H N N 389 
VAL HXT  H N N 390 
# 
loop_
_chem_comp_bond.comp_id 
_chem_comp_bond.atom_id_1 
_chem_comp_bond.atom_id_2 
_chem_comp_bond.value_order 
_chem_comp_bond.pdbx_aromatic_flag 
_chem_comp_bond.pdbx_stereo_config 
_chem_comp_bond.pdbx_ordinal 
ALA N   CA   sing N N 1   
ALA N   H    sing N N 2   
ALA N   H2   sing N N 3   
ALA CA  C    sing N N 4   
ALA CA  CB   sing N N 5   
ALA CA  HA   sing N N 6   
ALA C   O    doub N N 7   
ALA C   OXT  sing N N 8   
ALA CB  HB1  sing N N 9   
ALA CB  HB2  sing N N 10  
ALA CB  HB3  sing N N 11  
ALA OXT HXT  sing N N 12  
ARG N   CA   sing N N 13  
ARG N   H    sing N N 14  
ARG N   H2   sing N N 15  
ARG CA  C    sing N N 16  
ARG CA  CB   sing N N 17  
ARG CA  HA   sing N N 18  
ARG C   O    doub N N 19  
ARG C   OXT  sing N N 20  
ARG CB  CG   sing N N 21  
ARG CB  HB2  sing N N 22  
ARG CB  HB3  sing N N 23  
ARG CG  CD   sing N N 24  
ARG CG  HG2  sing N N 25  
ARG CG  HG3  sing N N 26  
ARG CD  NE   sing N N 27  
ARG CD  HD2  sing N N 28  
ARG CD  HD3  sing N N 29  
ARG NE  CZ   sing N N 30  
ARG NE  HE   sing N N 31  
ARG CZ  NH1  sing N N 32  
ARG CZ  NH2  doub N N 33  
ARG NH1 HH11 sing N N 34  
ARG NH1 HH12 sing N N 35  
ARG NH2 HH21 sing N N 36  
ARG NH2 HH22 sing N N 37  
ARG OXT HXT  sing N N 38  
ASN N   CA   sing N N 39  
ASN N   H    sing N N 40  
ASN N   H2   sing N N 41  
ASN CA  C    sing N N 42  
ASN CA  CB   sing N N 43  
ASN CA  HA   sing N N 44  
ASN C   O    doub N N 45  
ASN C   OXT  sing N N 46  
ASN CB  CG   sing N N 47  
ASN CB  HB2  sing N N 48  
ASN CB  HB3  sing N N 49  
ASN CG  OD1  doub N N 50  
ASN CG  ND2  sing N N 51  
ASN ND2 HD21 sing N N 52  
ASN ND2 HD22 sing N N 53  
ASN OXT HXT  sing N N 54  
ASP N   CA   sing N N 55  
ASP N   H    sing N N 56  
ASP N   H2   sing N N 57  
ASP CA  C    sing N N 58  
ASP CA  CB   sing N N 59  
ASP CA  HA   sing N N 60  
ASP C   O    doub N N 61  
ASP C   OXT  sing N N 62  
ASP CB  CG   sing N N 63  
ASP CB  HB2  sing N N 64  
ASP CB  HB3  sing N N 65  
ASP CG  OD1  doub N N 66  
ASP CG  OD2  sing N N 67  
ASP OD2 HD2  sing N N 68  
ASP OXT HXT  sing N N 69  
CYS N   CA   sing N N 70  
CYS N   H    sing N N 71  
CYS N   H2   sing N N 72  
CYS CA  C    sing N N 73  
CYS CA  CB   sing N N 74  
CYS CA  HA   sing N N 75  
CYS C   O    doub N N 76  
CYS C   OXT  sing N N 77  
CYS CB  SG   sing N N 78  
CYS CB  HB2  sing N N 79  
CYS CB  HB3  sing N N 80  
CYS SG  HG   sing N N 81  
CYS OXT HXT  sing N N 82  
GLN N   CA   sing N N 83  
GLN N   H    sing N N 84  
GLN N   H2   sing N N 85  
GLN CA  C    sing N N 86  
GLN CA  CB   sing N N 87  
GLN CA  HA   sing N N 88  
GLN C   O    doub N N 89  
GLN C   OXT  sing N N 90  
GLN CB  CG   sing N N 91  
GLN CB  HB2  sing N N 92  
GLN CB  HB3  sing N N 93  
GLN CG  CD   sing N N 94  
GLN CG  HG2  sing N N 95  
GLN CG  HG3  sing N N 96  
GLN CD  OE1  doub N N 97  
GLN CD  NE2  sing N N 98  
GLN NE2 HE21 sing N N 99  
GLN NE2 HE22 sing N N 100 
GLN OXT HXT  sing N N 101 
GLU N   CA   sing N N 102 
GLU N   H    sing N N 103 
GLU N   H2   sing N N 104 
GLU CA  C    sing N N 105 
GLU CA  CB   sing N N 106 
GLU CA  HA   sing N N 107 
GLU C   O    doub N N 108 
GLU C   OXT  sing N N 109 
GLU CB  CG   sing N N 110 
GLU CB  HB2  sing N N 111 
GLU CB  HB3  sing N N 112 
GLU CG  CD   sing N N 113 
GLU CG  HG2  sing N N 114 
GLU CG  HG3  sing N N 115 
GLU CD  OE1  doub N N 116 
GLU CD  OE2  sing N N 117 
GLU OE2 HE2  sing N N 118 
GLU OXT HXT  sing N N 119 
GLY N   CA   sing N N 120 
GLY N   H    sing N N 121 
GLY N   H2   sing N N 122 
GLY CA  C    sing N N 123 
GLY CA  HA2  sing N N 124 
GLY CA  HA3  sing N N 125 
GLY C   O    doub N N 126 
GLY C   OXT  sing N N 127 
GLY OXT HXT  sing N N 128 
HIS N   CA   sing N N 129 
HIS N   H    sing N N 130 
HIS N   H2   sing N N 131 
HIS CA  C    sing N N 132 
HIS CA  CB   sing N N 133 
HIS CA  HA   sing N N 134 
HIS C   O    doub N N 135 
HIS C   OXT  sing N N 136 
HIS CB  CG   sing N N 137 
HIS CB  HB2  sing N N 138 
HIS CB  HB3  sing N N 139 
HIS CG  ND1  sing Y N 140 
HIS CG  CD2  doub Y N 141 
HIS ND1 CE1  doub Y N 142 
HIS ND1 HD1  sing N N 143 
HIS CD2 NE2  sing Y N 144 
HIS CD2 HD2  sing N N 145 
HIS CE1 NE2  sing Y N 146 
HIS CE1 HE1  sing N N 147 
HIS NE2 HE2  sing N N 148 
HIS OXT HXT  sing N N 149 
HOH O   H1   sing N N 150 
HOH O   H2   sing N N 151 
ILE N   CA   sing N N 152 
ILE N   H    sing N N 153 
ILE N   H2   sing N N 154 
ILE CA  C    sing N N 155 
ILE CA  CB   sing N N 156 
ILE CA  HA   sing N N 157 
ILE C   O    doub N N 158 
ILE C   OXT  sing N N 159 
ILE CB  CG1  sing N N 160 
ILE CB  CG2  sing N N 161 
ILE CB  HB   sing N N 162 
ILE CG1 CD1  sing N N 163 
ILE CG1 HG12 sing N N 164 
ILE CG1 HG13 sing N N 165 
ILE CG2 HG21 sing N N 166 
ILE CG2 HG22 sing N N 167 
ILE CG2 HG23 sing N N 168 
ILE CD1 HD11 sing N N 169 
ILE CD1 HD12 sing N N 170 
ILE CD1 HD13 sing N N 171 
ILE OXT HXT  sing N N 172 
LEU N   CA   sing N N 173 
LEU N   H    sing N N 174 
LEU N   H2   sing N N 175 
LEU CA  C    sing N N 176 
LEU CA  CB   sing N N 177 
LEU CA  HA   sing N N 178 
LEU C   O    doub N N 179 
LEU C   OXT  sing N N 180 
LEU CB  CG   sing N N 181 
LEU CB  HB2  sing N N 182 
LEU CB  HB3  sing N N 183 
LEU CG  CD1  sing N N 184 
LEU CG  CD2  sing N N 185 
LEU CG  HG   sing N N 186 
LEU CD1 HD11 sing N N 187 
LEU CD1 HD12 sing N N 188 
LEU CD1 HD13 sing N N 189 
LEU CD2 HD21 sing N N 190 
LEU CD2 HD22 sing N N 191 
LEU CD2 HD23 sing N N 192 
LEU OXT HXT  sing N N 193 
LYS N   CA   sing N N 194 
LYS N   H    sing N N 195 
LYS N   H2   sing N N 196 
LYS CA  C    sing N N 197 
LYS CA  CB   sing N N 198 
LYS CA  HA   sing N N 199 
LYS C   O    doub N N 200 
LYS C   OXT  sing N N 201 
LYS CB  CG   sing N N 202 
LYS CB  HB2  sing N N 203 
LYS CB  HB3  sing N N 204 
LYS CG  CD   sing N N 205 
LYS CG  HG2  sing N N 206 
LYS CG  HG3  sing N N 207 
LYS CD  CE   sing N N 208 
LYS CD  HD2  sing N N 209 
LYS CD  HD3  sing N N 210 
LYS CE  NZ   sing N N 211 
LYS CE  HE2  sing N N 212 
LYS CE  HE3  sing N N 213 
LYS NZ  HZ1  sing N N 214 
LYS NZ  HZ2  sing N N 215 
LYS NZ  HZ3  sing N N 216 
LYS OXT HXT  sing N N 217 
MET N   CA   sing N N 218 
MET N   H    sing N N 219 
MET N   H2   sing N N 220 
MET CA  C    sing N N 221 
MET CA  CB   sing N N 222 
MET CA  HA   sing N N 223 
MET C   O    doub N N 224 
MET C   OXT  sing N N 225 
MET CB  CG   sing N N 226 
MET CB  HB2  sing N N 227 
MET CB  HB3  sing N N 228 
MET CG  SD   sing N N 229 
MET CG  HG2  sing N N 230 
MET CG  HG3  sing N N 231 
MET SD  CE   sing N N 232 
MET CE  HE1  sing N N 233 
MET CE  HE2  sing N N 234 
MET CE  HE3  sing N N 235 
MET OXT HXT  sing N N 236 
PHE N   CA   sing N N 237 
PHE N   H    sing N N 238 
PHE N   H2   sing N N 239 
PHE CA  C    sing N N 240 
PHE CA  CB   sing N N 241 
PHE CA  HA   sing N N 242 
PHE C   O    doub N N 243 
PHE C   OXT  sing N N 244 
PHE CB  CG   sing N N 245 
PHE CB  HB2  sing N N 246 
PHE CB  HB3  sing N N 247 
PHE CG  CD1  doub Y N 248 
PHE CG  CD2  sing Y N 249 
PHE CD1 CE1  sing Y N 250 
PHE CD1 HD1  sing N N 251 
PHE CD2 CE2  doub Y N 252 
PHE CD2 HD2  sing N N 253 
PHE CE1 CZ   doub Y N 254 
PHE CE1 HE1  sing N N 255 
PHE CE2 CZ   sing Y N 256 
PHE CE2 HE2  sing N N 257 
PHE CZ  HZ   sing N N 258 
PHE OXT HXT  sing N N 259 
PRO N   CA   sing N N 260 
PRO N   CD   sing N N 261 
PRO N   H    sing N N 262 
PRO CA  C    sing N N 263 
PRO CA  CB   sing N N 264 
PRO CA  HA   sing N N 265 
PRO C   O    doub N N 266 
PRO C   OXT  sing N N 267 
PRO CB  CG   sing N N 268 
PRO CB  HB2  sing N N 269 
PRO CB  HB3  sing N N 270 
PRO CG  CD   sing N N 271 
PRO CG  HG2  sing N N 272 
PRO CG  HG3  sing N N 273 
PRO CD  HD2  sing N N 274 
PRO CD  HD3  sing N N 275 
PRO OXT HXT  sing N N 276 
SER N   CA   sing N N 277 
SER N   H    sing N N 278 
SER N   H2   sing N N 279 
SER CA  C    sing N N 280 
SER CA  CB   sing N N 281 
SER CA  HA   sing N N 282 
SER C   O    doub N N 283 
SER C   OXT  sing N N 284 
SER CB  OG   sing N N 285 
SER CB  HB2  sing N N 286 
SER CB  HB3  sing N N 287 
SER OG  HG   sing N N 288 
SER OXT HXT  sing N N 289 
THR N   CA   sing N N 290 
THR N   H    sing N N 291 
THR N   H2   sing N N 292 
THR CA  C    sing N N 293 
THR CA  CB   sing N N 294 
THR CA  HA   sing N N 295 
THR C   O    doub N N 296 
THR C   OXT  sing N N 297 
THR CB  OG1  sing N N 298 
THR CB  CG2  sing N N 299 
THR CB  HB   sing N N 300 
THR OG1 HG1  sing N N 301 
THR CG2 HG21 sing N N 302 
THR CG2 HG22 sing N N 303 
THR CG2 HG23 sing N N 304 
THR OXT HXT  sing N N 305 
TRP N   CA   sing N N 306 
TRP N   H    sing N N 307 
TRP N   H2   sing N N 308 
TRP CA  C    sing N N 309 
TRP CA  CB   sing N N 310 
TRP CA  HA   sing N N 311 
TRP C   O    doub N N 312 
TRP C   OXT  sing N N 313 
TRP CB  CG   sing N N 314 
TRP CB  HB2  sing N N 315 
TRP CB  HB3  sing N N 316 
TRP CG  CD1  doub Y N 317 
TRP CG  CD2  sing Y N 318 
TRP CD1 NE1  sing Y N 319 
TRP CD1 HD1  sing N N 320 
TRP CD2 CE2  doub Y N 321 
TRP CD2 CE3  sing Y N 322 
TRP NE1 CE2  sing Y N 323 
TRP NE1 HE1  sing N N 324 
TRP CE2 CZ2  sing Y N 325 
TRP CE3 CZ3  doub Y N 326 
TRP CE3 HE3  sing N N 327 
TRP CZ2 CH2  doub Y N 328 
TRP CZ2 HZ2  sing N N 329 
TRP CZ3 CH2  sing Y N 330 
TRP CZ3 HZ3  sing N N 331 
TRP CH2 HH2  sing N N 332 
TRP OXT HXT  sing N N 333 
TYR N   CA   sing N N 334 
TYR N   H    sing N N 335 
TYR N   H2   sing N N 336 
TYR CA  C    sing N N 337 
TYR CA  CB   sing N N 338 
TYR CA  HA   sing N N 339 
TYR C   O    doub N N 340 
TYR C   OXT  sing N N 341 
TYR CB  CG   sing N N 342 
TYR CB  HB2  sing N N 343 
TYR CB  HB3  sing N N 344 
TYR CG  CD1  doub Y N 345 
TYR CG  CD2  sing Y N 346 
TYR CD1 CE1  sing Y N 347 
TYR CD1 HD1  sing N N 348 
TYR CD2 CE2  doub Y N 349 
TYR CD2 HD2  sing N N 350 
TYR CE1 CZ   doub Y N 351 
TYR CE1 HE1  sing N N 352 
TYR CE2 CZ   sing Y N 353 
TYR CE2 HE2  sing N N 354 
TYR CZ  OH   sing N N 355 
TYR OH  HH   sing N N 356 
TYR OXT HXT  sing N N 357 
VAL N   CA   sing N N 358 
VAL N   H    sing N N 359 
VAL N   H2   sing N N 360 
VAL CA  C    sing N N 361 
VAL CA  CB   sing N N 362 
VAL CA  HA   sing N N 363 
VAL C   O    doub N N 364 
VAL C   OXT  sing N N 365 
VAL CB  CG1  sing N N 366 
VAL CB  CG2  sing N N 367 
VAL CB  HB   sing N N 368 
VAL CG1 HG11 sing N N 369 
VAL CG1 HG12 sing N N 370 
VAL CG1 HG13 sing N N 371 
VAL CG2 HG21 sing N N 372 
VAL CG2 HG22 sing N N 373 
VAL CG2 HG23 sing N N 374 
VAL OXT HXT  sing N N 375 
# 
_atom_sites.entry_id                    1CEW 
_atom_sites.fract_transf_matrix[1][1]   -0.02053077 
_atom_sites.fract_transf_matrix[1][2]   0.00417606 
_atom_sites.fract_transf_matrix[1][3]   -0.01192359 
_atom_sites.fract_transf_matrix[2][1]   -0.01248601 
_atom_sites.fract_transf_matrix[2][2]   0.02018767 
_atom_sites.fract_transf_matrix[2][3]   0.00420198 
_atom_sites.fract_transf_matrix[3][1]   0.00586499 
_atom_sites.fract_transf_matrix[3][2]   0.00534019 
_atom_sites.fract_transf_matrix[3][3]   -0.00822838 
_atom_sites.fract_transf_vector[1]      0.555512 
_atom_sites.fract_transf_vector[2]      0.788320 
_atom_sites.fract_transf_vector[3]      0.070868 
# 
_atom_sites_footnote.id     1 
_atom_sites_footnote.text   
'GLU I    88  - MET I    89     OMEGA  =121.89 PEPTIDE BOND DEVIATES SIGNIFICANTLY FROM TRANS CONFORMATION' 
# 
loop_
_atom_type.symbol 
C 
N 
O 
S 
# 
loop_
_atom_site.group_PDB 
_atom_site.id 
_atom_site.type_symbol 
_atom_site.label_atom_id 
_atom_site.label_alt_id 
_atom_site.label_comp_id 
_atom_site.label_asym_id 
_atom_site.label_entity_id 
_atom_site.label_seq_id 
_atom_site.pdbx_PDB_ins_code 
_atom_site.Cartn_x 
_atom_site.Cartn_y 
_atom_site.Cartn_z 
_atom_site.occupancy 
_atom_site.B_iso_or_equiv 
_atom_site.pdbx_formal_charge 
_atom_site.auth_seq_id 
_atom_site.auth_comp_id 
_atom_site.auth_asym_id 
_atom_site.auth_atom_id 
_atom_site.pdbx_PDB_model_num 
ATOM   1   N N   . GLY A 1 1   ? 20.145  -10.990 -10.683 0.00 0.00  ? 9    GLY I N   1 
ATOM   2   C CA  . GLY A 1 1   ? 20.074  -10.237 -9.423  1.00 28.40 ? 9    GLY I CA  1 
ATOM   3   C C   . GLY A 1 1   ? 19.018  -10.821 -8.501  1.00 41.87 ? 9    GLY I C   1 
ATOM   4   O O   . GLY A 1 1   ? 19.017  -12.033 -8.274  1.00 33.67 ? 9    GLY I O   1 
ATOM   5   N N   . ALA A 1 2   ? 18.543  -9.915  -7.671  1.00 35.61 ? 10   ALA I N   1 
ATOM   6   C CA  . ALA A 1 2   ? 17.956  -10.308 -6.392  1.00 29.23 ? 10   ALA I CA  1 
ATOM   7   C C   . ALA A 1 2   ? 17.534  -9.029  -5.695  1.00 43.24 ? 10   ALA I C   1 
ATOM   8   O O   . ALA A 1 2   ? 18.045  -7.953  -6.016  1.00 43.30 ? 10   ALA I O   1 
ATOM   9   C CB  . ALA A 1 2   ? 19.049  -10.905 -5.485  1.00 49.48 ? 10   ALA I CB  1 
ATOM   10  N N   . PRO A 1 3   ? 16.545  -9.147  -4.860  1.00 28.39 ? 11   PRO I N   1 
ATOM   11  C CA  . PRO A 1 3   ? 15.814  -7.933  -4.596  1.00 30.16 ? 11   PRO I CA  1 
ATOM   12  C C   . PRO A 1 3   ? 16.539  -6.999  -3.624  1.00 15.90 ? 11   PRO I C   1 
ATOM   13  O O   . PRO A 1 3   ? 17.214  -7.487  -2.725  1.00 15.25 ? 11   PRO I O   1 
ATOM   14  C CB  . PRO A 1 3   ? 14.439  -8.440  -4.187  1.00 21.50 ? 11   PRO I CB  1 
ATOM   15  C CG  . PRO A 1 3   ? 14.480  -9.959  -4.137  1.00 34.42 ? 11   PRO I CG  1 
ATOM   16  C CD  . PRO A 1 3   ? 15.908  -10.378 -4.357  1.00 27.88 ? 11   PRO I CD  1 
ATOM   17  N N   . VAL A 1 4   ? 16.539  -5.715  -3.995  1.00 21.33 ? 12   VAL I N   1 
ATOM   18  C CA  . VAL A 1 4   ? 17.382  -4.657  -3.376  1.00 21.38 ? 12   VAL I CA  1 
ATOM   19  C C   . VAL A 1 4   ? 16.536  -3.426  -3.066  1.00 14.15 ? 12   VAL I C   1 
ATOM   20  O O   . VAL A 1 4   ? 15.367  -3.342  -3.424  1.00 19.89 ? 12   VAL I O   1 
ATOM   21  C CB  . VAL A 1 4   ? 18.511  -4.348  -4.415  1.00 23.68 ? 12   VAL I CB  1 
ATOM   22  C CG1 . VAL A 1 4   ? 17.978  -4.466  -5.856  1.00 36.85 ? 12   VAL I CG1 1 
ATOM   23  C CG2 . VAL A 1 4   ? 19.349  -3.079  -4.224  1.00 28.84 ? 12   VAL I CG2 1 
ATOM   24  N N   . PRO A 1 5   ? 16.917  -2.720  -2.050  1.00 17.25 ? 13   PRO I N   1 
ATOM   25  C CA  . PRO A 1 5   ? 15.990  -1.747  -1.467  1.00 18.18 ? 13   PRO I CA  1 
ATOM   26  C C   . PRO A 1 5   ? 15.750  -0.564  -2.419  1.00 15.87 ? 13   PRO I C   1 
ATOM   27  O O   . PRO A 1 5   ? 16.638  -0.187  -3.198  1.00 18.78 ? 13   PRO I O   1 
ATOM   28  C CB  . PRO A 1 5   ? 16.725  -1.302  -0.185  1.00 17.21 ? 13   PRO I CB  1 
ATOM   29  C CG  . PRO A 1 5   ? 17.621  -2.472  0.159   1.00 24.11 ? 13   PRO I CG  1 
ATOM   30  C CD  . PRO A 1 5   ? 18.061  -3.011  -1.189  1.00 27.47 ? 13   PRO I CD  1 
ATOM   31  N N   . VAL A 1 6   ? 14.549  0.000   -2.272  1.00 15.15 ? 14   VAL I N   1 
ATOM   32  C CA  . VAL A 1 6   ? 14.167  1.202   -2.972  1.00 3.00  ? 14   VAL I CA  1 
ATOM   33  C C   . VAL A 1 6   ? 13.927  2.208   -1.887  1.00 3.06  ? 14   VAL I C   1 
ATOM   34  O O   . VAL A 1 6   ? 13.610  1.768   -0.786  1.00 8.08  ? 14   VAL I O   1 
ATOM   35  C CB  . VAL A 1 6   ? 12.795  1.076   -3.548  1.00 4.92  ? 14   VAL I CB  1 
ATOM   36  C CG1 . VAL A 1 6   ? 12.749  2.052   -4.722  1.00 24.12 ? 14   VAL I CG1 1 
ATOM   37  C CG2 . VAL A 1 6   ? 12.618  -0.355  -4.016  1.00 22.56 ? 14   VAL I CG2 1 
ATOM   38  N N   . ASP A 1 7   ? 14.372  3.415   -2.102  1.00 27.55 ? 15   ASP I N   1 
ATOM   39  C CA  . ASP A 1 7   ? 14.287  4.348   -0.977  1.00 17.89 ? 15   ASP I CA  1 
ATOM   40  C C   . ASP A 1 7   ? 12.868  4.905   -0.975  1.00 7.85  ? 15   ASP I C   1 
ATOM   41  O O   . ASP A 1 7   ? 12.286  4.973   -2.047  1.00 20.53 ? 15   ASP I O   1 
ATOM   42  C CB  . ASP A 1 7   ? 15.316  5.455   -1.193  1.00 17.56 ? 15   ASP I CB  1 
ATOM   43  C CG  . ASP A 1 7   ? 15.819  5.891   0.182   1.00 62.61 ? 15   ASP I CG  1 
ATOM   44  O OD1 . ASP A 1 7   ? 15.215  6.755   0.817   1.00 54.55 ? 15   ASP I OD1 1 
ATOM   45  O OD2 . ASP A 1 7   ? 16.825  5.378   0.674   1.00 56.71 ? 15   ASP I OD2 1 
ATOM   46  N N   . GLU A 1 8   ? 12.322  5.211   0.184   1.00 15.58 ? 16   GLU I N   1 
ATOM   47  C CA  . GLU A 1 8   ? 10.890  5.612   0.281   1.00 19.93 ? 16   GLU I CA  1 
ATOM   48  C C   . GLU A 1 8   ? 10.506  6.788   -0.599  1.00 21.59 ? 16   GLU I C   1 
ATOM   49  O O   . GLU A 1 8   ? 9.413   7.348   -0.480  1.00 29.43 ? 16   GLU I O   1 
ATOM   50  C CB  . GLU A 1 8   ? 10.595  5.982   1.750   1.00 37.47 ? 16   GLU I CB  1 
ATOM   51  C CG  . GLU A 1 8   ? 9.719   4.910   2.419   1.00 50.96 ? 16   GLU I CG  1 
ATOM   52  C CD  . GLU A 1 8   ? 8.372   5.003   1.708   1.00 56.45 ? 16   GLU I CD  1 
ATOM   53  O OE1 . GLU A 1 8   ? 7.872   6.105   1.489   1.00 55.54 ? 16   GLU I OE1 1 
ATOM   54  O OE2 . GLU A 1 8   ? 7.779   3.996   1.336   1.00 55.57 ? 16   GLU I OE2 1 
ATOM   55  N N   . ASN A 1 9   ? 11.524  7.421   -1.066  1.00 35.63 ? 17   ASN I N   1 
ATOM   56  C CA  . ASN A 1 9   ? 11.362  8.736   -1.620  1.00 24.25 ? 17   ASN I CA  1 
ATOM   57  C C   . ASN A 1 9   ? 11.276  8.595   -3.139  1.00 31.52 ? 17   ASN I C   1 
ATOM   58  O O   . ASN A 1 9   ? 10.987  9.552   -3.861  1.00 33.41 ? 17   ASN I O   1 
ATOM   59  C CB  . ASN A 1 9   ? 12.546  9.558   -1.103  1.00 21.30 ? 17   ASN I CB  1 
ATOM   60  C CG  . ASN A 1 9   ? 12.026  10.377  0.076   1.00 34.82 ? 17   ASN I CG  1 
ATOM   61  O OD1 . ASN A 1 9   ? 11.043  9.995   0.720   1.00 37.06 ? 17   ASN I OD1 1 
ATOM   62  N ND2 . ASN A 1 9   ? 12.671  11.507  0.329   1.00 38.79 ? 17   ASN I ND2 1 
ATOM   63  N N   . ASP A 1 10  ? 11.293  7.335   -3.536  1.00 10.74 ? 18   ASP I N   1 
ATOM   64  C CA  . ASP A 1 10  ? 11.224  6.896   -4.937  1.00 12.23 ? 18   ASP I CA  1 
ATOM   65  C C   . ASP A 1 10  ? 9.809   6.984   -5.481  1.00 3.00  ? 18   ASP I C   1 
ATOM   66  O O   . ASP A 1 10  ? 8.849   6.834   -4.741  1.00 12.13 ? 18   ASP I O   1 
ATOM   67  C CB  . ASP A 1 10  ? 11.761  5.441   -5.074  1.00 14.59 ? 18   ASP I CB  1 
ATOM   68  C CG  . ASP A 1 10  ? 11.730  4.926   -6.519  1.00 4.58  ? 18   ASP I CG  1 
ATOM   69  O OD1 . ASP A 1 10  ? 12.570  5.269   -7.348  1.00 21.27 ? 18   ASP I OD1 1 
ATOM   70  O OD2 . ASP A 1 10  ? 10.886  4.128   -6.876  1.00 21.24 ? 18   ASP I OD2 1 
ATOM   71  N N   . GLU A 1 11  ? 9.699   7.207   -6.727  1.00 3.00  ? 19   GLU I N   1 
ATOM   72  C CA  . GLU A 1 11  ? 8.383   7.470   -7.215  1.00 5.96  ? 19   GLU I CA  1 
ATOM   73  C C   . GLU A 1 11  ? 7.726   6.227   -7.751  1.00 10.37 ? 19   GLU I C   1 
ATOM   74  O O   . GLU A 1 11  ? 6.509   6.236   -7.930  1.00 8.63  ? 19   GLU I O   1 
ATOM   75  C CB  . GLU A 1 11  ? 8.295   8.596   -8.267  1.00 8.10  ? 19   GLU I CB  1 
ATOM   76  C CG  . GLU A 1 11  ? 9.226   8.461   -9.473  1.00 51.63 ? 19   GLU I CG  1 
ATOM   77  C CD  . GLU A 1 11  ? 9.334   9.812   -10.186 1.00 62.73 ? 19   GLU I CD  1 
ATOM   78  O OE1 . GLU A 1 11  ? 9.294   10.885  -9.565  1.00 50.83 ? 19   GLU I OE1 1 
ATOM   79  O OE2 . GLU A 1 11  ? 9.472   9.822   -11.413 1.00 53.13 ? 19   GLU I OE2 1 
ATOM   80  N N   . GLY A 1 12  ? 8.536   5.216   -7.995  1.00 10.06 ? 20   GLY I N   1 
ATOM   81  C CA  . GLY A 1 12  ? 7.893   3.973   -8.443  1.00 14.90 ? 20   GLY I CA  1 
ATOM   82  C C   . GLY A 1 12  ? 7.211   3.298   -7.241  1.00 25.96 ? 20   GLY I C   1 
ATOM   83  O O   . GLY A 1 12  ? 6.159   2.669   -7.392  1.00 16.10 ? 20   GLY I O   1 
ATOM   84  N N   . LEU A 1 13  ? 7.954   3.329   -6.135  1.00 9.29  ? 21   LEU I N   1 
ATOM   85  C CA  . LEU A 1 13  ? 7.612   2.718   -4.881  1.00 3.00  ? 21   LEU I CA  1 
ATOM   86  C C   . LEU A 1 13  ? 6.351   3.428   -4.458  1.00 3.00  ? 21   LEU I C   1 
ATOM   87  O O   . LEU A 1 13  ? 5.337   2.737   -4.347  1.00 18.01 ? 21   LEU I O   1 
ATOM   88  C CB  . LEU A 1 13  ? 8.722   2.961   -3.810  1.00 3.00  ? 21   LEU I CB  1 
ATOM   89  C CG  . LEU A 1 13  ? 8.311   2.291   -2.513  1.00 3.00  ? 21   LEU I CG  1 
ATOM   90  C CD1 . LEU A 1 13  ? 8.606   0.779   -2.639  1.00 7.74  ? 21   LEU I CD1 1 
ATOM   91  C CD2 . LEU A 1 13  ? 9.061   2.893   -1.328  1.00 14.26 ? 21   LEU I CD2 1 
ATOM   92  N N   . GLN A 1 14  ? 6.375   4.745   -4.454  1.00 3.49  ? 22   GLN I N   1 
ATOM   93  C CA  . GLN A 1 14  ? 5.208   5.597   -4.042  1.00 8.15  ? 22   GLN I CA  1 
ATOM   94  C C   . GLN A 1 14  ? 3.949   5.295   -4.872  1.00 13.18 ? 22   GLN I C   1 
ATOM   95  O O   . GLN A 1 14  ? 2.842   5.431   -4.375  1.00 18.50 ? 22   GLN I O   1 
ATOM   96  C CB  . GLN A 1 14  ? 5.564   7.115   -4.077  1.00 3.00  ? 22   GLN I CB  1 
ATOM   97  C CG  . GLN A 1 14  ? 6.445   7.614   -2.942  1.00 37.61 ? 22   GLN I CG  1 
ATOM   98  C CD  . GLN A 1 14  ? 6.771   9.092   -3.161  1.00 50.49 ? 22   GLN I CD  1 
ATOM   99  O OE1 . GLN A 1 14  ? 7.778   9.401   -3.801  1.00 45.23 ? 22   GLN I OE1 1 
ATOM   100 N NE2 . GLN A 1 14  ? 5.955   9.966   -2.594  1.00 44.75 ? 22   GLN I NE2 1 
ATOM   101 N N   . ARG A 1 15  ? 4.095   4.744   -6.058  1.00 14.14 ? 23   ARG I N   1 
ATOM   102 C CA  . ARG A 1 15  ? 2.962   4.402   -6.968  1.00 18.03 ? 23   ARG I CA  1 
ATOM   103 C C   . ARG A 1 15  ? 2.478   2.996   -6.668  1.00 17.83 ? 23   ARG I C   1 
ATOM   104 O O   . ARG A 1 15  ? 1.318   2.631   -6.934  1.00 8.57  ? 23   ARG I O   1 
ATOM   105 C CB  . ARG A 1 15  ? 3.420   4.432   -8.459  1.00 3.00  ? 23   ARG I CB  1 
ATOM   106 C CG  . ARG A 1 15  ? 2.410   3.911   -9.465  1.00 29.17 ? 23   ARG I CG  1 
ATOM   107 C CD  . ARG A 1 15  ? 2.978   4.343   -10.823 1.00 49.22 ? 23   ARG I CD  1 
ATOM   108 N NE  . ARG A 1 15  ? 2.276   3.702   -11.926 1.00 38.21 ? 23   ARG I NE  1 
ATOM   109 C CZ  . ARG A 1 15  ? 2.741   2.607   -12.499 1.00 45.75 ? 23   ARG I CZ  1 
ATOM   110 N NH1 . ARG A 1 15  ? 3.811   1.906   -12.004 1.00 39.05 ? 23   ARG I NH1 1 
ATOM   111 N NH2 . ARG A 1 15  ? 2.037   2.169   -13.513 1.00 40.56 ? 23   ARG I NH2 1 
ATOM   112 N N   . ALA A 1 16  ? 3.453   2.255   -6.240  1.00 5.33  ? 24   ALA I N   1 
ATOM   113 C CA  . ALA A 1 16  ? 3.261   0.811   -6.032  1.00 3.00  ? 24   ALA I CA  1 
ATOM   114 C C   . ALA A 1 16  ? 2.504   0.689   -4.745  1.00 7.06  ? 24   ALA I C   1 
ATOM   115 O O   . ALA A 1 16  ? 1.747   -0.261  -4.626  1.00 9.77  ? 24   ALA I O   1 
ATOM   116 C CB  . ALA A 1 16  ? 4.555   0.081   -5.721  1.00 3.00  ? 24   ALA I CB  1 
ATOM   117 N N   . LEU A 1 17  ? 2.890   1.551   -3.819  1.00 3.00  ? 25   LEU I N   1 
ATOM   118 C CA  . LEU A 1 17  ? 2.344   1.432   -2.464  1.00 3.00  ? 25   LEU I CA  1 
ATOM   119 C C   . LEU A 1 17  ? 0.950   1.984   -2.483  1.00 18.60 ? 25   LEU I C   1 
ATOM   120 O O   . LEU A 1 17  ? 0.180   1.728   -1.563  1.00 21.37 ? 25   LEU I O   1 
ATOM   121 C CB  . LEU A 1 17  ? 3.086   2.343   -1.507  1.00 3.71  ? 25   LEU I CB  1 
ATOM   122 C CG  . LEU A 1 17  ? 2.785   2.026   -0.065  1.00 24.82 ? 25   LEU I CG  1 
ATOM   123 C CD1 . LEU A 1 17  ? 3.218   0.572   0.261   1.00 22.02 ? 25   LEU I CD1 1 
ATOM   124 C CD2 . LEU A 1 17  ? 3.490   3.094   0.799   1.00 36.40 ? 25   LEU I CD2 1 
ATOM   125 N N   . GLN A 1 18  ? 0.787   2.970   -3.325  1.00 3.00  ? 26   GLN I N   1 
ATOM   126 C CA  . GLN A 1 18  ? -0.505  3.626   -3.289  1.00 3.00  ? 26   GLN I CA  1 
ATOM   127 C C   . GLN A 1 18  ? -1.410  2.634   -4.012  1.00 3.00  ? 26   GLN I C   1 
ATOM   128 O O   . GLN A 1 18  ? -2.563  2.919   -4.225  1.00 8.06  ? 26   GLN I O   1 
ATOM   129 C CB  . GLN A 1 18  ? -0.409  4.824   -4.249  1.00 10.03 ? 26   GLN I CB  1 
ATOM   130 C CG  . GLN A 1 18  ? -1.070  6.116   -3.733  1.00 46.36 ? 26   GLN I CG  1 
ATOM   131 C CD  . GLN A 1 18  ? -0.801  7.249   -4.719  1.00 47.57 ? 26   GLN I CD  1 
ATOM   132 O OE1 . GLN A 1 18  ? 0.088   8.074   -4.499  1.00 48.73 ? 26   GLN I OE1 1 
ATOM   133 N NE2 . GLN A 1 18  ? -1.579  7.276   -5.771  1.00 47.56 ? 26   GLN I NE2 1 
ATOM   134 N N   . PHE A 1 19  ? -0.858  1.696   -4.724  1.00 6.18  ? 27   PHE I N   1 
ATOM   135 C CA  . PHE A 1 19  ? -1.717  0.844   -5.565  1.00 3.00  ? 27   PHE I CA  1 
ATOM   136 C C   . PHE A 1 19  ? -2.149  -0.319  -4.691  1.00 10.49 ? 27   PHE I C   1 
ATOM   137 O O   . PHE A 1 19  ? -3.333  -0.622  -4.628  1.00 19.19 ? 27   PHE I O   1 
ATOM   138 C CB  . PHE A 1 19  ? -0.911  0.352   -6.769  1.00 3.00  ? 27   PHE I CB  1 
ATOM   139 C CG  . PHE A 1 19  ? -1.568  -0.775  -7.560  1.00 3.00  ? 27   PHE I CG  1 
ATOM   140 C CD1 . PHE A 1 19  ? -2.670  -0.529  -8.307  1.00 3.00  ? 27   PHE I CD1 1 
ATOM   141 C CD2 . PHE A 1 19  ? -1.113  -2.061  -7.434  1.00 11.69 ? 27   PHE I CD2 1 
ATOM   142 C CE1 . PHE A 1 19  ? -3.322  -1.570  -8.943  1.00 3.00  ? 27   PHE I CE1 1 
ATOM   143 C CE2 . PHE A 1 19  ? -1.760  -3.100  -8.071  1.00 12.26 ? 27   PHE I CE2 1 
ATOM   144 C CZ  . PHE A 1 19  ? -2.870  -2.842  -8.833  1.00 3.00  ? 27   PHE I CZ  1 
ATOM   145 N N   . ALA A 1 20  ? -1.226  -0.791  -3.903  1.00 3.74  ? 28   ALA I N   1 
ATOM   146 C CA  . ALA A 1 20  ? -1.474  -1.841  -2.936  1.00 3.00  ? 28   ALA I CA  1 
ATOM   147 C C   . ALA A 1 20  ? -2.618  -1.397  -2.061  1.00 3.00  ? 28   ALA I C   1 
ATOM   148 O O   . ALA A 1 20  ? -3.479  -2.212  -1.827  1.00 3.35  ? 28   ALA I O   1 
ATOM   149 C CB  . ALA A 1 20  ? -0.271  -2.025  -2.023  1.00 3.00  ? 28   ALA I CB  1 
ATOM   150 N N   . MET A 1 21  ? -2.599  -0.179  -1.599  1.00 3.00  ? 29   MET I N   1 
ATOM   151 C CA  . MET A 1 21  ? -3.522  0.201   -0.565  1.00 7.45  ? 29   MET I CA  1 
ATOM   152 C C   . MET A 1 21  ? -4.982  0.414   -1.047  1.00 8.99  ? 29   MET I C   1 
ATOM   153 O O   . MET A 1 21  ? -5.857  0.573   -0.212  1.00 3.01  ? 29   MET I O   1 
ATOM   154 C CB  . MET A 1 21  ? -2.972  1.439   0.238   1.00 8.02  ? 29   MET I CB  1 
ATOM   155 C CG  . MET A 1 21  ? -2.038  1.236   1.444   1.00 28.45 ? 29   MET I CG  1 
ATOM   156 S SD  . MET A 1 21  ? -2.757  0.378   2.852   1.00 20.93 ? 29   MET I SD  1 
ATOM   157 C CE  . MET A 1 21  ? -2.713  -1.261  2.123   1.00 19.34 ? 29   MET I CE  1 
ATOM   158 N N   . ALA A 1 22  ? -5.171  0.766   -2.270  1.00 3.00  ? 30   ALA I N   1 
ATOM   159 C CA  . ALA A 1 22  ? -6.479  1.178   -2.765  1.00 7.95  ? 30   ALA I CA  1 
ATOM   160 C C   . ALA A 1 22  ? -7.239  -0.071  -3.139  1.00 6.76  ? 30   ALA I C   1 
ATOM   161 O O   . ALA A 1 22  ? -8.440  -0.233  -2.867  1.00 13.69 ? 30   ALA I O   1 
ATOM   162 C CB  . ALA A 1 22  ? -6.338  1.940   -4.090  1.00 12.82 ? 30   ALA I CB  1 
ATOM   163 N N   . GLU A 1 23  ? -6.405  -0.965  -3.528  1.00 3.00  ? 31   GLU I N   1 
ATOM   164 C CA  . GLU A 1 23  ? -6.864  -2.327  -3.757  1.00 5.81  ? 31   GLU I CA  1 
ATOM   165 C C   . GLU A 1 23  ? -7.029  -2.985  -2.405  1.00 9.92  ? 31   GLU I C   1 
ATOM   166 O O   . GLU A 1 23  ? -7.586  -4.060  -2.332  1.00 15.27 ? 31   GLU I O   1 
ATOM   167 C CB  . GLU A 1 23  ? -5.743  -3.095  -4.462  1.00 10.83 ? 31   GLU I CB  1 
ATOM   168 C CG  . GLU A 1 23  ? -6.244  -4.437  -4.995  1.00 31.32 ? 31   GLU I CG  1 
ATOM   169 C CD  . GLU A 1 23  ? -6.225  -4.295  -6.508  1.00 24.03 ? 31   GLU I CD  1 
ATOM   170 O OE1 . GLU A 1 23  ? -6.549  -3.245  -7.060  1.00 26.79 ? 31   GLU I OE1 1 
ATOM   171 O OE2 . GLU A 1 23  ? -5.843  -5.236  -7.186  1.00 30.34 ? 31   GLU I OE2 1 
ATOM   172 N N   . TYR A 1 24  ? -6.344  -2.509  -1.393  1.00 4.77  ? 32   TYR I N   1 
ATOM   173 C CA  . TYR A 1 24  ? -6.598  -3.249  -0.128  1.00 3.00  ? 32   TYR I CA  1 
ATOM   174 C C   . TYR A 1 24  ? -7.928  -2.708  0.363   1.00 3.00  ? 32   TYR I C   1 
ATOM   175 O O   . TYR A 1 24  ? -8.906  -3.377  0.600   1.00 13.58 ? 32   TYR I O   1 
ATOM   176 C CB  . TYR A 1 24  ? -5.487  -2.865  0.865   1.00 3.00  ? 32   TYR I CB  1 
ATOM   177 C CG  . TYR A 1 24  ? -5.724  -3.379  2.304   1.00 5.89  ? 32   TYR I CG  1 
ATOM   178 C CD1 . TYR A 1 24  ? -5.340  -4.643  2.672   1.00 8.95  ? 32   TYR I CD1 1 
ATOM   179 C CD2 . TYR A 1 24  ? -6.347  -2.578  3.213   1.00 3.00  ? 32   TYR I CD2 1 
ATOM   180 C CE1 . TYR A 1 24  ? -5.524  -5.061  3.981   1.00 16.30 ? 32   TYR I CE1 1 
ATOM   181 C CE2 . TYR A 1 24  ? -6.559  -3.010  4.498   1.00 9.44  ? 32   TYR I CE2 1 
ATOM   182 C CZ  . TYR A 1 24  ? -6.121  -4.232  4.894   1.00 19.52 ? 32   TYR I CZ  1 
ATOM   183 O OH  . TYR A 1 24  ? -6.150  -4.570  6.249   1.00 22.74 ? 32   TYR I OH  1 
ATOM   184 N N   . ASN A 1 25  ? -8.023  -1.487  0.333   1.00 3.00  ? 33   ASN I N   1 
ATOM   185 C CA  . ASN A 1 25  ? -9.245  -0.757  0.711   1.00 4.86  ? 33   ASN I CA  1 
ATOM   186 C C   . ASN A 1 25  ? -10.615 -1.122  0.102   1.00 3.83  ? 33   ASN I C   1 
ATOM   187 O O   . ASN A 1 25  ? -11.530 -1.346  0.882   1.00 5.68  ? 33   ASN I O   1 
ATOM   188 C CB  . ASN A 1 25  ? -8.891  0.694   0.478   1.00 4.26  ? 33   ASN I CB  1 
ATOM   189 C CG  . ASN A 1 25  ? -8.491  1.254   1.830   1.00 10.24 ? 33   ASN I CG  1 
ATOM   190 O OD1 . ASN A 1 25  ? -9.389  1.372   2.647   1.00 15.17 ? 33   ASN I OD1 1 
ATOM   191 N ND2 . ASN A 1 25  ? -7.222  1.614   2.030   1.00 8.09  ? 33   ASN I ND2 1 
ATOM   192 N N   . ARG A 1 26  ? -10.642 -1.600  -1.132  1.00 5.50  ? 34   ARG I N   1 
ATOM   193 C CA  . ARG A 1 26  ? -11.830 -2.282  -1.726  1.00 3.00  ? 34   ARG I CA  1 
ATOM   194 C C   . ARG A 1 26  ? -12.043 -3.714  -1.256  1.00 7.79  ? 34   ARG I C   1 
ATOM   195 O O   . ARG A 1 26  ? -12.928 -4.433  -1.735  1.00 5.09  ? 34   ARG I O   1 
ATOM   196 C CB  . ARG A 1 26  ? -11.361 -2.685  -3.113  1.00 13.26 ? 34   ARG I CB  1 
ATOM   197 C CG  . ARG A 1 26  ? -11.112 -1.615  -4.187  1.00 23.61 ? 34   ARG I CG  1 
ATOM   198 C CD  . ARG A 1 26  ? -10.383 -2.371  -5.315  1.00 30.59 ? 34   ARG I CD  1 
ATOM   199 N NE  . ARG A 1 26  ? -10.630 -1.841  -6.650  1.00 16.39 ? 34   ARG I NE  1 
ATOM   200 C CZ  . ARG A 1 26  ? -9.730  -1.070  -7.163  1.00 20.43 ? 34   ARG I CZ  1 
ATOM   201 N NH1 . ARG A 1 26  ? -8.622  -0.768  -6.459  1.00 26.82 ? 34   ARG I NH1 1 
ATOM   202 N NH2 . ARG A 1 26  ? -9.943  -0.594  -8.369  1.00 36.41 ? 34   ARG I NH2 1 
ATOM   203 N N   . ALA A 1 27  ? -10.944 -4.349  -1.006  1.00 9.04  ? 35   ALA I N   1 
ATOM   204 C CA  . ALA A 1 27  ? -11.131 -5.757  -0.910  1.00 3.00  ? 35   ALA I CA  1 
ATOM   205 C C   . ALA A 1 27  ? -11.733 -6.080  0.453   1.00 9.15  ? 35   ALA I C   1 
ATOM   206 O O   . ALA A 1 27  ? -12.408 -7.108  0.617   1.00 9.82  ? 35   ALA I O   1 
ATOM   207 C CB  . ALA A 1 27  ? -9.792  -6.434  -0.980  1.00 11.11 ? 35   ALA I CB  1 
ATOM   208 N N   . SER A 1 28  ? -11.465 -5.171  1.378   1.00 29.46 ? 36   SER I N   1 
ATOM   209 C CA  . SER A 1 28  ? -12.013 -5.256  2.733   1.00 28.60 ? 36   SER I CA  1 
ATOM   210 C C   . SER A 1 28  ? -13.460 -4.784  2.740   1.00 32.55 ? 36   SER I C   1 
ATOM   211 O O   . SER A 1 28  ? -13.781 -3.826  2.053   1.00 19.20 ? 36   SER I O   1 
ATOM   212 C CB  . SER A 1 28  ? -11.213 -4.411  3.751   1.00 31.28 ? 36   SER I CB  1 
ATOM   213 O OG  . SER A 1 28  ? -11.425 -2.985  3.610   1.00 31.81 ? 36   SER I OG  1 
ATOM   214 N N   . ASN A 1 29  ? -14.270 -5.487  3.496   1.00 45.09 ? 37   ASN I N   1 
ATOM   215 C CA  . ASN A 1 29  ? -15.697 -5.241  3.690   1.00 39.68 ? 37   ASN I CA  1 
ATOM   216 C C   . ASN A 1 29  ? -15.873 -4.603  5.059   1.00 29.89 ? 37   ASN I C   1 
ATOM   217 O O   . ASN A 1 29  ? -16.912 -4.741  5.700   1.00 48.33 ? 37   ASN I O   1 
ATOM   218 C CB  . ASN A 1 29  ? -16.472 -6.577  3.521   1.00 31.50 ? 37   ASN I CB  1 
ATOM   219 C CG  . ASN A 1 29  ? -15.678 -7.705  4.199   1.00 28.17 ? 37   ASN I CG  1 
ATOM   220 O OD1 . ASN A 1 29  ? -15.122 -8.594  3.560   1.00 36.93 ? 37   ASN I OD1 1 
ATOM   221 N ND2 . ASN A 1 29  ? -15.591 -7.660  5.484   1.00 34.57 ? 37   ASN I ND2 1 
ATOM   222 N N   . ASP A 1 30  ? -15.069 -3.601  5.296   1.00 20.62 ? 38   ASP I N   1 
ATOM   223 C CA  . ASP A 1 30  ? -15.384 -2.700  6.432   1.00 29.67 ? 38   ASP I CA  1 
ATOM   224 C C   . ASP A 1 30  ? -15.877 -1.353  5.875   1.00 4.27  ? 38   ASP I C   1 
ATOM   225 O O   . ASP A 1 30  ? -16.198 -1.312  4.690   1.00 15.38 ? 38   ASP I O   1 
ATOM   226 C CB  . ASP A 1 30  ? -14.078 -2.725  7.221   1.00 13.27 ? 38   ASP I CB  1 
ATOM   227 C CG  . ASP A 1 30  ? -13.754 -1.659  8.247   1.00 34.06 ? 38   ASP I CG  1 
ATOM   228 O OD1 . ASP A 1 30  ? -14.529 -0.819  8.673   1.00 42.78 ? 38   ASP I OD1 1 
ATOM   229 O OD2 . ASP A 1 30  ? -12.598 -1.661  8.649   1.00 39.61 ? 38   ASP I OD2 1 
ATOM   230 N N   . LYS A 1 31  ? -16.186 -0.394  6.713   1.00 16.43 ? 39   LYS I N   1 
ATOM   231 C CA  . LYS A 1 31  ? -16.881 0.787   6.278   1.00 6.60  ? 39   LYS I CA  1 
ATOM   232 C C   . LYS A 1 31  ? -15.915 1.952   6.355   1.00 25.71 ? 39   LYS I C   1 
ATOM   233 O O   . LYS A 1 31  ? -16.083 2.977   5.694   1.00 25.91 ? 39   LYS I O   1 
ATOM   234 C CB  . LYS A 1 31  ? -18.127 1.077   7.143   1.00 24.77 ? 39   LYS I CB  1 
ATOM   235 C CG  . LYS A 1 31  ? -17.774 1.110   8.641   1.00 52.23 ? 39   LYS I CG  1 
ATOM   236 C CD  . LYS A 1 31  ? -19.011 1.300   9.537   1.00 36.20 ? 39   LYS I CD  1 
ATOM   237 C CE  . LYS A 1 31  ? -18.661 1.092   11.019  1.00 41.62 ? 39   LYS I CE  1 
ATOM   238 N NZ  . LYS A 1 31  ? -19.796 1.453   11.874  0.00 46.72 ? 39   LYS I NZ  1 
ATOM   239 N N   . TYR A 1 32  ? -14.885 1.712   7.099   1.00 5.69  ? 40   TYR I N   1 
ATOM   240 C CA  . TYR A 1 32  ? -13.849 2.728   7.164   1.00 22.54 ? 40   TYR I CA  1 
ATOM   241 C C   . TYR A 1 32  ? -12.677 2.311   6.271   1.00 5.55  ? 40   TYR I C   1 
ATOM   242 O O   . TYR A 1 32  ? -12.163 1.218   6.455   1.00 4.36  ? 40   TYR I O   1 
ATOM   243 C CB  . TYR A 1 32  ? -13.404 2.963   8.643   1.00 3.43  ? 40   TYR I CB  1 
ATOM   244 C CG  . TYR A 1 32  ? -14.604 3.249   9.561   1.00 11.66 ? 40   TYR I CG  1 
ATOM   245 C CD1 . TYR A 1 32  ? -15.542 4.212   9.249   1.00 27.98 ? 40   TYR I CD1 1 
ATOM   246 C CD2 . TYR A 1 32  ? -14.666 2.579   10.758  1.00 13.94 ? 40   TYR I CD2 1 
ATOM   247 C CE1 . TYR A 1 32  ? -16.557 4.509   10.137  1.00 12.83 ? 40   TYR I CE1 1 
ATOM   248 C CE2 . TYR A 1 32  ? -15.658 2.863   11.650  1.00 21.93 ? 40   TYR I CE2 1 
ATOM   249 C CZ  . TYR A 1 32  ? -16.600 3.825   11.354  1.00 30.65 ? 40   TYR I CZ  1 
ATOM   250 O OH  . TYR A 1 32  ? -17.537 4.088   12.294  1.00 25.32 ? 40   TYR I OH  1 
ATOM   251 N N   . SER A 1 33  ? -12.024 3.374   5.907   1.00 23.87 ? 41   SER I N   1 
ATOM   252 C CA  . SER A 1 33  ? -10.673 3.410   5.473   1.00 16.06 ? 41   SER I CA  1 
ATOM   253 C C   . SER A 1 33  ? -9.650  2.899   6.483   1.00 30.40 ? 41   SER I C   1 
ATOM   254 O O   . SER A 1 33  ? -9.736  3.249   7.663   1.00 28.94 ? 41   SER I O   1 
ATOM   255 C CB  . SER A 1 33  ? -10.372 4.882   5.222   1.00 17.56 ? 41   SER I CB  1 
ATOM   256 O OG  . SER A 1 33  ? -10.605 5.074   3.847   1.00 22.28 ? 41   SER I OG  1 
ATOM   257 N N   . SER A 1 34  ? -8.584  2.402   5.838   1.00 12.89 ? 42   SER I N   1 
ATOM   258 C CA  . SER A 1 34  ? -7.233  2.016   6.307   1.00 6.19  ? 42   SER I CA  1 
ATOM   259 C C   . SER A 1 34  ? -6.162  2.850   5.630   1.00 3.00  ? 42   SER I C   1 
ATOM   260 O O   . SER A 1 34  ? -6.426  3.305   4.531   1.00 3.00  ? 42   SER I O   1 
ATOM   261 C CB  . SER A 1 34  ? -6.954  0.515   6.042   1.00 3.00  ? 42   SER I CB  1 
ATOM   262 O OG  . SER A 1 34  ? -8.030  -0.214  6.606   1.00 3.00  ? 42   SER I OG  1 
ATOM   263 N N   . ARG A 1 35  ? -5.107  3.090   6.371   1.00 3.00  ? 43   ARG I N   1 
ATOM   264 C CA  . ARG A 1 35  ? -3.926  3.839   6.019   1.00 3.00  ? 43   ARG I CA  1 
ATOM   265 C C   . ARG A 1 35  ? -2.632  3.069   6.225   1.00 3.00  ? 43   ARG I C   1 
ATOM   266 O O   . ARG A 1 35  ? -2.582  2.273   7.143   1.00 3.43  ? 43   ARG I O   1 
ATOM   267 C CB  . ARG A 1 35  ? -3.844  5.044   6.975   1.00 4.54  ? 43   ARG I CB  1 
ATOM   268 C CG  . ARG A 1 35  ? -4.526  6.298   6.376   1.00 24.82 ? 43   ARG I CG  1 
ATOM   269 C CD  . ARG A 1 35  ? -3.823  7.645   6.759   1.00 33.82 ? 43   ARG I CD  1 
ATOM   270 N NE  . ARG A 1 35  ? -3.596  7.750   8.205   1.00 26.19 ? 43   ARG I NE  1 
ATOM   271 C CZ  . ARG A 1 35  ? -2.470  7.949   8.799   1.00 21.21 ? 43   ARG I CZ  1 
ATOM   272 N NH1 . ARG A 1 35  ? -1.346  8.080   8.142   1.00 16.97 ? 43   ARG I NH1 1 
ATOM   273 N NH2 . ARG A 1 35  ? -2.466  7.550   10.032  1.00 33.24 ? 43   ARG I NH2 1 
ATOM   274 N N   . VAL A 1 36  ? -1.514  3.438   5.591   1.00 3.40  ? 44   VAL I N   1 
ATOM   275 C CA  . VAL A 1 36  ? -0.138  2.959   5.987   1.00 3.53  ? 44   VAL I CA  1 
ATOM   276 C C   . VAL A 1 36  ? 0.398   3.784   7.152   1.00 19.86 ? 44   VAL I C   1 
ATOM   277 O O   . VAL A 1 36  ? 0.243   5.005   7.182   1.00 15.54 ? 44   VAL I O   1 
ATOM   278 C CB  . VAL A 1 36  ? 0.953   3.236   4.911   1.00 7.56  ? 44   VAL I CB  1 
ATOM   279 C CG1 . VAL A 1 36  ? 2.287   2.465   5.134   1.00 3.00  ? 44   VAL I CG1 1 
ATOM   280 C CG2 . VAL A 1 36  ? 0.404   2.925   3.516   1.00 10.95 ? 44   VAL I CG2 1 
ATOM   281 N N   . VAL A 1 37  ? 0.940   3.104   8.121   1.00 7.32  ? 45   VAL I N   1 
ATOM   282 C CA  . VAL A 1 37  ? 1.324   3.801   9.326   1.00 13.09 ? 45   VAL I CA  1 
ATOM   283 C C   . VAL A 1 37  ? 2.835   3.776   9.349   1.00 4.19  ? 45   VAL I C   1 
ATOM   284 O O   . VAL A 1 37  ? 3.469   4.657   9.948   1.00 23.34 ? 45   VAL I O   1 
ATOM   285 C CB  . VAL A 1 37  ? 0.646   3.082   10.529  1.00 34.36 ? 45   VAL I CB  1 
ATOM   286 C CG1 . VAL A 1 37  ? 1.319   3.275   11.898  1.00 21.24 ? 45   VAL I CG1 1 
ATOM   287 C CG2 . VAL A 1 37  ? -0.839  3.510   10.611  1.00 37.55 ? 45   VAL I CG2 1 
ATOM   288 N N   . ARG A 1 38  ? 3.332   2.974   8.432   1.00 3.00  ? 46   ARG I N   1 
ATOM   289 C CA  . ARG A 1 38  ? 4.804   2.792   8.339   1.00 3.21  ? 46   ARG I CA  1 
ATOM   290 C C   . ARG A 1 38  ? 5.159   1.822   7.206   1.00 3.00  ? 46   ARG I C   1 
ATOM   291 O O   . ARG A 1 38  ? 4.539   0.782   7.165   1.00 10.40 ? 46   ARG I O   1 
ATOM   292 C CB  . ARG A 1 38  ? 5.251   2.183   9.695   1.00 3.00  ? 46   ARG I CB  1 
ATOM   293 C CG  . ARG A 1 38  ? 6.688   1.641   9.579   1.00 32.83 ? 46   ARG I CG  1 
ATOM   294 C CD  . ARG A 1 38  ? 7.318   1.218   10.907  1.00 16.23 ? 46   ARG I CD  1 
ATOM   295 N NE  . ARG A 1 38  ? 7.101   2.260   11.894  1.00 19.82 ? 46   ARG I NE  1 
ATOM   296 C CZ  . ARG A 1 38  ? 8.057   3.006   12.353  1.00 25.76 ? 46   ARG I CZ  1 
ATOM   297 N NH1 . ARG A 1 38  ? 9.274   2.912   11.867  1.00 25.34 ? 46   ARG I NH1 1 
ATOM   298 N NH2 . ARG A 1 38  ? 7.770   3.811   13.332  1.00 27.77 ? 46   ARG I NH2 1 
ATOM   299 N N   . VAL A 1 39  ? 6.158   2.049   6.362   1.00 3.00  ? 47   VAL I N   1 
ATOM   300 C CA  . VAL A 1 39  ? 6.584   0.983   5.496   1.00 3.00  ? 47   VAL I CA  1 
ATOM   301 C C   . VAL A 1 39  ? 7.693   0.250   6.265   1.00 3.00  ? 47   VAL I C   1 
ATOM   302 O O   . VAL A 1 39  ? 8.340   0.954   7.013   1.00 11.30 ? 47   VAL I O   1 
ATOM   303 C CB  . VAL A 1 39  ? 7.059   1.630   4.161   1.00 3.00  ? 47   VAL I CB  1 
ATOM   304 C CG1 . VAL A 1 39  ? 7.371   0.599   3.053   1.00 5.00  ? 47   VAL I CG1 1 
ATOM   305 C CG2 . VAL A 1 39  ? 5.918   2.406   3.525   1.00 11.40 ? 47   VAL I CG2 1 
ATOM   306 N N   . ILE A 1 40  ? 7.706   -1.068  6.422   1.00 3.00  ? 48   ILE I N   1 
ATOM   307 C CA  . ILE A 1 40  ? 8.626   -1.804  7.277   1.00 3.00  ? 48   ILE I CA  1 
ATOM   308 C C   . ILE A 1 40  ? 9.902   -2.255  6.597   1.00 5.14  ? 48   ILE I C   1 
ATOM   309 O O   . ILE A 1 40  ? 10.987  -2.034  7.143   1.00 15.77 ? 48   ILE I O   1 
ATOM   310 C CB  . ILE A 1 40  ? 8.017   -3.090  7.846   1.00 5.52  ? 48   ILE I CB  1 
ATOM   311 C CG1 . ILE A 1 40  ? 6.719   -2.918  8.599   1.00 3.00  ? 48   ILE I CG1 1 
ATOM   312 C CG2 . ILE A 1 40  ? 8.969   -3.867  8.730   1.00 3.43  ? 48   ILE I CG2 1 
ATOM   313 C CD1 . ILE A 1 40  ? 6.060   -4.284  8.718   1.00 6.44  ? 48   ILE I CD1 1 
ATOM   314 N N   . SER A 1 41  ? 9.728   -2.641  5.331   1.00 3.00  ? 49   SER I N   1 
ATOM   315 C CA  . SER A 1 41  ? 10.735  -2.718  4.291   1.00 3.00  ? 49   SER I CA  1 
ATOM   316 C C   . SER A 1 41  ? 10.049  -2.533  2.951   1.00 14.33 ? 49   SER I C   1 
ATOM   317 O O   . SER A 1 41  ? 8.875   -2.863  2.877   1.00 7.83  ? 49   SER I O   1 
ATOM   318 C CB  . SER A 1 41  ? 11.404  -4.085  4.257   1.00 3.00  ? 49   SER I CB  1 
ATOM   319 O OG  . SER A 1 41  ? 10.474  -5.063  3.814   1.00 29.32 ? 49   SER I OG  1 
ATOM   320 N N   . ALA A 1 42  ? 10.748  -1.947  1.961   1.00 15.05 ? 50   ALA I N   1 
ATOM   321 C CA  . ALA A 1 42  ? 10.300  -1.725  0.559   1.00 3.00  ? 50   ALA I CA  1 
ATOM   322 C C   . ALA A 1 42  ? 11.485  -2.202  -0.261  1.00 3.00  ? 50   ALA I C   1 
ATOM   323 O O   . ALA A 1 42  ? 12.564  -1.920  0.232   1.00 7.57  ? 50   ALA I O   1 
ATOM   324 C CB  . ALA A 1 42  ? 10.191  -0.197  0.306   1.00 3.00  ? 50   ALA I CB  1 
ATOM   325 N N   . LYS A 1 43  ? 11.326  -3.204  -1.182  1.00 4.25  ? 51   LYS I N   1 
ATOM   326 C CA  . LYS A 1 43  ? 12.385  -3.736  -2.059  1.00 3.00  ? 51   LYS I CA  1 
ATOM   327 C C   . LYS A 1 43  ? 11.988  -3.696  -3.530  1.00 3.00  ? 51   LYS I C   1 
ATOM   328 O O   . LYS A 1 43  ? 10.882  -4.056  -3.838  1.00 5.35  ? 51   LYS I O   1 
ATOM   329 C CB  . LYS A 1 43  ? 12.738  -5.205  -1.791  1.00 3.00  ? 51   LYS I CB  1 
ATOM   330 C CG  . LYS A 1 43  ? 13.536  -5.249  -0.491  1.00 21.24 ? 51   LYS I CG  1 
ATOM   331 C CD  . LYS A 1 43  ? 14.009  -6.664  -0.143  1.00 15.48 ? 51   LYS I CD  1 
ATOM   332 C CE  . LYS A 1 43  ? 14.725  -6.619  1.226   1.00 30.42 ? 51   LYS I CE  1 
ATOM   333 N NZ  . LYS A 1 43  ? 15.215  -7.956  1.569   1.00 34.00 ? 51   LYS I NZ  1 
ATOM   334 N N   . ARG A 1 44  ? 12.908  -3.650  -4.462  1.00 14.90 ? 52   ARG I N   1 
ATOM   335 C CA  . ARG A 1 44  ? 12.509  -4.019  -5.820  1.00 3.00  ? 52   ARG I CA  1 
ATOM   336 C C   . ARG A 1 44  ? 13.449  -5.023  -6.494  1.00 3.38  ? 52   ARG I C   1 
ATOM   337 O O   . ARG A 1 44  ? 14.602  -5.152  -6.104  1.00 10.92 ? 52   ARG I O   1 
ATOM   338 C CB  . ARG A 1 44  ? 12.304  -2.832  -6.715  1.00 3.00  ? 52   ARG I CB  1 
ATOM   339 C CG  . ARG A 1 44  ? 13.566  -1.990  -6.726  1.00 28.12 ? 52   ARG I CG  1 
ATOM   340 C CD  . ARG A 1 44  ? 13.368  -0.642  -7.434  1.00 26.94 ? 52   ARG I CD  1 
ATOM   341 N NE  . ARG A 1 44  ? 14.613  0.106   -7.287  1.00 16.02 ? 52   ARG I NE  1 
ATOM   342 C CZ  . ARG A 1 44  ? 14.698  1.285   -7.761  1.00 19.37 ? 52   ARG I CZ  1 
ATOM   343 N NH1 . ARG A 1 44  ? 13.637  1.854   -8.335  1.00 33.86 ? 52   ARG I NH1 1 
ATOM   344 N NH2 . ARG A 1 44  ? 15.799  1.927   -7.548  1.00 17.69 ? 52   ARG I NH2 1 
ATOM   345 N N   . GLN A 1 45  ? 12.935  -5.707  -7.495  1.00 3.00  ? 53   GLN I N   1 
ATOM   346 C CA  . GLN A 1 45  ? 13.717  -6.462  -8.422  1.00 3.00  ? 53   GLN I CA  1 
ATOM   347 C C   . GLN A 1 45  ? 13.113  -6.504  -9.817  1.00 6.89  ? 53   GLN I C   1 
ATOM   348 O O   . GLN A 1 45  ? 11.958  -6.148  -10.100 1.00 5.69  ? 53   GLN I O   1 
ATOM   349 C CB  . GLN A 1 45  ? 14.228  -7.835  -7.937  1.00 5.44  ? 53   GLN I CB  1 
ATOM   350 C CG  . GLN A 1 45  ? 13.083  -8.860  -7.777  1.00 14.14 ? 53   GLN I CG  1 
ATOM   351 C CD  . GLN A 1 45  ? 13.673  -10.244 -7.934  1.00 6.97  ? 53   GLN I CD  1 
ATOM   352 O OE1 . GLN A 1 45  ? 14.894  -10.421 -7.946  1.00 17.65 ? 53   GLN I OE1 1 
ATOM   353 N NE2 . GLN A 1 45  ? 12.774  -11.171 -8.080  1.00 19.26 ? 53   GLN I NE2 1 
ATOM   354 N N   . LEU A 1 46  ? 14.056  -6.593  -10.672 1.00 41.13 ? 54   LEU I N   1 
ATOM   355 C CA  . LEU A 1 46  ? 13.813  -6.463  -12.089 1.00 43.95 ? 54   LEU I CA  1 
ATOM   356 C C   . LEU A 1 46  ? 13.818  -7.872  -12.694 1.00 34.76 ? 54   LEU I C   1 
ATOM   357 O O   . LEU A 1 46  ? 14.831  -8.564  -12.710 1.00 37.32 ? 54   LEU I O   1 
ATOM   358 C CB  . LEU A 1 46  ? 14.931  -5.524  -12.640 1.00 32.98 ? 54   LEU I CB  1 
ATOM   359 C CG  . LEU A 1 46  ? 14.756  -5.033  -14.106 1.00 24.67 ? 54   LEU I CG  1 
ATOM   360 C CD1 . LEU A 1 46  ? 14.944  -6.150  -15.148 1.00 25.05 ? 54   LEU I CD1 1 
ATOM   361 C CD2 . LEU A 1 46  ? 13.518  -4.163  -14.405 1.00 20.04 ? 54   LEU I CD2 1 
ATOM   362 N N   . VAL A 1 47  ? 12.679  -8.357  -13.010 1.00 24.16 ? 55   VAL I N   1 
ATOM   363 C CA  . VAL A 1 47  ? 12.730  -9.700  -13.536 1.00 34.48 ? 55   VAL I CA  1 
ATOM   364 C C   . VAL A 1 47  ? 12.337  -9.638  -15.001 1.00 36.97 ? 55   VAL I C   1 
ATOM   365 O O   . VAL A 1 47  ? 12.872  -10.397 -15.798 1.00 39.16 ? 55   VAL I O   1 
ATOM   366 C CB  . VAL A 1 47  ? 11.802  -10.693 -12.800 1.00 47.50 ? 55   VAL I CB  1 
ATOM   367 C CG1 . VAL A 1 47  ? 12.235  -11.089 -11.368 1.00 7.85  ? 55   VAL I CG1 1 
ATOM   368 C CG2 . VAL A 1 47  ? 10.325  -10.307 -12.933 1.00 12.99 ? 55   VAL I CG2 1 
ATOM   369 N N   . SER A 1 48  ? 11.657  -8.577  -15.366 1.00 28.44 ? 56   SER I N   1 
ATOM   370 C CA  . SER A 1 48  ? 11.435  -8.228  -16.778 1.00 24.55 ? 56   SER I CA  1 
ATOM   371 C C   . SER A 1 48  ? 10.699  -6.924  -16.724 1.00 25.95 ? 56   SER I C   1 
ATOM   372 O O   . SER A 1 48  ? 11.405  -5.935  -16.895 1.00 29.12 ? 56   SER I O   1 
ATOM   373 C CB  . SER A 1 48  ? 10.665  -9.263  -17.668 1.00 30.19 ? 56   SER I CB  1 
ATOM   374 O OG  . SER A 1 48  ? 9.282   -9.439  -17.321 1.00 34.80 ? 56   SER I OG  1 
ATOM   375 N N   . GLY A 1 49  ? 9.550   -6.986  -15.989 1.00 3.00  ? 57   GLY I N   1 
ATOM   376 C CA  . GLY A 1 49  ? 9.049   -5.748  -15.413 1.00 13.42 ? 57   GLY I CA  1 
ATOM   377 C C   . GLY A 1 49  ? 9.648   -5.485  -14.035 1.00 5.72  ? 57   GLY I C   1 
ATOM   378 O O   . GLY A 1 49  ? 10.505  -6.250  -13.638 1.00 6.97  ? 57   GLY I O   1 
ATOM   379 N N   . ILE A 1 50  ? 9.154   -4.503  -13.255 1.00 12.48 ? 58   ILE I N   1 
ATOM   380 C CA  . ILE A 1 50  ? 9.694   -4.223  -11.883 1.00 3.00  ? 58   ILE I CA  1 
ATOM   381 C C   . ILE A 1 50  ? 8.730   -4.666  -10.786 1.00 6.21  ? 58   ILE I C   1 
ATOM   382 O O   . ILE A 1 50  ? 7.513   -4.562  -10.923 1.00 9.05  ? 58   ILE I O   1 
ATOM   383 C CB  . ILE A 1 50  ? 9.952   -2.731  -11.708 1.00 3.00  ? 58   ILE I CB  1 
ATOM   384 C CG1 . ILE A 1 50  ? 10.803  -2.236  -12.822 1.00 3.00  ? 58   ILE I CG1 1 
ATOM   385 C CG2 . ILE A 1 50  ? 10.664  -2.316  -10.462 1.00 3.00  ? 58   ILE I CG2 1 
ATOM   386 C CD1 . ILE A 1 50  ? 9.928   -1.488  -13.828 1.00 26.28 ? 58   ILE I CD1 1 
ATOM   387 N N   . LYS A 1 51  ? 9.264   -5.507  -9.954  1.00 13.27 ? 59   LYS I N   1 
ATOM   388 C CA  . LYS A 1 51  ? 8.444   -6.254  -9.012  1.00 4.65  ? 59   LYS I CA  1 
ATOM   389 C C   . LYS A 1 51  ? 8.804   -5.732  -7.654  1.00 3.00  ? 59   LYS I C   1 
ATOM   390 O O   . LYS A 1 51  ? 9.974   -5.856  -7.369  1.00 3.78  ? 59   LYS I O   1 
ATOM   391 C CB  . LYS A 1 51  ? 9.026   -7.673  -9.062  1.00 11.00 ? 59   LYS I CB  1 
ATOM   392 C CG  . LYS A 1 51  ? 8.449   -8.638  -8.009  1.00 16.96 ? 59   LYS I CG  1 
ATOM   393 C CD  . LYS A 1 51  ? 9.074   -9.998  -8.266  1.00 21.87 ? 59   LYS I CD  1 
ATOM   394 C CE  . LYS A 1 51  ? 8.979   -10.935 -7.072  1.00 34.84 ? 59   LYS I CE  1 
ATOM   395 N NZ  . LYS A 1 51  ? 9.228   -12.271 -7.601  1.00 41.82 ? 59   LYS I NZ  1 
ATOM   396 N N   . TYR A 1 52  ? 7.890   -5.115  -6.947  1.00 3.87  ? 60   TYR I N   1 
ATOM   397 C CA  . TYR A 1 52  ? 8.133   -4.550  -5.643  1.00 3.00  ? 60   TYR I CA  1 
ATOM   398 C C   . TYR A 1 52  ? 7.622   -5.561  -4.623  1.00 3.00  ? 60   TYR I C   1 
ATOM   399 O O   . TYR A 1 52  ? 6.503   -6.028  -4.792  1.00 7.64  ? 60   TYR I O   1 
ATOM   400 C CB  . TYR A 1 52  ? 7.299   -3.281  -5.511  1.00 3.00  ? 60   TYR I CB  1 
ATOM   401 C CG  . TYR A 1 52  ? 7.710   -2.178  -6.504  1.00 3.00  ? 60   TYR I CG  1 
ATOM   402 C CD1 . TYR A 1 52  ? 7.225   -2.181  -7.774  1.00 3.00  ? 60   TYR I CD1 1 
ATOM   403 C CD2 . TYR A 1 52  ? 8.634   -1.220  -6.129  1.00 5.94  ? 60   TYR I CD2 1 
ATOM   404 C CE1 . TYR A 1 52  ? 7.669   -1.226  -8.678  1.00 3.00  ? 60   TYR I CE1 1 
ATOM   405 C CE2 . TYR A 1 52  ? 9.054   -0.242  -7.012  1.00 13.33 ? 60   TYR I CE2 1 
ATOM   406 C CZ  . TYR A 1 52  ? 8.569   -0.244  -8.302  1.00 15.58 ? 60   TYR I CZ  1 
ATOM   407 O OH  . TYR A 1 52  ? 8.990   0.717   -9.219  1.00 12.99 ? 60   TYR I OH  1 
ATOM   408 N N   . ILE A 1 53  ? 8.260   -5.582  -3.488  1.00 12.54 ? 61   ILE I N   1 
ATOM   409 C CA  . ILE A 1 53  ? 7.880   -6.284  -2.270  1.00 3.00  ? 61   ILE I CA  1 
ATOM   410 C C   . ILE A 1 53  ? 7.929   -5.296  -1.131  1.00 3.00  ? 61   ILE I C   1 
ATOM   411 O O   . ILE A 1 53  ? 8.974   -5.015  -0.542  1.00 3.00  ? 61   ILE I O   1 
ATOM   412 C CB  . ILE A 1 53  ? 8.840   -7.427  -1.884  1.00 3.00  ? 61   ILE I CB  1 
ATOM   413 C CG1 . ILE A 1 53  ? 9.071   -8.391  -3.046  1.00 3.00  ? 61   ILE I CG1 1 
ATOM   414 C CG2 . ILE A 1 53  ? 8.092   -8.190  -0.832  1.00 6.04  ? 61   ILE I CG2 1 
ATOM   415 C CD1 . ILE A 1 53  ? 10.520  -8.278  -3.454  1.00 4.61  ? 61   ILE I CD1 1 
ATOM   416 N N   . LEU A 1 54  ? 6.744   -4.990  -0.711  1.00 6.82  ? 62   LEU I N   1 
ATOM   417 C CA  . LEU A 1 54  ? 6.484   -3.994  0.355   1.00 9.35  ? 62   LEU I CA  1 
ATOM   418 C C   . LEU A 1 54  ? 6.119   -4.732  1.640   1.00 4.75  ? 62   LEU I C   1 
ATOM   419 O O   . LEU A 1 54  ? 5.425   -5.727  1.571   1.00 9.05  ? 62   LEU I O   1 
ATOM   420 C CB  . LEU A 1 54  ? 5.188   -3.178  -0.024  1.00 6.47  ? 62   LEU I CB  1 
ATOM   421 C CG  . LEU A 1 54  ? 5.170   -2.191  -1.223  1.00 3.00  ? 62   LEU I CG  1 
ATOM   422 C CD1 . LEU A 1 54  ? 6.501   -1.639  -1.740  1.00 3.00  ? 62   LEU I CD1 1 
ATOM   423 C CD2 . LEU A 1 54  ? 4.315   -2.636  -2.368  1.00 5.69  ? 62   LEU I CD2 1 
ATOM   424 N N   . GLN A 1 55  ? 6.414   -4.198  2.804   1.00 10.54 ? 63   GLN I N   1 
ATOM   425 C CA  . GLN A 1 55  ? 5.872   -4.752  4.068   1.00 3.00  ? 63   GLN I CA  1 
ATOM   426 C C   . GLN A 1 55  ? 5.285   -3.583  4.840   1.00 3.00  ? 63   GLN I C   1 
ATOM   427 O O   . GLN A 1 55  ? 5.875   -2.517  4.890   1.00 8.54  ? 63   GLN I O   1 
ATOM   428 C CB  . GLN A 1 55  ? 6.967   -5.262  4.974   1.00 3.00  ? 63   GLN I CB  1 
ATOM   429 C CG  . GLN A 1 55  ? 7.617   -6.563  4.551   1.00 22.86 ? 63   GLN I CG  1 
ATOM   430 C CD  . GLN A 1 55  ? 8.151   -7.154  5.857   1.00 37.32 ? 63   GLN I CD  1 
ATOM   431 O OE1 . GLN A 1 55  ? 9.250   -7.715  5.914   1.00 43.16 ? 63   GLN I OE1 1 
ATOM   432 N NE2 . GLN A 1 55  ? 7.343   -7.019  6.887   1.00 28.58 ? 63   GLN I NE2 1 
ATOM   433 N N   . VAL A 1 56  ? 4.025   -3.588  5.129   1.00 7.37  ? 64   VAL I N   1 
ATOM   434 C CA  . VAL A 1 56  ? 3.465   -2.320  5.578   1.00 5.76  ? 64   VAL I CA  1 
ATOM   435 C C   . VAL A 1 56  ? 2.597   -2.461  6.823   1.00 3.00  ? 64   VAL I C   1 
ATOM   436 O O   . VAL A 1 56  ? 2.029   -3.518  6.971   1.00 4.20  ? 64   VAL I O   1 
ATOM   437 C CB  . VAL A 1 56  ? 2.730   -1.693  4.383   1.00 3.00  ? 64   VAL I CB  1 
ATOM   438 C CG1 . VAL A 1 56  ? 1.391   -1.023  4.716   1.00 26.30 ? 64   VAL I CG1 1 
ATOM   439 C CG2 . VAL A 1 56  ? 3.649   -0.783  3.577   1.00 15.13 ? 64   VAL I CG2 1 
ATOM   440 N N   . GLU A 1 57  ? 2.638   -1.528  7.780   1.00 7.22  ? 65   GLU I N   1 
ATOM   441 C CA  . GLU A 1 57  ? 1.777   -1.571  8.948   1.00 3.00  ? 65   GLU I CA  1 
ATOM   442 C C   . GLU A 1 57  ? 0.633   -0.735  8.497   1.00 7.61  ? 65   GLU I C   1 
ATOM   443 O O   . GLU A 1 57  ? 0.848   0.420   8.149   1.00 18.45 ? 65   GLU I O   1 
ATOM   444 C CB  . GLU A 1 57  ? 2.280   -0.629  10.003  1.00 7.48  ? 65   GLU I CB  1 
ATOM   445 C CG  . GLU A 1 57  ? 3.376   -1.200  10.899  1.00 39.72 ? 65   GLU I CG  1 
ATOM   446 C CD  . GLU A 1 57  ? 2.923   -0.797  12.293  1.00 41.36 ? 65   GLU I CD  1 
ATOM   447 O OE1 . GLU A 1 57  ? 3.065   0.368   12.675  1.00 40.26 ? 65   GLU I OE1 1 
ATOM   448 O OE2 . GLU A 1 57  ? 2.379   -1.619  13.026  1.00 42.93 ? 65   GLU I OE2 1 
ATOM   449 N N   . ILE A 1 58  ? -0.523  -1.268  8.613   1.00 10.57 ? 66   ILE I N   1 
ATOM   450 C CA  . ILE A 1 58  ? -1.723  -0.533  8.174   1.00 4.41  ? 66   ILE I CA  1 
ATOM   451 C C   . ILE A 1 58  ? -2.609  -0.262  9.344   1.00 3.00  ? 66   ILE I C   1 
ATOM   452 O O   . ILE A 1 58  ? -2.505  -1.034  10.281  1.00 7.94  ? 66   ILE I O   1 
ATOM   453 C CB  . ILE A 1 58  ? -2.430  -1.526  7.276   1.00 3.00  ? 66   ILE I CB  1 
ATOM   454 C CG1 . ILE A 1 58  ? -1.611  -1.663  5.997   1.00 3.00  ? 66   ILE I CG1 1 
ATOM   455 C CG2 . ILE A 1 58  ? -3.817  -1.102  6.921   1.00 3.00  ? 66   ILE I CG2 1 
ATOM   456 C CD1 . ILE A 1 58  ? -2.122  -2.842  5.157   1.00 6.51  ? 66   ILE I CD1 1 
ATOM   457 N N   . GLY A 1 59  ? -3.270  0.874   9.400   1.00 3.18  ? 67   GLY I N   1 
ATOM   458 C CA  . GLY A 1 59  ? -4.107  1.076   10.589  1.00 3.39  ? 67   GLY I CA  1 
ATOM   459 C C   . GLY A 1 59  ? -5.545  1.384   10.252  1.00 8.94  ? 67   GLY I C   1 
ATOM   460 O O   . GLY A 1 59  ? -5.728  2.134   9.325   1.00 18.70 ? 67   GLY I O   1 
ATOM   461 N N   . ARG A 1 60  ? -6.492  1.115   11.118  1.00 6.67  ? 68   ARG I N   1 
ATOM   462 C CA  . ARG A 1 60  ? -7.808  1.650   10.798  1.00 3.00  ? 68   ARG I CA  1 
ATOM   463 C C   . ARG A 1 60  ? -8.174  3.045   11.301  1.00 9.99  ? 68   ARG I C   1 
ATOM   464 O O   . ARG A 1 60  ? -7.948  3.390   12.478  1.00 17.25 ? 68   ARG I O   1 
ATOM   465 C CB  . ARG A 1 60  ? -8.856  0.688   11.287  1.00 14.08 ? 68   ARG I CB  1 
ATOM   466 C CG  . ARG A 1 60  ? -10.046 0.576   10.321  1.00 43.95 ? 68   ARG I CG  1 
ATOM   467 C CD  . ARG A 1 60  ? -10.860 -0.707  10.590  1.00 15.69 ? 68   ARG I CD  1 
ATOM   468 N NE  . ARG A 1 60  ? -11.500 -0.638  11.902  1.00 31.84 ? 68   ARG I NE  1 
ATOM   469 C CZ  . ARG A 1 60  ? -12.762 -0.949  12.150  1.00 41.82 ? 68   ARG I CZ  1 
ATOM   470 N NH1 . ARG A 1 60  ? -13.545 -1.436  11.207  1.00 34.77 ? 68   ARG I NH1 1 
ATOM   471 N NH2 . ARG A 1 60  ? -13.226 -0.809  13.375  1.00 36.18 ? 68   ARG I NH2 1 
ATOM   472 N N   . THR A 1 61  ? -8.888  3.716   10.401  1.00 9.03  ? 69   THR I N   1 
ATOM   473 C CA  . THR A 1 61  ? -9.381  5.116   10.539  1.00 24.88 ? 69   THR I CA  1 
ATOM   474 C C   . THR A 1 61  ? -10.875 5.195   10.874  1.00 15.37 ? 69   THR I C   1 
ATOM   475 O O   . THR A 1 61  ? -11.532 4.164   10.932  1.00 9.36  ? 69   THR I O   1 
ATOM   476 C CB  . THR A 1 61  ? -9.123  5.999   9.281   1.00 17.02 ? 69   THR I CB  1 
ATOM   477 O OG1 . THR A 1 61  ? -10.137 6.035   8.297   1.00 5.88  ? 69   THR I OG1 1 
ATOM   478 C CG2 . THR A 1 61  ? -7.730  6.193   8.701   1.00 3.00  ? 69   THR I CG2 1 
ATOM   479 N N   . THR A 1 62  ? -11.383 6.367   11.181  1.00 20.59 ? 70   THR I N   1 
ATOM   480 C CA  . THR A 1 62  ? -12.793 6.462   11.508  1.00 11.31 ? 70   THR I CA  1 
ATOM   481 C C   . THR A 1 62  ? -13.497 7.140   10.362  1.00 12.47 ? 70   THR I C   1 
ATOM   482 O O   . THR A 1 62  ? -14.312 8.023   10.625  1.00 15.49 ? 70   THR I O   1 
ATOM   483 C CB  . THR A 1 62  ? -12.938 7.286   12.787  1.00 12.34 ? 70   THR I CB  1 
ATOM   484 O OG1 . THR A 1 62  ? -11.816 8.172   12.882  1.00 31.19 ? 70   THR I OG1 1 
ATOM   485 C CG2 . THR A 1 62  ? -12.950 6.345   13.995  1.00 30.75 ? 70   THR I CG2 1 
ATOM   486 N N   . CYS A 1 63  ? -12.872 6.998   9.215   1.00 24.57 ? 71   CYS I N   1 
ATOM   487 C CA  . CYS A 1 63  ? -13.198 7.792   8.025   1.00 13.49 ? 71   CYS I CA  1 
ATOM   488 C C   . CYS A 1 63  ? -13.792 6.847   7.019   1.00 32.93 ? 71   CYS I C   1 
ATOM   489 O O   . CYS A 1 63  ? -13.073 5.988   6.529   1.00 29.65 ? 71   CYS I O   1 
ATOM   490 C CB  . CYS A 1 63  ? -11.965 8.334   7.281   1.00 10.90 ? 71   CYS I CB  1 
ATOM   491 S SG  . CYS A 1 63  ? -10.884 9.427   8.162   1.00 17.23 ? 71   CYS I SG  1 
ATOM   492 N N   . PRO A 1 64  ? -15.073 7.002   6.837   1.00 26.45 ? 72   PRO I N   1 
ATOM   493 C CA  . PRO A 1 64  ? -15.814 6.174   5.907   1.00 33.12 ? 72   PRO I CA  1 
ATOM   494 C C   . PRO A 1 64  ? -15.409 6.489   4.487   1.00 19.12 ? 72   PRO I C   1 
ATOM   495 O O   . PRO A 1 64  ? -15.702 7.615   4.079   1.00 27.16 ? 72   PRO I O   1 
ATOM   496 C CB  . PRO A 1 64  ? -17.250 6.629   6.075   1.00 15.91 ? 72   PRO I CB  1 
ATOM   497 C CG  . PRO A 1 64  ? -17.303 7.364   7.387   1.00 9.00  ? 72   PRO I CG  1 
ATOM   498 C CD  . PRO A 1 64  ? -15.919 7.883   7.628   1.00 20.08 ? 72   PRO I CD  1 
ATOM   499 N N   . LYS A 1 65  ? -15.149 5.376   3.787   1.00 15.32 ? 73   LYS I N   1 
ATOM   500 C CA  . LYS A 1 65  ? -14.993 5.206   2.335   1.00 13.87 ? 73   LYS I CA  1 
ATOM   501 C C   . LYS A 1 65  ? -16.166 5.730   1.531   1.00 17.70 ? 73   LYS I C   1 
ATOM   502 O O   . LYS A 1 65  ? -16.001 5.881   0.320   1.00 37.12 ? 73   LYS I O   1 
ATOM   503 C CB  . LYS A 1 65  ? -14.756 3.724   1.885   1.00 18.32 ? 73   LYS I CB  1 
ATOM   504 C CG  . LYS A 1 65  ? -13.974 2.949   2.956   1.00 25.92 ? 73   LYS I CG  1 
ATOM   505 C CD  . LYS A 1 65  ? -13.384 1.548   2.609   1.00 18.28 ? 73   LYS I CD  1 
ATOM   506 C CE  . LYS A 1 65  ? -14.367 0.372   2.372   1.00 18.36 ? 73   LYS I CE  1 
ATOM   507 N NZ  . LYS A 1 65  ? -13.632 -0.940  2.502   1.00 15.29 ? 73   LYS I NZ  1 
ATOM   508 N N   . SER A 1 66  ? -17.172 6.224   2.231   1.00 36.98 ? 74   SER I N   1 
ATOM   509 C CA  . SER A 1 66  ? -18.307 7.017   1.669   1.00 32.98 ? 74   SER I CA  1 
ATOM   510 C C   . SER A 1 66  ? -18.024 8.506   1.552   1.00 32.70 ? 74   SER I C   1 
ATOM   511 O O   . SER A 1 66  ? -18.496 9.096   0.581   1.00 31.91 ? 74   SER I O   1 
ATOM   512 C CB  . SER A 1 66  ? -19.521 6.951   2.608   1.00 33.20 ? 74   SER I CB  1 
ATOM   513 O OG  . SER A 1 66  ? -20.579 7.762   2.080   0.00 0.00  ? 74   SER I OG  1 
ATOM   514 N N   . SER A 1 67  ? -17.633 9.091   2.697   1.00 41.17 ? 75   SER I N   1 
ATOM   515 C CA  . SER A 1 67  ? -17.700 10.543  3.009   1.00 40.29 ? 75   SER I CA  1 
ATOM   516 C C   . SER A 1 67  ? -16.838 11.467  2.119   1.00 46.87 ? 75   SER I C   1 
ATOM   517 O O   . SER A 1 67  ? -15.932 10.990  1.441   1.00 36.60 ? 75   SER I O   1 
ATOM   518 C CB  . SER A 1 67  ? -17.542 10.718  4.554   1.00 25.22 ? 75   SER I CB  1 
ATOM   519 O OG  . SER A 1 67  ? -16.328 11.405  4.900   1.00 29.67 ? 75   SER I OG  1 
ATOM   520 N N   . GLY A 1 68  ? -17.239 12.714  1.874   1.00 39.27 ? 76   GLY I N   1 
ATOM   521 C CA  . GLY A 1 68  ? -16.469 13.463  0.840   1.00 40.31 ? 76   GLY I CA  1 
ATOM   522 C C   . GLY A 1 68  ? -15.224 14.121  1.438   1.00 50.88 ? 76   GLY I C   1 
ATOM   523 O O   . GLY A 1 68  ? -14.177 14.207  0.787   1.00 39.31 ? 76   GLY I O   1 
ATOM   524 N N   . ASP A 1 69  ? -15.419 14.367  2.727   1.00 38.71 ? 77   ASP I N   1 
ATOM   525 C CA  . ASP A 1 69  ? -14.541 14.749  3.850   1.00 32.24 ? 77   ASP I CA  1 
ATOM   526 C C   . ASP A 1 69  ? -13.342 13.799  3.965   1.00 31.05 ? 77   ASP I C   1 
ATOM   527 O O   . ASP A 1 69  ? -12.351 14.174  4.577   1.00 24.38 ? 77   ASP I O   1 
ATOM   528 C CB  . ASP A 1 69  ? -15.577 14.686  5.011   1.00 25.46 ? 77   ASP I CB  1 
ATOM   529 C CG  . ASP A 1 69  ? -15.147 14.342  6.426   1.00 39.19 ? 77   ASP I CG  1 
ATOM   530 O OD1 . ASP A 1 69  ? -14.070 14.661  6.943   1.00 29.97 ? 77   ASP I OD1 1 
ATOM   531 O OD2 . ASP A 1 69  ? -15.992 13.738  7.078   1.00 30.56 ? 77   ASP I OD2 1 
ATOM   532 N N   . LEU A 1 70  ? -13.398 12.677  3.245   1.00 31.38 ? 78   LEU I N   1 
ATOM   533 C CA  . LEU A 1 70  ? -12.399 11.566  3.260   1.00 19.86 ? 78   LEU I CA  1 
ATOM   534 C C   . LEU A 1 70  ? -10.928 11.955  3.413   1.00 33.86 ? 78   LEU I C   1 
ATOM   535 O O   . LEU A 1 70  ? -10.311 11.475  4.364   1.00 33.93 ? 78   LEU I O   1 
ATOM   536 C CB  . LEU A 1 70  ? -12.535 10.685  2.011   1.00 15.08 ? 78   LEU I CB  1 
ATOM   537 C CG  . LEU A 1 70  ? -11.563 9.482   2.005   1.00 23.45 ? 78   LEU I CG  1 
ATOM   538 C CD1 . LEU A 1 70  ? -11.845 8.360   3.020   1.00 8.87  ? 78   LEU I CD1 1 
ATOM   539 C CD2 . LEU A 1 70  ? -11.245 8.958   0.590   1.00 35.70 ? 78   LEU I CD2 1 
ATOM   540 N N   . GLN A 1 71  ? -10.341 12.599  2.407   1.00 32.24 ? 79   GLN I N   1 
ATOM   541 C CA  . GLN A 1 71  ? -8.885  12.714  2.438   1.00 34.53 ? 79   GLN I CA  1 
ATOM   542 C C   . GLN A 1 71  ? -8.437  13.762  3.443   1.00 30.75 ? 79   GLN I C   1 
ATOM   543 O O   . GLN A 1 71  ? -7.445  13.551  4.159   1.00 38.29 ? 79   GLN I O   1 
ATOM   544 C CB  . GLN A 1 71  ? -8.201  12.963  1.078   1.00 35.91 ? 79   GLN I CB  1 
ATOM   545 C CG  . GLN A 1 71  ? -6.700  12.567  1.207   1.00 44.44 ? 79   GLN I CG  1 
ATOM   546 C CD  . GLN A 1 71  ? -5.850  13.146  0.064   1.00 55.68 ? 79   GLN I CD  1 
ATOM   547 O OE1 . GLN A 1 71  ? -5.448  12.424  -0.847  1.00 46.91 ? 79   GLN I OE1 1 
ATOM   548 N NE2 . GLN A 1 71  ? -5.584  14.432  0.117   1.00 40.14 ? 79   GLN I NE2 1 
ATOM   549 N N   . SER A 1 72  ? -9.305  14.699  3.623   1.00 16.95 ? 80   SER I N   1 
ATOM   550 C CA  . SER A 1 72  ? -9.086  15.653  4.702   1.00 29.87 ? 80   SER I CA  1 
ATOM   551 C C   . SER A 1 72  ? -9.202  14.953  6.053   1.00 37.89 ? 80   SER I C   1 
ATOM   552 O O   . SER A 1 72  ? -8.363  15.175  6.946   1.00 25.40 ? 80   SER I O   1 
ATOM   553 C CB  . SER A 1 72  ? -10.131 16.762  4.595   1.00 27.65 ? 80   SER I CB  1 
ATOM   554 O OG  . SER A 1 72  ? -9.984  17.587  5.749   1.00 38.18 ? 80   SER I OG  1 
ATOM   555 N N   . CYS A 1 73  ? -10.224 14.066  6.104   1.00 24.54 ? 81   CYS I N   1 
ATOM   556 C CA  . CYS A 1 73  ? -10.433 13.249  7.304   1.00 27.34 ? 81   CYS I CA  1 
ATOM   557 C C   . CYS A 1 73  ? -9.155  12.497  7.609   1.00 19.10 ? 81   CYS I C   1 
ATOM   558 O O   . CYS A 1 73  ? -8.733  12.484  8.762   1.00 23.90 ? 81   CYS I O   1 
ATOM   559 C CB  . CYS A 1 73  ? -11.639 12.284  7.184   1.00 16.65 ? 81   CYS I CB  1 
ATOM   560 S SG  . CYS A 1 73  ? -11.887 11.131  8.564   1.00 27.49 ? 81   CYS I SG  1 
ATOM   561 N N   . GLU A 1 74  ? -8.578  11.895  6.568   1.00 7.27  ? 82   GLU I N   1 
ATOM   562 C CA  . GLU A 1 74  ? -7.474  10.960  6.823   1.00 3.00  ? 82   GLU I CA  1 
ATOM   563 C C   . GLU A 1 74  ? -6.177  11.545  7.366   1.00 21.92 ? 82   GLU I C   1 
ATOM   564 O O   . GLU A 1 74  ? -5.432  10.763  7.970   1.00 26.38 ? 82   GLU I O   1 
ATOM   565 C CB  . GLU A 1 74  ? -7.147  10.050  5.629   1.00 3.00  ? 82   GLU I CB  1 
ATOM   566 C CG  . GLU A 1 74  ? -8.041  8.794   5.588   1.00 35.88 ? 82   GLU I CG  1 
ATOM   567 C CD  . GLU A 1 74  ? -7.855  8.087   4.247   1.00 45.05 ? 82   GLU I CD  1 
ATOM   568 O OE1 . GLU A 1 74  ? -8.432  8.528   3.256   1.00 34.64 ? 82   GLU I OE1 1 
ATOM   569 O OE2 . GLU A 1 74  ? -7.141  7.082   4.136   1.00 39.73 ? 82   GLU I OE2 1 
ATOM   570 N N   . PHE A 1 75  ? -5.855  12.763  6.976   1.00 28.54 ? 83   PHE I N   1 
ATOM   571 C CA  . PHE A 1 75  ? -4.589  13.429  7.370   1.00 25.29 ? 83   PHE I CA  1 
ATOM   572 C C   . PHE A 1 75  ? -4.763  13.758  8.840   1.00 39.72 ? 83   PHE I C   1 
ATOM   573 O O   . PHE A 1 75  ? -3.787  13.927  9.574   1.00 34.06 ? 83   PHE I O   1 
ATOM   574 C CB  . PHE A 1 75  ? -4.508  14.823  6.751   1.00 21.53 ? 83   PHE I CB  1 
ATOM   575 C CG  . PHE A 1 75  ? -4.347  14.985  5.226   1.00 32.15 ? 83   PHE I CG  1 
ATOM   576 C CD1 . PHE A 1 75  ? -3.188  14.575  4.614   1.00 39.76 ? 83   PHE I CD1 1 
ATOM   577 C CD2 . PHE A 1 75  ? -5.288  15.681  4.498   1.00 25.09 ? 83   PHE I CD2 1 
ATOM   578 C CE1 . PHE A 1 75  ? -2.948  14.853  3.279   1.00 20.46 ? 83   PHE I CE1 1 
ATOM   579 C CE2 . PHE A 1 75  ? -5.058  15.944  3.146   1.00 14.99 ? 83   PHE I CE2 1 
ATOM   580 C CZ  . PHE A 1 75  ? -3.874  15.544  2.544   1.00 20.53 ? 83   PHE I CZ  1 
ATOM   581 N N   . HIS A 1 76  ? -6.048  13.940  9.168   1.00 41.17 ? 84   HIS I N   1 
ATOM   582 C CA  . HIS A 1 76  ? -6.411  14.452  10.490  1.00 25.45 ? 84   HIS I CA  1 
ATOM   583 C C   . HIS A 1 76  ? -6.444  13.507  11.672  1.00 28.49 ? 84   HIS I C   1 
ATOM   584 O O   . HIS A 1 76  ? -5.848  13.853  12.698  1.00 34.12 ? 84   HIS I O   1 
ATOM   585 C CB  . HIS A 1 76  ? -7.531  15.486  10.506  1.00 25.38 ? 84   HIS I CB  1 
ATOM   586 C CG  . HIS A 1 76  ? -6.709  16.765  10.688  1.00 52.35 ? 84   HIS I CG  1 
ATOM   587 N ND1 . HIS A 1 76  ? -6.135  17.417  9.599   1.00 51.22 ? 84   HIS I ND1 1 
ATOM   588 C CD2 . HIS A 1 76  ? -6.286  17.331  11.820  1.00 55.44 ? 84   HIS I CD2 1 
ATOM   589 C CE1 . HIS A 1 76  ? -5.345  18.462  10.093  1.00 57.06 ? 84   HIS I CE1 1 
ATOM   590 N NE2 . HIS A 1 76  ? -5.442  18.405  11.494  1.00 55.13 ? 84   HIS I NE2 1 
ATOM   591 N N   . ASP A 1 77  ? -7.214  12.450  11.575  1.00 34.58 ? 85   ASP I N   1 
ATOM   592 C CA  . ASP A 1 77  ? -7.263  11.568  12.746  1.00 52.67 ? 85   ASP I CA  1 
ATOM   593 C C   . ASP A 1 77  ? -5.922  10.947  13.183  1.00 53.01 ? 85   ASP I C   1 
ATOM   594 O O   . ASP A 1 77  ? -5.647  10.943  14.388  1.00 45.71 ? 85   ASP I O   1 
ATOM   595 C CB  . ASP A 1 77  ? -8.500  10.655  12.846  1.00 40.61 ? 85   ASP I CB  1 
ATOM   596 C CG  . ASP A 1 77  ? -8.470  9.539   11.814  1.00 43.76 ? 85   ASP I CG  1 
ATOM   597 O OD1 . ASP A 1 77  ? -8.180  9.777   10.646  1.00 48.12 ? 85   ASP I OD1 1 
ATOM   598 O OD2 . ASP A 1 77  ? -8.751  8.386   12.137  1.00 47.41 ? 85   ASP I OD2 1 
ATOM   599 N N   . GLU A 1 78  ? -4.990  11.023  12.240  0.00 0.00  ? 86   GLU I N   1 
ATOM   600 C CA  . GLU A 1 78  ? -3.511  10.946  12.397  0.00 0.00  ? 86   GLU I CA  1 
ATOM   601 C C   . GLU A 1 78  ? -2.929  10.109  13.554  0.00 0.00  ? 86   GLU I C   1 
ATOM   602 O O   . GLU A 1 78  ? -2.581  8.956   13.302  0.00 0.00  ? 86   GLU I O   1 
ATOM   603 C CB  . GLU A 1 78  ? -2.835  12.304  12.116  0.00 0.00  ? 86   GLU I CB  1 
ATOM   604 C CG  . GLU A 1 78  ? -1.328  12.219  11.819  0.00 0.00  ? 86   GLU I CG  1 
ATOM   605 C CD  . GLU A 1 78  ? -0.851  13.630  11.490  0.00 0.00  ? 86   GLU I CD  1 
ATOM   606 O OE1 . GLU A 1 78  ? -1.445  14.605  11.948  0.00 0.00  ? 86   GLU I OE1 1 
ATOM   607 O OE2 . GLU A 1 78  ? 0.121   13.804  10.756  0.00 0.00  ? 86   GLU I OE2 1 
ATOM   608 N N   . PRO A 1 79  ? -2.823  10.598  14.795  0.00 0.00  ? 87   PRO I N   1 
ATOM   609 C CA  . PRO A 1 79  ? -2.261  9.767   15.874  0.00 0.00  ? 87   PRO I CA  1 
ATOM   610 C C   . PRO A 1 79  ? -3.246  9.543   17.030  0.00 0.00  ? 87   PRO I C   1 
ATOM   611 O O   . PRO A 1 79  ? -3.360  10.385  17.920  0.00 0.00  ? 87   PRO I O   1 
ATOM   612 C CB  . PRO A 1 79  ? -1.061  10.613  16.316  0.00 0.00  ? 87   PRO I CB  1 
ATOM   613 C CG  . PRO A 1 79  ? -1.328  12.023  15.791  0.00 0.00  ? 87   PRO I CG  1 
ATOM   614 C CD  . PRO A 1 79  ? -2.738  11.999  15.222  0.00 0.00  ? 87   PRO I CD  1 
ATOM   615 N N   . GLU A 1 80  ? -3.896  8.384   16.968  0.00 0.00  ? 88   GLU I N   1 
ATOM   616 C CA  . GLU A 1 80  ? -5.011  7.828   17.780  0.00 0.00  ? 88   GLU I CA  1 
ATOM   617 C C   . GLU A 1 80  ? -5.250  6.351   17.268  0.00 0.00  ? 88   GLU I C   1 
ATOM   618 O O   . GLU A 1 80  ? -4.158  5.840   17.046  0.00 0.00  ? 88   GLU I O   1 
ATOM   619 C CB  . GLU A 1 80  ? -6.014  8.958   17.456  0.00 0.00  ? 88   GLU I CB  1 
ATOM   620 C CG  . GLU A 1 80  ? -6.697  9.555   18.701  0.00 0.00  ? 88   GLU I CG  1 
ATOM   621 C CD  . GLU A 1 80  ? -8.116  9.944   18.296  0.00 0.00  ? 88   GLU I CD  1 
ATOM   622 O OE1 . GLU A 1 80  ? -8.367  10.239  17.129  0.00 0.00  ? 88   GLU I OE1 1 
ATOM   623 O OE2 . GLU A 1 80  ? -9.023  9.940   19.125  0.00 0.00  ? 88   GLU I OE2 1 
ATOM   624 N N   . MET A 1 81  ? -6.233  5.396   17.665  0.00 0.00  ? 89   MET I N   1 
ATOM   625 C CA  . MET A 1 81  ? -7.386  4.575   16.911  0.00 0.00  ? 89   MET I CA  1 
ATOM   626 C C   . MET A 1 81  ? -7.214  3.056   16.906  0.00 0.00  ? 89   MET I C   1 
ATOM   627 O O   . MET A 1 81  ? -6.390  2.535   17.658  0.00 0.00  ? 89   MET I O   1 
ATOM   628 C CB  . MET A 1 81  ? -7.912  4.897   15.460  0.00 0.00  ? 89   MET I CB  1 
ATOM   629 C CG  . MET A 1 81  ? -8.430  6.293   15.023  0.00 0.00  ? 89   MET I CG  1 
ATOM   630 S SD  . MET A 1 81  ? -10.160 6.675   14.973  0.00 0.00  ? 89   MET I SD  1 
ATOM   631 C CE  . MET A 1 81  ? -10.275 7.941   16.250  0.00 0.00  ? 89   MET I CE  1 
ATOM   632 N N   . ALA A 1 82  ? -8.113  2.487   16.137  0.00 0.00  ? 90   ALA I N   1 
ATOM   633 C CA  . ALA A 1 82  ? -8.390  1.060   16.009  1.00 29.09 ? 90   ALA I CA  1 
ATOM   634 C C   . ALA A 1 82  ? -7.175  0.160   16.075  1.00 48.15 ? 90   ALA I C   1 
ATOM   635 O O   . ALA A 1 82  ? -6.773  -0.246  17.166  0.00 0.00  ? 90   ALA I O   1 
ATOM   636 C CB  . ALA A 1 82  ? -9.068  0.762   14.671  0.00 0.00  ? 90   ALA I CB  1 
ATOM   637 N N   . LYS A 1 83  ? -6.943  -0.508  14.973  1.00 39.89 ? 91   LYS I N   1 
ATOM   638 C CA  . LYS A 1 83  ? -6.075  -1.692  15.038  1.00 40.57 ? 91   LYS I CA  1 
ATOM   639 C C   . LYS A 1 83  ? -4.988  -1.567  13.989  1.00 28.49 ? 91   LYS I C   1 
ATOM   640 O O   . LYS A 1 83  ? -5.332  -1.179  12.884  1.00 36.67 ? 91   LYS I O   1 
ATOM   641 C CB  . LYS A 1 83  ? -6.929  -2.944  14.747  0.00 0.00  ? 91   LYS I CB  1 
ATOM   642 C CG  . LYS A 1 83  ? -6.158  -4.264  14.944  0.00 0.00  ? 91   LYS I CG  1 
ATOM   643 C CD  . LYS A 1 83  ? -5.671  -4.434  16.395  0.00 0.00  ? 91   LYS I CD  1 
ATOM   644 C CE  . LYS A 1 83  ? -4.841  -5.718  16.574  0.00 0.00  ? 91   LYS I CE  1 
ATOM   645 N NZ  . LYS A 1 83  ? -5.647  -6.893  16.222  0.00 0.00  ? 91   LYS I NZ  1 
ATOM   646 N N   . TYR A 1 84  ? -3.769  -1.934  14.346  1.00 20.29 ? 92   TYR I N   1 
ATOM   647 C CA  . TYR A 1 84  ? -2.598  -2.048  13.456  1.00 33.10 ? 92   TYR I CA  1 
ATOM   648 C C   . TYR A 1 84  ? -2.602  -3.444  12.805  1.00 26.41 ? 92   TYR I C   1 
ATOM   649 O O   . TYR A 1 84  ? -2.920  -4.417  13.474  1.00 27.41 ? 92   TYR I O   1 
ATOM   650 C CB  . TYR A 1 84  ? -1.291  -1.805  14.288  1.00 27.08 ? 92   TYR I CB  1 
ATOM   651 C CG  . TYR A 1 84  ? -1.008  -0.306  14.561  1.00 17.03 ? 92   TYR I CG  1 
ATOM   652 C CD1 . TYR A 1 84  ? -1.708  0.649   13.851  1.00 23.52 ? 92   TYR I CD1 1 
ATOM   653 C CD2 . TYR A 1 84  ? -0.036  0.092   15.465  1.00 34.70 ? 92   TYR I CD2 1 
ATOM   654 C CE1 . TYR A 1 84  ? -1.437  1.992   14.020  1.00 38.39 ? 92   TYR I CE1 1 
ATOM   655 C CE2 . TYR A 1 84  ? 0.252   1.453   15.648  1.00 34.86 ? 92   TYR I CE2 1 
ATOM   656 C CZ  . TYR A 1 84  ? -0.450  2.400   14.912  1.00 41.18 ? 92   TYR I CZ  1 
ATOM   657 O OH  . TYR A 1 84  ? -0.221  3.746   15.085  1.00 31.85 ? 92   TYR I OH  1 
ATOM   658 N N   . THR A 1 85  ? -2.414  -3.541  11.505  1.00 34.22 ? 93   THR I N   1 
ATOM   659 C CA  . THR A 1 85  ? -2.406  -4.840  10.755  1.00 19.41 ? 93   THR I CA  1 
ATOM   660 C C   . THR A 1 85  ? -1.085  -4.852  9.996   1.00 17.20 ? 93   THR I C   1 
ATOM   661 O O   . THR A 1 85  ? -0.650  -3.769  9.638   1.00 28.01 ? 93   THR I O   1 
ATOM   662 C CB  . THR A 1 85  ? -3.495  -4.780  9.686   1.00 31.44 ? 93   THR I CB  1 
ATOM   663 O OG1 . THR A 1 85  ? -4.799  -4.866  10.276  1.00 29.81 ? 93   THR I OG1 1 
ATOM   664 C CG2 . THR A 1 85  ? -3.299  -5.789  8.518   1.00 26.83 ? 93   THR I CG2 1 
ATOM   665 N N   . THR A 1 86  ? -0.370  -5.955  9.853   1.00 5.86  ? 94   THR I N   1 
ATOM   666 C CA  . THR A 1 86  ? 0.836   -5.753  9.103   1.00 9.68  ? 94   THR I CA  1 
ATOM   667 C C   . THR A 1 86  ? 0.657   -6.529  7.823   1.00 8.30  ? 94   THR I C   1 
ATOM   668 O O   . THR A 1 86  ? 0.013   -7.544  7.982   1.00 9.55  ? 94   THR I O   1 
ATOM   669 C CB  . THR A 1 86  ? 2.068   -6.189  9.920   1.00 12.03 ? 94   THR I CB  1 
ATOM   670 O OG1 . THR A 1 86  ? 2.416   -5.153  10.868  1.00 28.74 ? 94   THR I OG1 1 
ATOM   671 C CG2 . THR A 1 86  ? 3.301   -6.349  9.023   1.00 29.23 ? 94   THR I CG2 1 
ATOM   672 N N   . CYS A 1 87  ? 1.017   -5.996  6.614   1.00 7.51  ? 95   CYS I N   1 
ATOM   673 C CA  . CYS A 1 87  ? 0.881   -6.774  5.357   1.00 3.00  ? 95   CYS I CA  1 
ATOM   674 C C   . CYS A 1 87  ? 2.158   -6.911  4.531   1.00 3.00  ? 95   CYS I C   1 
ATOM   675 O O   . CYS A 1 87  ? 3.053   -6.091  4.611   1.00 3.00  ? 95   CYS I O   1 
ATOM   676 C CB  . CYS A 1 87  ? -0.224  -6.137  4.495   1.00 3.23  ? 95   CYS I CB  1 
ATOM   677 S SG  . CYS A 1 87  ? -1.889  -6.130  5.188   1.00 3.00  ? 95   CYS I SG  1 
ATOM   678 N N   . THR A 1 88  ? 2.281   -7.960  3.771   1.00 3.00  ? 96   THR I N   1 
ATOM   679 C CA  . THR A 1 88  ? 3.303   -7.963  2.724   1.00 3.00  ? 96   THR I CA  1 
ATOM   680 C C   . THR A 1 88  ? 2.671   -7.888  1.337   1.00 3.00  ? 96   THR I C   1 
ATOM   681 O O   . THR A 1 88  ? 1.930   -8.773  0.954   1.00 3.00  ? 96   THR I O   1 
ATOM   682 C CB  . THR A 1 88  ? 4.021   -9.302  2.725   1.00 3.75  ? 96   THR I CB  1 
ATOM   683 O OG1 . THR A 1 88  ? 4.860   -9.393  3.894   1.00 3.90  ? 96   THR I OG1 1 
ATOM   684 C CG2 . THR A 1 88  ? 4.861   -9.513  1.454   1.00 3.00  ? 96   THR I CG2 1 
ATOM   685 N N   . PHE A 1 89  ? 2.925   -6.872  0.582   1.00 5.60  ? 97   PHE I N   1 
ATOM   686 C CA  . PHE A 1 89  ? 2.401   -6.866  -0.771  1.00 3.00  ? 97   PHE I CA  1 
ATOM   687 C C   . PHE A 1 89  ? 3.482   -7.058  -1.794  1.00 3.00  ? 97   PHE I C   1 
ATOM   688 O O   . PHE A 1 89  ? 4.543   -6.493  -1.686  1.00 3.09  ? 97   PHE I O   1 
ATOM   689 C CB  . PHE A 1 89  ? 1.787   -5.534  -1.103  1.00 3.00  ? 97   PHE I CB  1 
ATOM   690 C CG  . PHE A 1 89  ? 0.710   -5.109  -0.132  1.00 3.00  ? 97   PHE I CG  1 
ATOM   691 C CD1 . PHE A 1 89  ? -0.526  -5.665  -0.191  1.00 3.23  ? 97   PHE I CD1 1 
ATOM   692 C CD2 . PHE A 1 89  ? 0.924   -3.993  0.602   1.00 3.00  ? 97   PHE I CD2 1 
ATOM   693 C CE1 . PHE A 1 89  ? -1.556  -5.117  0.515   1.00 7.73  ? 97   PHE I CE1 1 
ATOM   694 C CE2 . PHE A 1 89  ? -0.081  -3.457  1.340   1.00 5.74  ? 97   PHE I CE2 1 
ATOM   695 C CZ  . PHE A 1 89  ? -1.335  -4.003  1.306   1.00 3.00  ? 97   PHE I CZ  1 
ATOM   696 N N   . VAL A 1 90  ? 3.207   -7.797  -2.800  1.00 3.66  ? 98   VAL I N   1 
ATOM   697 C CA  . VAL A 1 90  ? 4.154   -7.835  -3.843  1.00 3.00  ? 98   VAL I CA  1 
ATOM   698 C C   . VAL A 1 90  ? 3.405   -7.256  -5.012  1.00 3.00  ? 98   VAL I C   1 
ATOM   699 O O   . VAL A 1 90  ? 2.370   -7.845  -5.258  1.00 4.11  ? 98   VAL I O   1 
ATOM   700 C CB  . VAL A 1 90  ? 4.349   -9.286  -4.147  1.00 3.00  ? 98   VAL I CB  1 
ATOM   701 C CG1 . VAL A 1 90  ? 5.224   -9.480  -5.385  1.00 3.75  ? 98   VAL I CG1 1 
ATOM   702 C CG2 . VAL A 1 90  ? 5.067   -9.975  -3.010  1.00 3.00  ? 98   VAL I CG2 1 
ATOM   703 N N   . VAL A 1 91  ? 3.835   -6.103  -5.603  1.00 5.95  ? 99   VAL I N   1 
ATOM   704 C CA  . VAL A 1 91  ? 3.261   -5.505  -6.844  1.00 3.00  ? 99   VAL I CA  1 
ATOM   705 C C   . VAL A 1 91  ? 4.140   -5.682  -8.078  1.00 3.00  ? 99   VAL I C   1 
ATOM   706 O O   . VAL A 1 91  ? 5.336   -5.821  -7.933  1.00 7.05  ? 99   VAL I O   1 
ATOM   707 C CB  . VAL A 1 91  ? 3.121   -4.033  -6.593  1.00 3.00  ? 99   VAL I CB  1 
ATOM   708 C CG1 . VAL A 1 91  ? 2.042   -3.572  -7.555  1.00 5.55  ? 99   VAL I CG1 1 
ATOM   709 C CG2 . VAL A 1 91  ? 2.564   -3.849  -5.175  1.00 3.00  ? 99   VAL I CG2 1 
ATOM   710 N N   . TYR A 1 92  ? 3.601   -5.905  -9.259  1.00 3.36  ? 100  TYR I N   1 
ATOM   711 C CA  . TYR A 1 92  ? 4.437   -6.176  -10.442 1.00 3.00  ? 100  TYR I CA  1 
ATOM   712 C C   . TYR A 1 92  ? 4.063   -5.228  -11.568 1.00 3.00  ? 100  TYR I C   1 
ATOM   713 O O   . TYR A 1 92  ? 2.882   -5.045  -11.753 1.00 5.95  ? 100  TYR I O   1 
ATOM   714 C CB  . TYR A 1 92  ? 4.218   -7.609  -10.900 1.00 3.00  ? 100  TYR I CB  1 
ATOM   715 C CG  . TYR A 1 92  ? 5.008   -7.990  -12.175 1.00 36.05 ? 100  TYR I CG  1 
ATOM   716 C CD1 . TYR A 1 92  ? 6.393   -7.926  -12.134 1.00 30.67 ? 100  TYR I CD1 1 
ATOM   717 C CD2 . TYR A 1 92  ? 4.367   -8.584  -13.260 1.00 31.37 ? 100  TYR I CD2 1 
ATOM   718 C CE1 . TYR A 1 92  ? 7.157   -8.472  -13.159 1.00 32.11 ? 100  TYR I CE1 1 
ATOM   719 C CE2 . TYR A 1 92  ? 5.132   -9.133  -14.302 1.00 32.70 ? 100  TYR I CE2 1 
ATOM   720 C CZ  . TYR A 1 92  ? 6.532   -9.082  -14.231 1.00 31.15 ? 100  TYR I CZ  1 
ATOM   721 O OH  . TYR A 1 92  ? 7.309   -9.739  -15.133 1.00 32.79 ? 100  TYR I OH  1 
ATOM   722 N N   . SER A 1 93  ? 5.030   -4.504  -12.132 1.00 7.81  ? 101  SER I N   1 
ATOM   723 C CA  . SER A 1 93  ? 4.847   -3.385  -13.055 1.00 3.00  ? 101  SER I CA  1 
ATOM   724 C C   . SER A 1 93  ? 5.444   -3.692  -14.416 1.00 5.55  ? 101  SER I C   1 
ATOM   725 O O   . SER A 1 93  ? 6.499   -4.335  -14.516 1.00 8.65  ? 101  SER I O   1 
ATOM   726 C CB  . SER A 1 93  ? 5.494   -2.154  -12.432 1.00 3.00  ? 101  SER I CB  1 
ATOM   727 O OG  . SER A 1 93  ? 4.861   -0.923  -12.786 1.00 31.69 ? 101  SER I OG  1 
ATOM   728 N N   . ILE A 1 94  ? 4.570   -3.675  -15.396 1.00 4.25  ? 102  ILE I N   1 
ATOM   729 C CA  . ILE A 1 94  ? 4.904   -4.268  -16.690 1.00 3.00  ? 102  ILE I CA  1 
ATOM   730 C C   . ILE A 1 94  ? 4.955   -3.151  -17.701 1.00 10.08 ? 102  ILE I C   1 
ATOM   731 O O   . ILE A 1 94  ? 3.911   -3.003  -18.338 1.00 21.99 ? 102  ILE I O   1 
ATOM   732 C CB  . ILE A 1 94  ? 3.788   -5.194  -17.201 1.00 3.00  ? 102  ILE I CB  1 
ATOM   733 C CG1 . ILE A 1 94  ? 3.379   -6.139  -16.091 1.00 3.00  ? 102  ILE I CG1 1 
ATOM   734 C CG2 . ILE A 1 94  ? 4.261   -6.035  -18.405 1.00 26.20 ? 102  ILE I CG2 1 
ATOM   735 C CD1 . ILE A 1 94  ? 2.646   -7.389  -16.619 1.00 19.91 ? 102  ILE I CD1 1 
ATOM   736 N N   . PRO A 1 95  ? 6.013   -2.332  -17.690 1.00 20.94 ? 103  PRO I N   1 
ATOM   737 C CA  . PRO A 1 95  ? 5.926   -0.995  -18.318 1.00 30.22 ? 103  PRO I CA  1 
ATOM   738 C C   . PRO A 1 95  ? 5.863   -0.921  -19.847 1.00 28.86 ? 103  PRO I C   1 
ATOM   739 O O   . PRO A 1 95  ? 5.564   0.150   -20.372 1.00 27.72 ? 103  PRO I O   1 
ATOM   740 C CB  . PRO A 1 95  ? 7.141   -0.311  -17.772 1.00 4.28  ? 103  PRO I CB  1 
ATOM   741 C CG  . PRO A 1 95  ? 8.135   -1.472  -17.648 1.00 8.81  ? 103  PRO I CG  1 
ATOM   742 C CD  . PRO A 1 95  ? 7.329   -2.574  -17.060 1.00 15.86 ? 103  PRO I CD  1 
ATOM   743 N N   . TRP A 1 96  ? 5.758   -2.035  -20.523 1.00 32.24 ? 104  TRP I N   1 
ATOM   744 C CA  . TRP A 1 96  ? 5.501   -1.993  -21.990 1.00 9.62  ? 104  TRP I CA  1 
ATOM   745 C C   . TRP A 1 96  ? 4.059   -2.304  -22.330 1.00 19.11 ? 104  TRP I C   1 
ATOM   746 O O   . TRP A 1 96  ? 3.676   -2.149  -23.486 1.00 28.46 ? 104  TRP I O   1 
ATOM   747 C CB  . TRP A 1 96  ? 6.445   -2.954  -22.739 1.00 3.10  ? 104  TRP I CB  1 
ATOM   748 C CG  . TRP A 1 96  ? 6.207   -4.440  -22.394 1.00 24.19 ? 104  TRP I CG  1 
ATOM   749 C CD1 . TRP A 1 96  ? 5.302   -5.319  -22.898 1.00 8.45  ? 104  TRP I CD1 1 
ATOM   750 C CD2 . TRP A 1 96  ? 6.937   -5.166  -21.444 1.00 22.96 ? 104  TRP I CD2 1 
ATOM   751 N NE1 . TRP A 1 96  ? 5.447   -6.546  -22.235 1.00 10.50 ? 104  TRP I NE1 1 
ATOM   752 C CE2 . TRP A 1 96  ? 6.377   -6.449  -21.376 1.00 3.04  ? 104  TRP I CE2 1 
ATOM   753 C CE3 . TRP A 1 96  ? 8.003   -4.799  -20.642 1.00 12.46 ? 104  TRP I CE3 1 
ATOM   754 C CZ2 . TRP A 1 96  ? 6.798   -7.388  -20.451 1.00 8.32  ? 104  TRP I CZ2 1 
ATOM   755 C CZ3 . TRP A 1 96  ? 8.464   -5.773  -19.762 1.00 14.31 ? 104  TRP I CZ3 1 
ATOM   756 C CH2 . TRP A 1 96  ? 7.861   -7.022  -19.660 1.00 3.00  ? 104  TRP I CH2 1 
ATOM   757 N N   . LEU A 1 97  ? 3.245   -2.562  -21.322 1.00 13.45 ? 105  LEU I N   1 
ATOM   758 C CA  . LEU A 1 97  ? 1.818   -2.630  -21.577 1.00 3.08  ? 105  LEU I CA  1 
ATOM   759 C C   . LEU A 1 97  ? 1.146   -1.477  -20.848 1.00 4.07  ? 105  LEU I C   1 
ATOM   760 O O   . LEU A 1 97  ? -0.087  -1.376  -20.837 1.00 5.80  ? 105  LEU I O   1 
ATOM   761 C CB  . LEU A 1 97  ? 1.306   -3.967  -21.062 1.00 5.63  ? 105  LEU I CB  1 
ATOM   762 C CG  . LEU A 1 97  ? 1.824   -5.207  -21.812 1.00 5.07  ? 105  LEU I CG  1 
ATOM   763 C CD1 . LEU A 1 97  ? 1.154   -6.496  -21.282 1.00 12.44 ? 105  LEU I CD1 1 
ATOM   764 C CD2 . LEU A 1 97  ? 1.628   -5.188  -23.329 1.00 5.05  ? 105  LEU I CD2 1 
ATOM   765 N N   . ASN A 1 98  ? 2.026   -0.819  -20.134 1.00 17.07 ? 106  ASN I N   1 
ATOM   766 C CA  . ASN A 1 98  ? 1.798   0.191   -19.107 1.00 6.32  ? 106  ASN I CA  1 
ATOM   767 C C   . ASN A 1 98  ? 1.014   -0.292  -17.906 1.00 23.29 ? 106  ASN I C   1 
ATOM   768 O O   . ASN A 1 98  ? 0.070   0.393   -17.516 1.00 28.47 ? 106  ASN I O   1 
ATOM   769 C CB  . ASN A 1 98  ? 1.095   1.395   -19.718 1.00 21.99 ? 106  ASN I CB  1 
ATOM   770 C CG  . ASN A 1 98  ? 2.211   2.298   -20.211 1.00 53.94 ? 106  ASN I CG  1 
ATOM   771 O OD1 . ASN A 1 98  ? 3.030   2.749   -19.408 1.00 52.87 ? 106  ASN I OD1 1 
ATOM   772 N ND2 . ASN A 1 98  ? 2.210   2.523   -21.499 1.00 49.23 ? 106  ASN I ND2 1 
ATOM   773 N N   . GLN A 1 99  ? 1.280   -1.480  -17.419 1.00 11.44 ? 107  GLN I N   1 
ATOM   774 C CA  . GLN A 1 99  ? 0.347   -1.995  -16.390 1.00 4.67  ? 107  GLN I CA  1 
ATOM   775 C C   . GLN A 1 99  ? 0.969   -2.553  -15.105 1.00 3.00  ? 107  GLN I C   1 
ATOM   776 O O   . GLN A 1 99  ? 2.179   -2.662  -15.121 1.00 15.17 ? 107  GLN I O   1 
ATOM   777 C CB  . GLN A 1 99  ? -0.423  -3.036  -17.169 1.00 13.62 ? 107  GLN I CB  1 
ATOM   778 C CG  . GLN A 1 99  ? -0.444  -4.412  -16.519 1.00 15.16 ? 107  GLN I CG  1 
ATOM   779 C CD  . GLN A 1 99  ? -1.026  -5.106  -17.712 1.00 7.71  ? 107  GLN I CD  1 
ATOM   780 O OE1 . GLN A 1 99  ? -0.880  -6.300  -17.922 1.00 28.59 ? 107  GLN I OE1 1 
ATOM   781 N NE2 . GLN A 1 99  ? -1.618  -4.245  -18.503 1.00 27.31 ? 107  GLN I NE2 1 
ATOM   782 N N   . ILE A 1 100 ? 0.250   -2.419  -13.970 1.00 3.68  ? 108  ILE I N   1 
ATOM   783 C CA  . ILE A 1 100 ? 0.634   -2.631  -12.556 1.00 3.00  ? 108  ILE I CA  1 
ATOM   784 C C   . ILE A 1 100 ? -0.349  -3.568  -11.861 1.00 3.00  ? 108  ILE I C   1 
ATOM   785 O O   . ILE A 1 100 ? -1.496  -3.666  -12.265 1.00 4.43  ? 108  ILE I O   1 
ATOM   786 C CB  . ILE A 1 100 ? 0.631   -1.283  -11.808 1.00 3.00  ? 108  ILE I CB  1 
ATOM   787 C CG1 . ILE A 1 100 ? 0.714   -1.452  -10.306 1.00 12.15 ? 108  ILE I CG1 1 
ATOM   788 C CG2 . ILE A 1 100 ? -0.631  -0.483  -12.070 1.00 3.00  ? 108  ILE I CG2 1 
ATOM   789 C CD1 . ILE A 1 100 ? 1.546   -0.308  -9.693  1.00 18.03 ? 108  ILE I CD1 1 
ATOM   790 N N   . LYS A 1 101 ? 0.184   -4.642  -11.388 1.00 13.92 ? 109  LYS I N   1 
ATOM   791 C CA  . LYS A 1 101 ? -0.557  -5.913  -11.085 1.00 6.85  ? 109  LYS I CA  1 
ATOM   792 C C   . LYS A 1 101 ? -0.162  -6.326  -9.681  1.00 14.38 ? 109  LYS I C   1 
ATOM   793 O O   . LYS A 1 101 ? 0.864   -5.811  -9.237  1.00 14.93 ? 109  LYS I O   1 
ATOM   794 C CB  . LYS A 1 101 ? -0.077  -7.061  -11.991 1.00 12.32 ? 109  LYS I CB  1 
ATOM   795 C CG  . LYS A 1 101 ? -0.838  -7.032  -13.316 1.00 3.00  ? 109  LYS I CG  1 
ATOM   796 C CD  . LYS A 1 101 ? -2.049  -7.909  -13.050 1.00 35.01 ? 109  LYS I CD  1 
ATOM   797 C CE  . LYS A 1 101 ? -2.956  -8.079  -14.266 1.00 40.69 ? 109  LYS I CE  1 
ATOM   798 N NZ  . LYS A 1 101 ? -3.980  -9.087  -13.951 1.00 34.11 ? 109  LYS I NZ  1 
ATOM   799 N N   . LEU A 1 102 ? -1.129  -6.854  -8.924  1.00 17.33 ? 110  LEU I N   1 
ATOM   800 C CA  . LEU A 1 102 ? -0.859  -7.093  -7.509  1.00 3.87  ? 110  LEU I CA  1 
ATOM   801 C C   . LEU A 1 102 ? -0.953  -8.588  -7.369  1.00 3.00  ? 110  LEU I C   1 
ATOM   802 O O   . LEU A 1 102 ? -1.826  -9.109  -8.033  1.00 4.30  ? 110  LEU I O   1 
ATOM   803 C CB  . LEU A 1 102 ? -1.817  -6.334  -6.552  1.00 7.27  ? 110  LEU I CB  1 
ATOM   804 C CG  . LEU A 1 102 ? -1.432  -6.548  -5.061  1.00 3.00  ? 110  LEU I CG  1 
ATOM   805 C CD1 . LEU A 1 102 ? -0.484  -5.495  -4.493  1.00 5.41  ? 110  LEU I CD1 1 
ATOM   806 C CD2 . LEU A 1 102 ? -2.627  -6.643  -4.152  1.00 3.00  ? 110  LEU I CD2 1 
ATOM   807 N N   . LEU A 1 103 ? 0.157   -9.170  -7.097  1.00 3.00  ? 111  LEU I N   1 
ATOM   808 C CA  . LEU A 1 103 ? 0.502   -10.577 -7.307  1.00 3.00  ? 111  LEU I CA  1 
ATOM   809 C C   . LEU A 1 103 ? 0.323   -11.282 -5.963  1.00 16.65 ? 111  LEU I C   1 
ATOM   810 O O   . LEU A 1 103 ? -0.392  -12.274 -5.878  1.00 23.32 ? 111  LEU I O   1 
ATOM   811 C CB  . LEU A 1 103 ? 2.002   -10.574 -7.640  1.00 13.03 ? 111  LEU I CB  1 
ATOM   812 C CG  . LEU A 1 103 ? 2.429   -11.057 -9.030  1.00 10.45 ? 111  LEU I CG  1 
ATOM   813 C CD1 . LEU A 1 103 ? 1.568   -10.461 -10.144 1.00 6.68  ? 111  LEU I CD1 1 
ATOM   814 C CD2 . LEU A 1 103 ? 3.920   -10.698 -9.280  1.00 8.90  ? 111  LEU I CD2 1 
ATOM   815 N N   . GLU A 1 104 ? 0.686   -10.656 -4.874  1.00 6.86  ? 112  GLU I N   1 
ATOM   816 C CA  . GLU A 1 104 ? 0.238   -11.303 -3.652  1.00 3.00  ? 112  GLU I CA  1 
ATOM   817 C C   . GLU A 1 104 ? -0.117  -10.287 -2.575  1.00 4.98  ? 112  GLU I C   1 
ATOM   818 O O   . GLU A 1 104 ? 0.672   -9.359  -2.497  1.00 17.39 ? 112  GLU I O   1 
ATOM   819 C CB  . GLU A 1 104 ? 1.457   -12.108 -3.203  1.00 6.60  ? 112  GLU I CB  1 
ATOM   820 C CG  . GLU A 1 104 ? 1.686   -12.097 -1.693  1.00 7.05  ? 112  GLU I CG  1 
ATOM   821 C CD  . GLU A 1 104 ? 2.806   -13.090 -1.458  1.00 28.78 ? 112  GLU I CD  1 
ATOM   822 O OE1 . GLU A 1 104 ? 3.351   -13.605 -2.421  1.00 34.08 ? 112  GLU I OE1 1 
ATOM   823 O OE2 . GLU A 1 104 ? 3.191   -13.377 -0.329  1.00 40.79 ? 112  GLU I OE2 1 
ATOM   824 N N   . SER A 1 105 ? -1.076  -10.555 -1.646  1.00 3.00  ? 113  SER I N   1 
ATOM   825 C CA  . SER A 1 105 ? -0.929  -9.776  -0.392  1.00 3.17  ? 113  SER I CA  1 
ATOM   826 C C   . SER A 1 105 ? -1.118  -10.671 0.794   1.00 4.84  ? 113  SER I C   1 
ATOM   827 O O   . SER A 1 105 ? -2.052  -11.441 0.680   1.00 9.45  ? 113  SER I O   1 
ATOM   828 C CB  . SER A 1 105 ? -1.955  -8.644  -0.189  1.00 3.00  ? 113  SER I CB  1 
ATOM   829 O OG  . SER A 1 105 ? -3.224  -9.190  -0.353  1.00 9.13  ? 113  SER I OG  1 
ATOM   830 N N   . LYS A 1 106 ? -0.252  -10.604 1.784   1.00 3.00  ? 114  LYS I N   1 
ATOM   831 C CA  . LYS A 1 106 ? -0.357  -11.453 2.931   1.00 3.00  ? 114  LYS I CA  1 
ATOM   832 C C   . LYS A 1 106 ? -0.521  -10.602 4.193   1.00 3.00  ? 114  LYS I C   1 
ATOM   833 O O   . LYS A 1 106 ? 0.498   -10.139 4.680   1.00 9.32  ? 114  LYS I O   1 
ATOM   834 C CB  . LYS A 1 106 ? 0.956   -12.243 3.095   1.00 3.00  ? 114  LYS I CB  1 
ATOM   835 C CG  . LYS A 1 106 ? 0.695   -13.525 3.879   1.00 19.14 ? 114  LYS I CG  1 
ATOM   836 C CD  . LYS A 1 106 ? 1.956   -14.381 3.964   1.00 28.84 ? 114  LYS I CD  1 
ATOM   837 C CE  . LYS A 1 106 ? 2.808   -13.965 5.183   1.00 39.19 ? 114  LYS I CE  1 
ATOM   838 N NZ  . LYS A 1 106 ? 4.036   -14.768 5.240   0.00 0.00  ? 114  LYS I NZ  1 
ATOM   839 N N   . CYS A 1 107 ? -1.715  -10.571 4.810   1.00 14.76 ? 115  CYS I N   1 
ATOM   840 C CA  . CYS A 1 107 ? -1.914  -9.890  6.098   1.00 3.00  ? 115  CYS I CA  1 
ATOM   841 C C   . CYS A 1 107 ? -2.046  -10.742 7.354   1.00 13.10 ? 115  CYS I C   1 
ATOM   842 O O   . CYS A 1 107 ? -2.230  -11.930 7.210   1.00 20.23 ? 115  CYS I O   1 
ATOM   843 C CB  . CYS A 1 107 ? -3.074  -8.941  5.979   1.00 4.05  ? 115  CYS I CB  1 
ATOM   844 S SG  . CYS A 1 107 ? -2.772  -7.854  4.598   1.00 4.03  ? 115  CYS I SG  1 
ATOM   845 N N   . GLN A 1 108 ? -1.638  -10.192 8.468   1.00 20.11 ? 116  GLN I N   1 
ATOM   846 C CA  . GLN A 1 108 ? -1.567  -10.840 9.777   1.00 16.80 ? 116  GLN I CA  1 
ATOM   847 C C   . GLN A 1 108 ? -2.668  -10.212 10.632  1.00 26.61 ? 116  GLN I C   1 
ATOM   848 O O   . GLN A 1 108 ? -2.334  -9.637  11.672  1.00 25.19 ? 116  GLN I O   1 
ATOM   849 C CB  . GLN A 1 108 ? -0.327  -10.333 10.516  1.00 8.99  ? 116  GLN I CB  1 
ATOM   850 C CG  . GLN A 1 108 ? 1.027   -10.544 9.834   1.00 22.89 ? 116  GLN I CG  1 
ATOM   851 C CD  . GLN A 1 108 ? 1.375   -11.966 10.236  1.00 23.46 ? 116  GLN I CD  1 
ATOM   852 O OE1 . GLN A 1 108 ? 0.753   -12.877 9.701   1.00 18.01 ? 116  GLN I OE1 1 
ATOM   853 N NE2 . GLN A 1 108 ? 2.305   -12.068 11.185  1.00 16.78 ? 116  GLN I NE2 1 
ATOM   854 O OXT . GLN A 1 108 ? -3.778  -9.979  10.151  1.00 37.34 ? 116  GLN I OXT 1 
HETATM 855 O O   . HOH B 2 .   ? 16.978  -1.156  -5.882  1.00 31.09 ? 1000 HOH I O   1 
HETATM 856 O O   . HOH B 2 .   ? 18.553  -8.809  2.286   1.00 31.70 ? 1001 HOH I O   1 
HETATM 857 O O   . HOH B 2 .   ? 12.854  1.819   2.007   1.00 23.98 ? 1002 HOH I O   1 
HETATM 858 O O   . HOH B 2 .   ? 17.759  3.852   -7.874  1.00 23.83 ? 1003 HOH I O   1 
HETATM 859 O O   . HOH B 2 .   ? 10.683  6.873   -11.963 1.00 19.85 ? 1004 HOH I O   1 
HETATM 860 O O   . HOH B 2 .   ? -4.052  -6.121  -9.963  1.00 15.52 ? 1005 HOH I O   1 
HETATM 861 O O   . HOH B 2 .   ? -7.002  -7.469  -8.295  1.00 31.41 ? 1006 HOH I O   1 
HETATM 862 O O   . HOH B 2 .   ? -5.229  4.984   2.004   1.00 24.06 ? 1007 HOH I O   1 
HETATM 863 O O   . HOH B 2 .   ? -6.918  6.984   1.187   1.00 23.96 ? 1008 HOH I O   1 
HETATM 864 O O   . HOH B 2 .   ? -10.735 -0.733  5.468   1.00 16.69 ? 1009 HOH I O   1 
HETATM 865 O O   . HOH B 2 .   ? -7.454  -1.908  8.995   1.00 23.80 ? 1010 HOH I O   1 
HETATM 866 O O   . HOH B 2 .   ? -1.240  7.807   5.159   1.00 37.90 ? 1011 HOH I O   1 
HETATM 867 O O   . HOH B 2 .   ? 1.920   7.299   9.272   1.00 26.32 ? 1012 HOH I O   1 
HETATM 868 O O   . HOH B 2 .   ? 10.369  1.772   8.835   1.00 28.18 ? 1013 HOH I O   1 
HETATM 869 O O   . HOH B 2 .   ? 10.416  2.770   6.105   1.00 27.37 ? 1014 HOH I O   1 
HETATM 870 O O   . HOH B 2 .   ? 10.475  -6.769  1.608   1.00 27.80 ? 1015 HOH I O   1 
HETATM 871 O O   . HOH B 2 .   ? -10.025 -2.572  7.865   1.00 22.52 ? 1016 HOH I O   1 
HETATM 872 O O   . HOH B 2 .   ? 4.887   -8.620  8.026   1.00 30.73 ? 1017 HOH I O   1 
HETATM 873 O O   . HOH B 2 .   ? -4.949  -10.609 1.957   1.00 27.53 ? 1018 HOH I O   1 
HETATM 874 O O   . HOH B 2 .   ? 2.816   -10.314 6.475   1.00 23.97 ? 1019 HOH I O   1 
HETATM 875 O O   . HOH B 2 .   ? 3.502   5.064   -21.627 1.00 30.95 ? 1020 HOH I O   1 
HETATM 876 O O   . HOH B 2 .   ? 4.122   0.672   -15.152 1.00 31.45 ? 1021 HOH I O   1 
HETATM 877 O O   . HOH B 2 .   ? -3.277  -1.459  -14.161 1.00 20.68 ? 1022 HOH I O   1 
HETATM 878 O O   . HOH B 2 .   ? -1.387  -9.047  -18.938 1.00 28.92 ? 1023 HOH I O   1 
HETATM 879 O O   . HOH B 2 .   ? 23.826  -3.230  -3.721  1.00 33.61 ? 1024 HOH I O   1 
HETATM 880 O O   . HOH B 2 .   ? 12.056  0.501   6.798   1.00 33.70 ? 1025 HOH I O   1 
HETATM 881 O O   . HOH B 2 .   ? 16.083  5.761   -6.763  1.00 22.00 ? 1026 HOH I O   1 
HETATM 882 O O   . HOH B 2 .   ? 11.482  5.420   -9.717  1.00 31.14 ? 1027 HOH I O   1 
HETATM 883 O O   . HOH B 2 .   ? 4.260   9.942   -5.410  1.00 24.98 ? 1028 HOH I O   1 
HETATM 884 O O   . HOH B 2 .   ? -2.311  4.892   2.905   1.00 26.01 ? 1029 HOH I O   1 
HETATM 885 O O   . HOH B 2 .   ? -4.303  4.388   -1.886  1.00 20.48 ? 1030 HOH I O   1 
HETATM 886 O O   . HOH B 2 .   ? -6.530  4.077   -0.189  1.00 21.78 ? 1031 HOH I O   1 
HETATM 887 O O   . HOH B 2 .   ? -13.586 -5.999  8.463   1.00 27.36 ? 1032 HOH I O   1 
HETATM 888 O O   . HOH B 2 .   ? -11.633 -7.388  6.391   1.00 31.68 ? 1033 HOH I O   1 
HETATM 889 O O   . HOH B 2 .   ? -16.828 -2.028  10.096  1.00 23.40 ? 1034 HOH I O   1 
HETATM 890 O O   . HOH B 2 .   ? -16.001 -2.635  1.989   1.00 28.41 ? 1035 HOH I O   1 
HETATM 891 O O   . HOH B 2 .   ? -17.996 3.036   3.418   1.00 32.21 ? 1036 HOH I O   1 
HETATM 892 O O   . HOH B 2 .   ? -16.195 2.894   14.881  1.00 32.08 ? 1037 HOH I O   1 
HETATM 893 O O   . HOH B 2 .   ? -13.933 -2.412  15.987  1.00 33.10 ? 1038 HOH I O   1 
HETATM 894 O O   . HOH B 2 .   ? -18.122 1.687   16.950  1.00 31.79 ? 1039 HOH I O   1 
HETATM 895 O O   . HOH B 2 .   ? 4.578   7.010   12.965  1.00 33.93 ? 1040 HOH I O   1 
HETATM 896 O O   . HOH B 2 .   ? 0.226   6.946   16.291  1.00 28.94 ? 1041 HOH I O   1 
HETATM 897 O O   . HOH B 2 .   ? 10.132  -11.647 -15.823 1.00 30.33 ? 1042 HOH I O   1 
HETATM 898 O O   . HOH B 2 .   ? 7.234   -12.377 -9.281  1.00 26.94 ? 1043 HOH I O   1 
HETATM 899 O O   . HOH B 2 .   ? -10.065 16.363  8.811   1.00 25.99 ? 1044 HOH I O   1 
HETATM 900 O O   . HOH B 2 .   ? -4.968  5.207   13.051  1.00 30.30 ? 1045 HOH I O   1 
HETATM 901 O O   . HOH B 2 .   ? 1.826   2.059   -16.188 1.00 33.80 ? 1046 HOH I O   1 
HETATM 902 O O   . HOH B 2 .   ? -5.218  -7.211  -16.004 1.00 33.55 ? 1047 HOH I O   1 
HETATM 903 O O   . HOH B 2 .   ? -5.573  -2.733  -12.254 1.00 25.73 ? 1048 HOH I O   1 
HETATM 904 O O   . HOH B 2 .   ? -2.387  6.975   18.427  1.00 26.77 ? 1049 HOH I O   1 
HETATM 905 O O   . HOH B 2 .   ? -11.651 1.679   13.404  1.00 28.54 ? 1050 HOH I O   1 
HETATM 906 O O   . HOH B 2 .   ? -18.401 -4.404  1.600   1.00 21.23 ? 1051 HOH I O   1 
HETATM 907 O O   . HOH B 2 .   ? -10.532 -4.773  9.705   1.00 26.30 ? 1052 HOH I O   1 
HETATM 908 O O   . HOH B 2 .   ? -16.836 17.686  1.755   1.00 29.05 ? 1053 HOH I O   1 
HETATM 909 O O   . HOH B 2 .   ? -16.053 9.070   -0.454  1.00 30.23 ? 1054 HOH I O   1 
HETATM 910 O O   . HOH B 2 .   ? 15.829  -13.967 -5.016  1.00 33.61 ? 1055 HOH I O   1 
HETATM 911 O O   . HOH B 2 .   ? 7.754   -13.389 -5.656  1.00 35.56 ? 1056 HOH I O   1 
HETATM 912 O O   . HOH B 2 .   ? 15.933  4.828   -4.205  1.00 26.40 ? 1057 HOH I O   1 
HETATM 913 O O   . HOH B 2 .   ? 5.485   10.967  -7.662  1.00 26.38 ? 1058 HOH I O   1 
HETATM 914 O O   . HOH B 2 .   ? 5.695   0.295   -9.961  1.00 30.38 ? 1059 HOH I O   1 
HETATM 915 O O   . HOH B 2 .   ? 5.551   8.365   -6.902  1.00 31.77 ? 1060 HOH I O   1 
HETATM 916 O O   . HOH B 2 .   ? 7.630   10.719  -6.145  1.00 33.93 ? 1061 HOH I O   1 
HETATM 917 O O   . HOH B 2 .   ? 6.567   10.171  -14.773 1.00 31.38 ? 1062 HOH I O   1 
HETATM 918 O O   . HOH B 2 .   ? 7.310   1.364   -12.285 1.00 35.91 ? 1063 HOH I O   1 
HETATM 919 O O   . HOH B 2 .   ? 6.460   4.122   -12.864 1.00 30.10 ? 1064 HOH I O   1 
HETATM 920 O O   . HOH B 2 .   ? -0.811  3.720   -10.731 1.00 30.51 ? 1065 HOH I O   1 
HETATM 921 O O   . HOH B 2 .   ? -1.137  4.194   -8.041  1.00 32.17 ? 1066 HOH I O   1 
HETATM 922 O O   . HOH B 2 .   ? -2.060  8.046   -9.499  1.00 31.88 ? 1067 HOH I O   1 
HETATM 923 O O   . HOH B 2 .   ? -6.097  -0.601  -7.637  1.00 31.26 ? 1068 HOH I O   1 
HETATM 924 O O   . HOH B 2 .   ? -4.909  8.248   12.070  1.00 32.71 ? 1069 HOH I O   1 
HETATM 925 O O   . HOH B 2 .   ? -10.299 3.739   14.187  1.00 26.99 ? 1070 HOH I O   1 
HETATM 926 O O   . HOH B 2 .   ? -19.447 -2.386  6.076   1.00 29.68 ? 1071 HOH I O   1 
HETATM 927 O O   . HOH B 2 .   ? -16.955 -0.419  14.319  1.00 32.50 ? 1072 HOH I O   1 
HETATM 928 O O   . HOH B 2 .   ? -11.371 3.856   0.304   1.00 27.33 ? 1073 HOH I O   1 
HETATM 929 O O   . HOH B 2 .   ? -5.216  1.418   13.721  1.00 30.44 ? 1074 HOH I O   1 
HETATM 930 O O   . HOH B 2 .   ? 13.992  -1.673  2.869   1.00 31.33 ? 1075 HOH I O   1 
HETATM 931 O O   . HOH B 2 .   ? 6.239   -12.582 0.245   1.00 30.59 ? 1076 HOH I O   1 
HETATM 932 O O   . HOH B 2 .   ? 9.628   -9.326  2.154   1.00 34.12 ? 1077 HOH I O   1 
HETATM 933 O O   . HOH B 2 .   ? 17.672  -11.635 -13.106 1.00 26.86 ? 1078 HOH I O   1 
HETATM 934 O O   . HOH B 2 .   ? 11.628  -2.860  -16.671 1.00 32.67 ? 1079 HOH I O   1 
HETATM 935 O O   . HOH B 2 .   ? -10.881 9.953   14.574  1.00 29.47 ? 1080 HOH I O   1 
HETATM 936 O O   . HOH B 2 .   ? -6.562  12.256  16.858  1.00 32.97 ? 1081 HOH I O   1 
HETATM 937 O O   . HOH B 2 .   ? -6.013  7.812   21.353  1.00 29.98 ? 1082 HOH I O   1 
HETATM 938 O O   . HOH B 2 .   ? -3.882  0.313   17.913  1.00 27.22 ? 1083 HOH I O   1 
HETATM 939 O O   . HOH B 2 .   ? -7.472  5.914   12.660  1.00 31.73 ? 1084 HOH I O   1 
HETATM 940 O O   . HOH B 2 .   ? -3.041  -10.779 -11.188 1.00 28.46 ? 1085 HOH I O   1 
HETATM 941 O O   . HOH B 2 .   ? -2.173  0.269   -19.409 1.00 34.81 ? 1086 HOH I O   1 
HETATM 942 O O   . HOH B 2 .   ? -5.707  -10.933 -12.610 1.00 34.08 ? 1087 HOH I O   1 
HETATM 943 O O   . HOH B 2 .   ? -1.531  -14.181 8.366   1.00 31.91 ? 1088 HOH I O   1 
HETATM 944 O O   . HOH B 2 .   ? 19.092  2.958   -4.179  1.00 30.50 ? 1089 HOH I O   1 
HETATM 945 O O   . HOH B 2 .   ? 17.836  4.184   -2.082  1.00 32.55 ? 1090 HOH I O   1 
HETATM 946 O O   . HOH B 2 .   ? -2.626  1.509   -13.316 1.00 31.51 ? 1091 HOH I O   1 
HETATM 947 O O   . HOH B 2 .   ? -5.791  -8.754  -10.701 1.00 28.35 ? 1092 HOH I O   1 
HETATM 948 O O   . HOH B 2 .   ? -9.786  -5.525  7.082   1.00 31.86 ? 1093 HOH I O   1 
HETATM 949 O O   . HOH B 2 .   ? -13.219 -5.416  5.945   1.00 31.55 ? 1094 HOH I O   1 
HETATM 950 O O   . HOH B 2 .   ? -10.937 1.900   -2.048  1.00 31.19 ? 1095 HOH I O   1 
HETATM 951 O O   . HOH B 2 .   ? -17.324 -0.293  1.908   1.00 30.50 ? 1096 HOH I O   1 
HETATM 952 O O   . HOH B 2 .   ? -15.669 1.047   -0.779  1.00 31.50 ? 1097 HOH I O   1 
HETATM 953 O O   . HOH B 2 .   ? -10.789 6.889   -1.819  1.00 31.33 ? 1098 HOH I O   1 
HETATM 954 O O   . HOH B 2 .   ? 18.563  -9.095  -12.125 1.00 31.93 ? 1099 HOH I O   1 
HETATM 955 O O   . HOH B 2 .   ? -2.798  18.352  12.209  1.00 31.03 ? 1100 HOH I O   1 
HETATM 956 O O   . HOH B 2 .   ? -1.524  12.665  8.451   1.00 31.49 ? 1101 HOH I O   1 
HETATM 957 O O   . HOH B 2 .   ? -5.301  2.014   25.333  1.00 37.08 ? 1102 HOH I O   1 
HETATM 958 O O   . HOH B 2 .   ? -10.135 0.291   23.385  1.00 40.03 ? 1103 HOH I O   1 
HETATM 959 O O   . HOH B 2 .   ? -8.069  -0.398  21.967  1.00 39.00 ? 1104 HOH I O   1 
HETATM 960 O O   . HOH B 2 .   ? -5.425  0.995   20.339  1.00 34.13 ? 1105 HOH I O   1 
HETATM 961 O O   . HOH B 2 .   ? -10.296 5.530   17.615  1.00 32.77 ? 1106 HOH I O   1 
HETATM 962 O O   . HOH B 2 .   ? -12.817 6.580   16.960  1.00 34.35 ? 1107 HOH I O   1 
HETATM 963 O O   . HOH B 2 .   ? -11.237 5.608   21.425  1.00 33.69 ? 1108 HOH I O   1 
HETATM 964 O O   . HOH B 2 .   ? -8.440  3.656   19.144  1.00 33.52 ? 1109 HOH I O   1 
HETATM 965 O O   . HOH B 2 .   ? -7.867  7.083   17.368  1.00 31.69 ? 1110 HOH I O   1 
HETATM 966 O O   . HOH B 2 .   ? -5.244  4.165   15.581  1.00 30.94 ? 1111 HOH I O   1 
HETATM 967 O O   . HOH B 2 .   ? -4.290  7.213   14.788  1.00 34.39 ? 1112 HOH I O   1 
HETATM 968 O O   . HOH B 2 .   ? -0.761  -1.004  19.658  1.00 35.00 ? 1113 HOH I O   1 
HETATM 969 O O   . HOH B 2 .   ? 1.369   6.425   24.316  1.00 33.38 ? 1114 HOH I O   1 
HETATM 970 O O   . HOH B 2 .   ? 4.104   11.201  20.252  1.00 30.88 ? 1115 HOH I O   1 
HETATM 971 O O   . HOH B 2 .   ? -1.856  3.127   26.690  1.00 33.86 ? 1116 HOH I O   1 
HETATM 972 O O   . HOH B 2 .   ? 2.704   9.493   22.754  1.00 30.53 ? 1117 HOH I O   1 
HETATM 973 O O   . HOH B 2 .   ? 1.235   17.341  17.953  1.00 36.21 ? 1118 HOH I O   1 
HETATM 974 O O   . HOH B 2 .   ? -4.153  5.288   23.171  1.00 33.29 ? 1119 HOH I O   1 
HETATM 975 O O   . HOH B 2 .   ? 9.808   -0.296  -19.616 1.00 31.95 ? 1120 HOH I O   1 
HETATM 976 O O   . HOH B 2 .   ? 6.569   2.355   -16.138 1.00 27.17 ? 1121 HOH I O   1 
HETATM 977 O O   . HOH B 2 .   ? -4.353  -8.043  -18.586 1.00 32.67 ? 1122 HOH I O   1 
# 
